data_2RDY
#
_entry.id   2RDY
#
_cell.length_a   75.610
_cell.length_b   149.071
_cell.length_c   164.399
_cell.angle_alpha   90.00
_cell.angle_beta   90.00
_cell.angle_gamma   90.00
#
_symmetry.space_group_name_H-M   'P 21 21 21'
#
loop_
_entity.id
_entity.type
_entity.pdbx_description
1 polymer 'BH0842 protein'
2 water water
#
_entity_poly.entity_id   1
_entity_poly.type   'polypeptide(L)'
_entity_poly.pdbx_seq_one_letter_code
;(MSE)SLKIQFDFPASFWTEALPIGNGNLGA(MSE)VFGKVEKERIALNEDTLWSGYPKDWNNPKAKEVLPKVRELIAQE
KYEEADQLSRD(MSE)(MSE)GPYTQSYLPFGDLNIF(MSE)DHGQVVAPHYHRELDLSTGIVTVTYTIGGVQYTRELFV
TYPDRAIVVRLTASKEGFLSFRAKLDSLLRHVSSVGAEHYTISGTAPEHVSPSYYDEENPVRYGHPD(MSE)SQG(MSE)
TFHGRLAAVNEGGSLKVDADGLHV(MSE)GATCATLYFSASTSFDPSTGASCLERDPSLRTIETIKAICKRGYKEIVNRH
LEDYTKLFNRVSLHLGESIAPAD(MSE)STDQRIKEYGSRDLGLVELLFQYGRYL(MSE)IASSRPGTQPANLQGIWNEE
TRAPWSSNYTLNINAE(MSE)NYWPAETCNLAELHKPLIHFIERLAANGKKTAEINYGARGWVAHHNADLWGQTAPVGDF
GHGDPVWAFWP(MSE)GGVWLTQHLWEHYTFGEDEAYLRDTAYPI(MSE)KEAALFCLDWLIENEAGYLVTSPSTSPEQR
FRIGEKGYAVSSATT(MSE)DLSLIAECFDNCIQAAKRLSIDEDFVKALSDAKQRLLPLQIGKRGQLQEWSNDFEDEDVH
HRHVSHLVGIYPGRLITEQSAPNLFEAAKTSLEIRGDEGTGWSLGWKISLWARFKDGNRCERLLSN(MSE)LTLIKEDES
(MSE)QHRGGVYANLFGAHPPFQIDGNFSATAGIAE(MSE)LLQSHQGYLEFLPALPDSWKDGYVKGLRGRGGYEVDLAW
TNGALVKVEIVSTKTQTCEVLTRIS(MSE)RITESGEEVEGDVLDSGR(MSE)SFQVEKGKRYVLNRTTDGEGHHHHHH
;
_entity_poly.pdbx_strand_id   A,B
#
# COMPACT_ATOMS: atom_id res chain seq x y z
N LEU A 3 -5.70 -26.97 3.14
CA LEU A 3 -4.48 -26.25 2.68
C LEU A 3 -4.91 -24.95 2.03
N LYS A 4 -4.82 -23.86 2.78
CA LYS A 4 -5.23 -22.58 2.26
C LYS A 4 -4.30 -21.43 2.60
N ILE A 5 -4.31 -20.43 1.74
CA ILE A 5 -3.59 -19.21 1.97
C ILE A 5 -4.80 -18.29 2.11
N GLN A 6 -4.95 -17.67 3.27
CA GLN A 6 -6.10 -16.83 3.53
C GLN A 6 -5.80 -15.60 4.37
N PHE A 7 -6.71 -14.64 4.30
CA PHE A 7 -6.57 -13.38 5.02
C PHE A 7 -7.96 -12.86 5.41
N ASP A 8 -8.02 -12.10 6.50
CA ASP A 8 -9.29 -11.54 6.91
C ASP A 8 -9.26 -10.07 6.54
N PHE A 9 -8.48 -9.76 5.51
CA PHE A 9 -8.34 -8.40 5.01
C PHE A 9 -7.95 -8.42 3.54
N PRO A 10 -8.44 -7.45 2.75
CA PRO A 10 -8.06 -7.44 1.34
C PRO A 10 -6.59 -7.06 1.24
N ALA A 11 -5.95 -7.43 0.14
CA ALA A 11 -4.54 -7.11 -0.03
C ALA A 11 -4.33 -5.64 -0.33
N SER A 12 -3.26 -5.08 0.23
CA SER A 12 -2.88 -3.68 -0.01
C SER A 12 -1.61 -3.71 -0.84
N PHE A 13 -0.91 -4.84 -0.77
CA PHE A 13 0.34 -5.01 -1.51
C PHE A 13 0.27 -6.19 -2.46
N TRP A 14 1.01 -6.09 -3.56
CA TRP A 14 1.04 -7.14 -4.56
C TRP A 14 1.43 -8.47 -3.92
N THR A 15 2.37 -8.45 -2.98
CA THR A 15 2.82 -9.67 -2.31
C THR A 15 1.84 -10.18 -1.26
N GLU A 16 0.65 -9.59 -1.22
CA GLU A 16 -0.39 -10.02 -0.31
C GLU A 16 -1.53 -10.57 -1.17
N ALA A 17 -1.43 -10.37 -2.47
CA ALA A 17 -2.43 -10.82 -3.42
C ALA A 17 -2.32 -12.33 -3.64
N LEU A 18 -3.38 -12.93 -4.15
CA LEU A 18 -3.43 -14.37 -4.39
C LEU A 18 -3.22 -14.74 -5.85
N PRO A 19 -2.27 -15.64 -6.12
CA PRO A 19 -1.94 -16.09 -7.46
C PRO A 19 -2.74 -17.25 -8.02
N ILE A 20 -3.22 -17.09 -9.24
CA ILE A 20 -3.95 -18.14 -9.94
C ILE A 20 -3.44 -18.12 -11.38
N GLY A 21 -3.50 -19.26 -12.05
CA GLY A 21 -3.04 -19.32 -13.43
C GLY A 21 -3.30 -20.67 -14.08
N ASN A 22 -3.16 -20.72 -15.41
CA ASN A 22 -3.37 -21.95 -16.14
C ASN A 22 -2.14 -22.25 -16.99
N GLY A 23 -1.00 -21.71 -16.57
CA GLY A 23 0.24 -21.91 -17.31
C GLY A 23 0.50 -20.77 -18.28
N ASN A 24 -0.55 -20.26 -18.91
CA ASN A 24 -0.42 -19.17 -19.89
C ASN A 24 -0.98 -17.86 -19.36
N LEU A 25 -2.20 -17.90 -18.84
CA LEU A 25 -2.83 -16.70 -18.29
C LEU A 25 -2.62 -16.68 -16.78
N GLY A 26 -2.25 -15.52 -16.25
CA GLY A 26 -2.03 -15.41 -14.82
C GLY A 26 -2.74 -14.22 -14.21
N ALA A 27 -3.07 -14.34 -12.93
CA ALA A 27 -3.72 -13.24 -12.23
C ALA A 27 -3.31 -13.23 -10.76
N VAL A 29 -5.02 -11.81 -7.37
CA VAL A 29 -6.27 -11.30 -6.81
C VAL A 29 -6.08 -10.58 -5.47
N PHE A 30 -6.39 -9.29 -5.46
CA PHE A 30 -6.26 -8.48 -4.25
C PHE A 30 -7.44 -8.65 -3.29
N GLY A 31 -8.62 -8.86 -3.85
CA GLY A 31 -9.81 -9.04 -3.05
C GLY A 31 -10.33 -7.76 -2.42
N LYS A 32 -10.03 -6.61 -3.04
CA LYS A 32 -10.49 -5.34 -2.51
C LYS A 32 -12.01 -5.27 -2.55
N VAL A 33 -12.59 -4.62 -1.54
CA VAL A 33 -14.04 -4.53 -1.42
C VAL A 33 -14.80 -3.74 -2.50
N GLU A 34 -14.35 -2.51 -2.74
CA GLU A 34 -15.02 -1.63 -3.69
C GLU A 34 -14.37 -1.55 -5.06
N LYS A 35 -13.09 -1.21 -5.10
CA LYS A 35 -12.36 -1.12 -6.36
C LYS A 35 -11.37 -2.26 -6.43
N GLU A 36 -11.83 -3.41 -6.91
CA GLU A 36 -10.99 -4.59 -7.01
C GLU A 36 -9.97 -4.51 -8.14
N ARG A 37 -8.80 -5.06 -7.86
CA ARG A 37 -7.74 -5.10 -8.85
C ARG A 37 -7.30 -6.54 -9.03
N ILE A 38 -7.23 -6.97 -10.29
CA ILE A 38 -6.81 -8.31 -10.63
C ILE A 38 -5.70 -8.11 -11.65
N ALA A 39 -4.46 -8.14 -11.16
CA ALA A 39 -3.27 -7.95 -12.01
C ALA A 39 -3.16 -9.10 -12.99
N LEU A 40 -3.03 -8.77 -14.27
CA LEU A 40 -2.98 -9.77 -15.33
C LEU A 40 -1.62 -10.01 -15.98
N ASN A 41 -1.45 -11.24 -16.48
CA ASN A 41 -0.25 -11.68 -17.18
C ASN A 41 -0.59 -12.69 -18.28
N GLU A 42 0.25 -12.73 -19.31
CA GLU A 42 0.14 -13.66 -20.42
C GLU A 42 1.62 -14.04 -20.50
N ASP A 43 1.93 -15.32 -20.32
CA ASP A 43 3.33 -15.73 -20.27
C ASP A 43 4.20 -15.55 -21.50
N THR A 44 3.64 -15.13 -22.64
CA THR A 44 4.48 -14.89 -23.80
C THR A 44 4.66 -13.39 -24.07
N LEU A 45 4.12 -12.57 -23.19
CA LEU A 45 4.24 -11.12 -23.37
C LEU A 45 5.59 -10.60 -22.89
N TRP A 46 6.52 -10.45 -23.82
CA TRP A 46 7.85 -9.96 -23.52
C TRP A 46 8.19 -8.84 -24.49
N SER A 47 9.19 -8.05 -24.13
CA SER A 47 9.63 -6.96 -24.99
C SER A 47 10.58 -7.51 -26.04
N GLY A 48 10.81 -6.75 -27.10
CA GLY A 48 11.74 -7.15 -28.13
C GLY A 48 11.31 -8.10 -29.23
N TYR A 49 12.29 -8.86 -29.70
CA TYR A 49 12.16 -9.84 -30.77
C TYR A 49 13.54 -10.50 -30.87
N PRO A 50 13.70 -11.54 -31.71
CA PRO A 50 15.02 -12.16 -31.79
C PRO A 50 16.13 -11.17 -32.17
N LYS A 51 16.98 -10.86 -31.21
CA LYS A 51 18.08 -9.90 -31.42
C LYS A 51 19.35 -10.54 -31.96
N ASP A 52 20.22 -9.72 -32.53
CA ASP A 52 21.50 -10.18 -33.05
C ASP A 52 22.43 -10.19 -31.84
N TRP A 53 22.39 -11.28 -31.07
CA TRP A 53 23.16 -11.40 -29.83
C TRP A 53 24.54 -12.04 -29.83
N ASN A 54 24.94 -12.67 -30.93
CA ASN A 54 26.26 -13.30 -30.94
C ASN A 54 27.38 -12.30 -31.17
N ASN A 55 28.60 -12.70 -30.84
CA ASN A 55 29.75 -11.80 -30.91
C ASN A 55 31.01 -12.46 -31.49
N PRO A 56 31.26 -12.30 -32.79
CA PRO A 56 32.44 -12.90 -33.41
C PRO A 56 33.77 -12.42 -32.84
N LYS A 57 33.78 -11.25 -32.21
CA LYS A 57 35.01 -10.72 -31.62
C LYS A 57 35.48 -11.61 -30.47
N ALA A 58 34.53 -12.22 -29.78
CA ALA A 58 34.85 -13.11 -28.67
C ALA A 58 35.80 -14.20 -29.15
N LYS A 59 35.55 -14.71 -30.34
CA LYS A 59 36.38 -15.78 -30.91
C LYS A 59 37.80 -15.27 -31.20
N GLU A 60 37.90 -13.99 -31.53
CA GLU A 60 39.20 -13.41 -31.84
C GLU A 60 40.06 -13.17 -30.59
N VAL A 61 39.43 -12.80 -29.48
CA VAL A 61 40.20 -12.56 -28.25
C VAL A 61 40.34 -13.78 -27.35
N LEU A 62 39.64 -14.87 -27.68
CA LEU A 62 39.68 -16.10 -26.88
C LEU A 62 41.11 -16.62 -26.60
N PRO A 63 41.95 -16.73 -27.63
CA PRO A 63 43.31 -17.22 -27.40
C PRO A 63 44.12 -16.27 -26.52
N LYS A 64 43.91 -14.97 -26.69
CA LYS A 64 44.63 -13.98 -25.90
C LYS A 64 44.22 -14.07 -24.42
N VAL A 65 42.91 -14.14 -24.16
CA VAL A 65 42.44 -14.23 -22.78
C VAL A 65 43.01 -15.48 -22.12
N ARG A 66 43.05 -16.56 -22.88
CA ARG A 66 43.58 -17.83 -22.39
C ARG A 66 45.06 -17.66 -22.03
N GLU A 67 45.77 -16.87 -22.83
CA GLU A 67 47.18 -16.61 -22.56
C GLU A 67 47.30 -15.80 -21.28
N LEU A 68 46.52 -14.74 -21.16
CA LEU A 68 46.56 -13.89 -19.98
C LEU A 68 46.30 -14.69 -18.72
N ILE A 69 45.34 -15.61 -18.77
CA ILE A 69 45.02 -16.44 -17.63
C ILE A 69 46.18 -17.38 -17.29
N ALA A 70 46.76 -17.99 -18.31
CA ALA A 70 47.89 -18.90 -18.11
C ALA A 70 49.03 -18.13 -17.44
N GLN A 71 49.21 -16.88 -17.85
CA GLN A 71 50.24 -16.01 -17.28
C GLN A 71 49.80 -15.49 -15.91
N GLU A 72 48.59 -15.86 -15.51
CA GLU A 72 48.02 -15.43 -14.24
C GLU A 72 47.80 -13.91 -14.20
N LYS A 73 47.57 -13.34 -15.37
CA LYS A 73 47.31 -11.91 -15.49
C LYS A 73 45.79 -11.76 -15.41
N TYR A 74 45.24 -12.12 -14.27
CA TYR A 74 43.80 -12.09 -14.02
C TYR A 74 43.11 -10.74 -14.23
N GLU A 75 43.78 -9.65 -13.86
CA GLU A 75 43.18 -8.34 -14.05
C GLU A 75 43.00 -8.05 -15.54
N GLU A 76 44.06 -8.26 -16.32
CA GLU A 76 44.00 -8.02 -17.76
C GLU A 76 43.03 -8.97 -18.42
N ALA A 77 42.92 -10.18 -17.89
CA ALA A 77 42.02 -11.18 -18.42
C ALA A 77 40.56 -10.74 -18.20
N ASP A 78 40.23 -10.35 -16.97
CA ASP A 78 38.87 -9.90 -16.67
C ASP A 78 38.48 -8.77 -17.62
N GLN A 79 39.41 -7.84 -17.83
CA GLN A 79 39.16 -6.70 -18.70
C GLN A 79 38.89 -7.15 -20.12
N LEU A 80 39.72 -8.05 -20.63
CA LEU A 80 39.56 -8.55 -21.99
C LEU A 80 38.30 -9.41 -22.17
N SER A 81 37.84 -10.03 -21.09
CA SER A 81 36.64 -10.87 -21.18
C SER A 81 35.42 -9.99 -21.48
N ARG A 82 35.55 -8.69 -21.27
CA ARG A 82 34.46 -7.76 -21.53
C ARG A 82 34.23 -7.59 -23.04
N ASP A 83 35.14 -8.13 -23.84
CA ASP A 83 35.02 -8.06 -25.28
C ASP A 83 34.39 -9.36 -25.79
N GLY A 86 27.73 -10.05 -24.70
CA GLY A 86 26.62 -9.83 -25.61
C GLY A 86 25.62 -8.86 -25.04
N PRO A 87 24.40 -8.79 -25.59
CA PRO A 87 23.41 -7.85 -25.05
C PRO A 87 22.67 -8.41 -23.84
N TYR A 88 22.05 -7.53 -23.06
CA TYR A 88 21.26 -7.99 -21.93
C TYR A 88 20.00 -8.51 -22.59
N THR A 89 19.34 -9.49 -21.97
CA THR A 89 18.13 -10.06 -22.54
C THR A 89 16.98 -9.06 -22.46
N GLN A 90 15.84 -9.46 -23.02
CA GLN A 90 14.65 -8.64 -22.99
C GLN A 90 13.90 -8.92 -21.68
N SER A 91 12.79 -8.25 -21.47
CA SER A 91 12.06 -8.37 -20.22
C SER A 91 10.64 -8.93 -20.31
N TYR A 92 10.23 -9.62 -19.24
CA TYR A 92 8.88 -10.18 -19.16
C TYR A 92 7.99 -9.00 -18.74
N LEU A 93 6.95 -8.72 -19.53
CA LEU A 93 6.08 -7.58 -19.26
C LEU A 93 4.76 -7.87 -18.56
N PRO A 94 4.21 -6.86 -17.87
CA PRO A 94 2.94 -6.98 -17.16
C PRO A 94 1.82 -6.68 -18.16
N PHE A 95 0.89 -7.62 -18.34
CA PHE A 95 -0.19 -7.39 -19.29
C PHE A 95 -1.01 -6.16 -18.93
N GLY A 96 -1.45 -6.10 -17.68
CA GLY A 96 -2.25 -4.99 -17.22
C GLY A 96 -3.10 -5.39 -16.03
N ASP A 97 -4.28 -4.78 -15.92
CA ASP A 97 -5.20 -5.07 -14.83
C ASP A 97 -6.65 -5.20 -15.27
N LEU A 98 -7.41 -5.94 -14.48
CA LEU A 98 -8.84 -6.11 -14.67
C LEU A 98 -9.38 -5.41 -13.43
N ASN A 99 -10.02 -4.26 -13.61
CA ASN A 99 -10.57 -3.50 -12.50
C ASN A 99 -12.08 -3.64 -12.44
N ILE A 100 -12.58 -3.93 -11.24
CA ILE A 100 -14.01 -4.10 -11.05
C ILE A 100 -14.46 -3.11 -9.98
N PHE A 101 -15.28 -2.14 -10.38
CA PHE A 101 -15.77 -1.11 -9.48
C PHE A 101 -17.15 -1.50 -8.93
N ASP A 103 -20.51 -0.94 -6.58
CA ASP A 103 -21.29 0.25 -6.24
C ASP A 103 -21.72 0.35 -4.78
N HIS A 104 -21.32 -0.61 -3.96
CA HIS A 104 -21.76 -0.65 -2.56
C HIS A 104 -20.88 -0.03 -1.47
N GLY A 105 -19.90 0.78 -1.85
CA GLY A 105 -19.05 1.37 -0.84
C GLY A 105 -17.96 0.40 -0.42
N GLN A 106 -17.04 0.85 0.42
CA GLN A 106 -15.93 -0.01 0.82
C GLN A 106 -16.02 -0.60 2.23
N VAL A 107 -17.01 -0.17 2.99
CA VAL A 107 -17.15 -0.69 4.35
C VAL A 107 -17.95 -1.98 4.41
N VAL A 108 -17.43 -2.99 5.10
CA VAL A 108 -18.12 -4.26 5.23
C VAL A 108 -18.31 -4.63 6.69
N ALA A 109 -19.21 -5.57 6.96
CA ALA A 109 -19.45 -6.01 8.33
C ALA A 109 -18.28 -6.88 8.77
N PRO A 110 -18.20 -7.20 10.07
CA PRO A 110 -17.08 -8.05 10.51
C PRO A 110 -17.02 -9.37 9.74
N HIS A 111 -15.84 -9.98 9.73
CA HIS A 111 -15.62 -11.27 9.07
C HIS A 111 -15.36 -11.27 7.58
N TYR A 112 -14.70 -10.24 7.07
CA TYR A 112 -14.35 -10.21 5.65
C TYR A 112 -13.45 -11.42 5.50
N HIS A 113 -13.48 -12.09 4.35
CA HIS A 113 -12.62 -13.27 4.16
C HIS A 113 -12.23 -13.51 2.71
N ARG A 114 -10.96 -13.84 2.48
CA ARG A 114 -10.48 -14.17 1.14
C ARG A 114 -9.50 -15.32 1.28
N GLU A 115 -9.51 -16.22 0.32
CA GLU A 115 -8.62 -17.38 0.39
C GLU A 115 -8.30 -17.94 -0.98
N LEU A 116 -7.25 -18.75 -1.01
CA LEU A 116 -6.83 -19.47 -2.19
C LEU A 116 -6.78 -20.89 -1.63
N ASP A 117 -7.68 -21.75 -2.10
CA ASP A 117 -7.72 -23.12 -1.63
C ASP A 117 -6.84 -23.96 -2.57
N LEU A 118 -5.73 -24.49 -2.06
CA LEU A 118 -4.83 -25.27 -2.91
C LEU A 118 -5.43 -26.57 -3.44
N SER A 119 -6.51 -27.05 -2.81
CA SER A 119 -7.13 -28.29 -3.24
C SER A 119 -8.06 -28.07 -4.44
N THR A 120 -8.45 -26.83 -4.68
CA THR A 120 -9.34 -26.50 -5.79
C THR A 120 -8.74 -25.50 -6.77
N GLY A 121 -7.73 -24.77 -6.33
CA GLY A 121 -7.12 -23.78 -7.21
C GLY A 121 -8.09 -22.63 -7.42
N ILE A 122 -8.99 -22.44 -6.46
CA ILE A 122 -9.98 -21.37 -6.55
C ILE A 122 -9.83 -20.33 -5.45
N VAL A 123 -9.93 -19.07 -5.84
CA VAL A 123 -9.84 -17.98 -4.89
C VAL A 123 -11.27 -17.59 -4.58
N THR A 124 -11.61 -17.52 -3.30
CA THR A 124 -12.94 -17.14 -2.89
C THR A 124 -12.85 -15.89 -2.01
N VAL A 125 -13.78 -14.96 -2.22
CA VAL A 125 -13.82 -13.73 -1.43
C VAL A 125 -15.24 -13.54 -0.94
N THR A 126 -15.42 -13.29 0.35
CA THR A 126 -16.76 -13.07 0.90
C THR A 126 -16.78 -11.92 1.90
N TYR A 127 -17.87 -11.17 1.90
CA TYR A 127 -18.05 -10.05 2.81
C TYR A 127 -19.52 -9.69 2.79
N THR A 128 -19.96 -9.03 3.84
CA THR A 128 -21.36 -8.65 3.96
C THR A 128 -21.50 -7.15 4.18
N ILE A 129 -22.49 -6.57 3.50
CA ILE A 129 -22.77 -5.16 3.60
C ILE A 129 -24.26 -5.00 3.82
N GLY A 130 -24.62 -4.34 4.93
CA GLY A 130 -26.01 -4.11 5.23
C GLY A 130 -26.86 -5.37 5.16
N GLY A 131 -26.31 -6.50 5.62
CA GLY A 131 -27.05 -7.74 5.60
C GLY A 131 -27.04 -8.52 4.29
N VAL A 132 -26.41 -7.95 3.26
CA VAL A 132 -26.33 -8.62 1.97
C VAL A 132 -24.93 -9.20 1.80
N GLN A 133 -24.83 -10.50 1.59
CA GLN A 133 -23.53 -11.12 1.43
C GLN A 133 -23.13 -11.21 -0.03
N TYR A 134 -21.90 -10.81 -0.30
CA TYR A 134 -21.35 -10.85 -1.64
C TYR A 134 -20.26 -11.92 -1.66
N THR A 135 -20.24 -12.74 -2.71
CA THR A 135 -19.21 -13.76 -2.83
C THR A 135 -18.56 -13.68 -4.20
N ARG A 136 -17.29 -14.04 -4.25
CA ARG A 136 -16.58 -14.02 -5.50
C ARG A 136 -15.73 -15.28 -5.59
N GLU A 137 -15.70 -15.88 -6.76
CA GLU A 137 -14.88 -17.07 -7.00
C GLU A 137 -14.07 -16.73 -8.24
N LEU A 138 -12.75 -16.84 -8.12
CA LEU A 138 -11.88 -16.54 -9.23
C LEU A 138 -10.90 -17.69 -9.44
N PHE A 139 -10.66 -18.01 -10.71
CA PHE A 139 -9.74 -19.07 -11.06
C PHE A 139 -9.40 -18.92 -12.52
N VAL A 140 -8.30 -19.54 -12.94
CA VAL A 140 -7.90 -19.47 -14.34
C VAL A 140 -7.97 -20.89 -14.82
N THR A 141 -8.96 -21.15 -15.66
CA THR A 141 -9.18 -22.48 -16.18
C THR A 141 -8.33 -22.85 -17.39
N TYR A 142 -7.72 -24.02 -17.31
CA TYR A 142 -6.89 -24.55 -18.39
C TYR A 142 -7.78 -25.09 -19.50
N PRO A 143 -8.78 -25.92 -19.15
CA PRO A 143 -9.67 -26.47 -20.18
C PRO A 143 -10.36 -25.41 -21.03
N ASP A 144 -10.80 -24.32 -20.40
CA ASP A 144 -11.48 -23.28 -21.16
C ASP A 144 -10.64 -22.01 -21.42
N ARG A 145 -9.33 -22.12 -21.19
CA ARG A 145 -8.37 -21.06 -21.45
C ARG A 145 -8.78 -19.64 -21.07
N ALA A 146 -9.19 -19.41 -19.83
CA ALA A 146 -9.60 -18.07 -19.45
C ALA A 146 -9.59 -17.82 -17.96
N ILE A 147 -9.59 -16.53 -17.60
CA ILE A 147 -9.66 -16.16 -16.20
C ILE A 147 -11.14 -16.01 -15.96
N VAL A 148 -11.65 -16.62 -14.89
CA VAL A 148 -13.07 -16.56 -14.59
C VAL A 148 -13.33 -15.87 -13.25
N VAL A 149 -14.29 -14.95 -13.25
CA VAL A 149 -14.65 -14.23 -12.04
C VAL A 149 -16.16 -14.31 -11.86
N ARG A 150 -16.58 -15.07 -10.84
CA ARG A 150 -18.00 -15.25 -10.52
C ARG A 150 -18.41 -14.38 -9.36
N LEU A 151 -19.41 -13.53 -9.58
CA LEU A 151 -19.89 -12.62 -8.54
C LEU A 151 -21.35 -12.86 -8.17
N THR A 152 -21.64 -12.93 -6.87
CA THR A 152 -23.01 -13.13 -6.42
C THR A 152 -23.36 -12.19 -5.27
N ALA A 153 -24.65 -11.91 -5.13
CA ALA A 153 -25.18 -11.08 -4.07
C ALA A 153 -26.34 -11.92 -3.50
N SER A 154 -26.47 -11.98 -2.18
CA SER A 154 -27.52 -12.77 -1.54
C SER A 154 -28.93 -12.22 -1.69
N LYS A 155 -29.05 -10.99 -2.18
CA LYS A 155 -30.35 -10.36 -2.35
C LYS A 155 -30.53 -10.00 -3.82
N GLU A 156 -31.73 -10.28 -4.35
CA GLU A 156 -32.02 -9.99 -5.74
C GLU A 156 -31.77 -8.53 -6.12
N GLY A 157 -31.10 -8.35 -7.25
CA GLY A 157 -30.81 -7.01 -7.75
C GLY A 157 -29.73 -6.20 -7.05
N PHE A 158 -29.08 -6.76 -6.05
CA PHE A 158 -28.04 -6.04 -5.31
C PHE A 158 -26.61 -6.16 -5.84
N LEU A 159 -26.48 -6.58 -7.10
CA LEU A 159 -25.16 -6.71 -7.70
C LEU A 159 -25.04 -5.75 -8.89
N SER A 160 -24.28 -4.67 -8.69
CA SER A 160 -24.06 -3.68 -9.75
C SER A 160 -22.59 -3.30 -9.71
N PHE A 161 -21.97 -3.23 -10.89
CA PHE A 161 -20.55 -2.89 -10.96
C PHE A 161 -20.16 -2.52 -12.37
N ARG A 162 -18.96 -1.96 -12.50
CA ARG A 162 -18.39 -1.58 -13.78
C ARG A 162 -17.03 -2.28 -13.85
N ALA A 163 -16.74 -2.93 -14.96
CA ALA A 163 -15.47 -3.62 -15.10
C ALA A 163 -14.78 -3.20 -16.38
N LYS A 164 -13.47 -3.00 -16.30
CA LYS A 164 -12.71 -2.63 -17.48
C LYS A 164 -11.24 -2.98 -17.33
N LEU A 165 -10.53 -2.98 -18.46
CA LEU A 165 -9.12 -3.31 -18.48
C LEU A 165 -8.28 -2.06 -18.58
N ASP A 166 -7.03 -2.17 -18.16
CA ASP A 166 -6.10 -1.06 -18.21
C ASP A 166 -4.72 -1.67 -18.29
N SER A 167 -3.74 -0.87 -18.68
CA SER A 167 -2.38 -1.37 -18.79
C SER A 167 -1.35 -0.26 -18.77
N LEU A 168 -0.16 -0.59 -18.28
CA LEU A 168 0.95 0.35 -18.21
C LEU A 168 1.66 0.34 -19.55
N LEU A 169 1.33 -0.63 -20.39
CA LEU A 169 1.94 -0.69 -21.72
C LEU A 169 1.12 0.19 -22.66
N ARG A 170 1.76 0.72 -23.70
CA ARG A 170 1.04 1.54 -24.66
C ARG A 170 -0.01 0.66 -25.30
N HIS A 171 -1.25 1.15 -25.33
CA HIS A 171 -2.35 0.37 -25.90
C HIS A 171 -3.51 1.28 -26.28
N VAL A 172 -4.50 0.69 -26.93
CA VAL A 172 -5.71 1.38 -27.32
C VAL A 172 -6.84 0.49 -26.87
N SER A 173 -7.89 1.08 -26.31
CA SER A 173 -9.03 0.29 -25.87
C SER A 173 -10.18 0.45 -26.85
N SER A 174 -11.10 -0.51 -26.88
CA SER A 174 -12.25 -0.43 -27.77
C SER A 174 -13.30 -1.48 -27.43
N VAL A 175 -14.55 -1.20 -27.79
CA VAL A 175 -15.64 -2.13 -27.54
C VAL A 175 -16.00 -2.84 -28.83
N GLU A 178 -19.71 -6.28 -28.00
CA GLU A 178 -20.21 -6.67 -26.68
C GLU A 178 -19.09 -6.86 -25.66
N HIS A 179 -17.85 -6.96 -26.13
CA HIS A 179 -16.70 -7.16 -25.26
C HIS A 179 -15.89 -5.87 -25.12
N TYR A 180 -15.18 -5.74 -24.00
CA TYR A 180 -14.32 -4.58 -23.79
C TYR A 180 -12.92 -5.11 -24.07
N THR A 181 -12.15 -4.40 -24.87
CA THR A 181 -10.81 -4.88 -25.21
C THR A 181 -9.73 -3.81 -25.20
N ILE A 182 -8.49 -4.28 -25.09
CA ILE A 182 -7.33 -3.41 -25.16
C ILE A 182 -6.35 -4.19 -26.04
N SER A 183 -5.54 -3.47 -26.81
CA SER A 183 -4.55 -4.10 -27.68
C SER A 183 -3.42 -3.13 -27.98
N GLY A 184 -2.32 -3.66 -28.49
CA GLY A 184 -1.20 -2.82 -28.81
C GLY A 184 -0.03 -3.65 -29.28
N THR A 185 1.13 -3.01 -29.34
CA THR A 185 2.35 -3.67 -29.77
C THR A 185 3.33 -3.48 -28.62
N ALA A 186 3.97 -4.56 -28.18
CA ALA A 186 4.93 -4.48 -27.08
C ALA A 186 6.15 -3.67 -27.48
N PRO A 187 6.84 -3.06 -26.50
CA PRO A 187 8.02 -2.28 -26.87
C PRO A 187 9.08 -3.20 -27.50
N GLU A 188 9.93 -2.63 -28.34
CA GLU A 188 10.99 -3.40 -29.00
C GLU A 188 12.19 -3.56 -28.08
N HIS A 189 12.21 -2.78 -27.00
CA HIS A 189 13.32 -2.83 -26.07
C HIS A 189 12.98 -2.35 -24.67
N VAL A 190 13.40 -3.13 -23.69
CA VAL A 190 13.22 -2.79 -22.29
C VAL A 190 14.56 -3.14 -21.60
N SER A 191 15.17 -2.15 -20.96
CA SER A 191 16.44 -2.37 -20.28
C SER A 191 16.22 -3.04 -18.93
N PRO A 192 17.11 -3.96 -18.55
CA PRO A 192 16.95 -4.64 -17.26
C PRO A 192 16.83 -3.60 -16.14
N SER A 193 16.06 -3.93 -15.12
CA SER A 193 15.84 -3.04 -13.99
C SER A 193 17.14 -2.49 -13.38
N TYR A 194 18.20 -3.28 -13.40
CA TYR A 194 19.48 -2.89 -12.82
C TYR A 194 20.40 -2.08 -13.75
N TYR A 195 20.10 -2.07 -15.04
CA TYR A 195 20.91 -1.34 -16.00
C TYR A 195 20.26 0.03 -16.24
N ASP A 196 20.78 1.05 -15.57
CA ASP A 196 20.22 2.39 -15.67
C ASP A 196 20.71 3.14 -16.91
N GLU A 197 20.39 2.61 -18.08
CA GLU A 197 20.80 3.25 -19.32
C GLU A 197 19.71 4.20 -19.82
N GLU A 198 20.12 5.16 -20.62
CA GLU A 198 19.21 6.15 -21.17
C GLU A 198 18.16 5.50 -22.07
N ASN A 199 16.92 5.98 -21.97
CA ASN A 199 15.81 5.46 -22.79
C ASN A 199 15.60 3.96 -22.53
N PRO A 200 15.22 3.60 -21.29
CA PRO A 200 14.97 2.23 -20.83
C PRO A 200 13.85 1.47 -21.54
N VAL A 201 12.82 2.19 -21.95
CA VAL A 201 11.68 1.59 -22.63
C VAL A 201 11.54 2.16 -24.04
N ARG A 202 11.67 1.29 -25.04
CA ARG A 202 11.61 1.72 -26.42
C ARG A 202 10.56 1.02 -27.27
N TYR A 203 9.68 1.82 -27.87
CA TYR A 203 8.65 1.32 -28.75
C TYR A 203 9.07 1.67 -30.17
N GLY A 204 8.92 0.72 -31.09
CA GLY A 204 9.28 1.01 -32.46
C GLY A 204 8.16 1.80 -33.10
N HIS A 205 8.46 2.53 -34.17
CA HIS A 205 7.41 3.29 -34.84
C HIS A 205 6.44 2.22 -35.34
N PRO A 206 5.13 2.46 -35.21
CA PRO A 206 4.12 1.50 -35.66
C PRO A 206 4.18 1.01 -37.10
N ASP A 207 4.81 1.77 -37.99
CA ASP A 207 4.89 1.36 -39.38
C ASP A 207 5.94 0.28 -39.65
N SER A 209 7.61 -1.43 -36.58
CA SER A 209 7.88 -2.15 -35.33
C SER A 209 7.85 -3.66 -35.43
N GLN A 210 8.81 -4.31 -34.77
CA GLN A 210 8.90 -5.77 -34.78
C GLN A 210 8.39 -6.35 -33.46
N GLY A 211 7.89 -5.50 -32.57
CA GLY A 211 7.38 -5.99 -31.31
C GLY A 211 6.14 -6.85 -31.57
N THR A 213 2.28 -8.21 -31.08
CA THR A 213 1.04 -7.50 -30.79
C THR A 213 0.39 -8.31 -29.68
N PHE A 214 -0.46 -7.66 -28.91
CA PHE A 214 -1.14 -8.35 -27.81
C PHE A 214 -2.59 -7.90 -27.76
N HIS A 215 -3.43 -8.73 -27.16
CA HIS A 215 -4.85 -8.41 -27.08
C HIS A 215 -5.47 -9.03 -25.83
N GLY A 216 -6.30 -8.24 -25.16
CA GLY A 216 -7.00 -8.69 -23.96
C GLY A 216 -8.46 -8.48 -24.26
N ARG A 217 -9.30 -9.46 -23.94
CA ARG A 217 -10.73 -9.39 -24.21
C ARG A 217 -11.54 -9.71 -22.95
N LEU A 218 -12.43 -8.80 -22.57
CA LEU A 218 -13.25 -8.99 -21.38
C LEU A 218 -14.73 -9.07 -21.74
N ALA A 219 -15.42 -10.07 -21.21
CA ALA A 219 -16.84 -10.26 -21.46
C ALA A 219 -17.56 -10.51 -20.14
N ALA A 220 -18.88 -10.36 -20.15
CA ALA A 220 -19.67 -10.57 -18.95
C ALA A 220 -21.02 -11.20 -19.27
N VAL A 221 -21.51 -12.02 -18.33
CA VAL A 221 -22.81 -12.66 -18.46
C VAL A 221 -23.52 -12.36 -17.15
N ASN A 222 -24.65 -11.67 -17.22
CA ASN A 222 -25.39 -11.30 -16.03
C ASN A 222 -26.64 -12.13 -15.82
N GLU A 223 -26.92 -12.40 -14.56
CA GLU A 223 -28.12 -13.14 -14.16
C GLU A 223 -28.95 -12.07 -13.45
N GLY A 224 -29.93 -11.55 -14.19
CA GLY A 224 -30.79 -10.49 -13.67
C GLY A 224 -30.17 -9.16 -14.08
N GLY A 225 -30.93 -8.08 -13.94
CA GLY A 225 -30.41 -6.77 -14.28
C GLY A 225 -30.10 -6.57 -15.76
N SER A 226 -29.30 -5.55 -16.05
CA SER A 226 -28.93 -5.26 -17.44
C SER A 226 -27.42 -5.27 -17.63
N LEU A 227 -27.01 -5.32 -18.90
CA LEU A 227 -25.61 -5.33 -19.26
C LEU A 227 -25.39 -4.44 -20.46
N LYS A 228 -24.36 -3.62 -20.39
CA LYS A 228 -24.02 -2.75 -21.51
C LYS A 228 -22.52 -2.54 -21.51
N VAL A 229 -21.98 -2.22 -22.67
CA VAL A 229 -20.56 -1.99 -22.82
C VAL A 229 -20.33 -0.71 -23.61
N ASP A 230 -19.44 0.13 -23.10
CA ASP A 230 -19.09 1.39 -23.77
C ASP A 230 -17.63 1.69 -23.41
N ALA A 231 -17.17 2.89 -23.74
CA ALA A 231 -15.78 3.26 -23.46
C ALA A 231 -15.40 3.18 -21.99
N ASP A 232 -16.39 3.15 -21.10
CA ASP A 232 -16.10 3.07 -19.68
C ASP A 232 -16.02 1.64 -19.14
N GLY A 233 -16.15 0.66 -20.03
CA GLY A 233 -16.08 -0.73 -19.63
C GLY A 233 -17.40 -1.45 -19.68
N LEU A 234 -17.46 -2.61 -19.01
CA LEU A 234 -18.68 -3.41 -18.94
C LEU A 234 -19.47 -2.94 -17.72
N HIS A 235 -20.76 -2.71 -17.90
CA HIS A 235 -21.61 -2.24 -16.82
C HIS A 235 -22.72 -3.24 -16.47
N VAL A 236 -22.70 -3.76 -15.26
CA VAL A 236 -23.75 -4.68 -14.82
C VAL A 236 -24.58 -3.92 -13.82
N GLY A 238 -28.05 -3.86 -11.38
CA GLY A 238 -29.17 -4.53 -10.73
C GLY A 238 -29.32 -6.02 -10.98
N ALA A 239 -28.19 -6.70 -11.16
CA ALA A 239 -28.21 -8.14 -11.40
C ALA A 239 -28.17 -8.81 -10.03
N THR A 240 -28.03 -10.13 -10.03
CA THR A 240 -27.96 -10.87 -8.78
C THR A 240 -26.67 -11.67 -8.80
N CYS A 241 -26.36 -12.22 -9.96
CA CYS A 241 -25.13 -12.98 -10.16
C CYS A 241 -24.58 -12.56 -11.51
N ALA A 242 -23.27 -12.66 -11.66
CA ALA A 242 -22.63 -12.30 -12.91
C ALA A 242 -21.31 -13.03 -13.00
N THR A 243 -20.89 -13.30 -14.21
CA THR A 243 -19.61 -13.98 -14.42
C THR A 243 -18.84 -13.16 -15.43
N LEU A 244 -17.59 -12.85 -15.11
CA LEU A 244 -16.74 -12.10 -16.03
C LEU A 244 -15.74 -13.10 -16.60
N TYR A 245 -15.45 -12.97 -17.89
CA TYR A 245 -14.51 -13.86 -18.55
C TYR A 245 -13.42 -12.99 -19.19
N PHE A 246 -12.16 -13.37 -18.99
CA PHE A 246 -11.07 -12.62 -19.59
C PHE A 246 -10.14 -13.55 -20.35
N SER A 247 -9.73 -13.12 -21.53
CA SER A 247 -8.82 -13.88 -22.37
C SER A 247 -7.77 -12.93 -22.95
N ALA A 248 -6.54 -13.40 -23.05
CA ALA A 248 -5.46 -12.61 -23.60
C ALA A 248 -4.63 -13.47 -24.55
N SER A 249 -4.01 -12.85 -25.54
CA SER A 249 -3.19 -13.56 -26.50
C SER A 249 -2.17 -12.61 -27.12
N THR A 250 -1.16 -13.17 -27.78
CA THR A 250 -0.13 -12.37 -28.45
C THR A 250 0.20 -13.01 -29.78
N SER A 251 1.00 -12.30 -30.59
CA SER A 251 1.38 -12.82 -31.88
C SER A 251 2.58 -13.77 -31.79
N PHE A 252 3.05 -14.02 -30.57
CA PHE A 252 4.19 -14.93 -30.40
C PHE A 252 3.86 -16.35 -30.85
N ASP A 253 4.66 -16.87 -31.77
CA ASP A 253 4.47 -18.22 -32.30
C ASP A 253 5.44 -19.14 -31.59
N PRO A 254 4.93 -19.97 -30.66
CA PRO A 254 5.76 -20.90 -29.88
C PRO A 254 6.59 -21.91 -30.67
N SER A 255 6.18 -22.19 -31.90
CA SER A 255 6.90 -23.14 -32.75
C SER A 255 8.08 -22.52 -33.47
N THR A 256 8.06 -21.20 -33.66
CA THR A 256 9.15 -20.52 -34.35
C THR A 256 10.00 -19.68 -33.42
N GLY A 257 9.47 -19.39 -32.23
CA GLY A 257 10.20 -18.59 -31.27
C GLY A 257 10.21 -17.12 -31.67
N ALA A 258 9.24 -16.71 -32.48
CA ALA A 258 9.16 -15.33 -32.91
C ALA A 258 7.71 -14.92 -33.15
N SER A 259 7.49 -13.61 -33.23
CA SER A 259 6.16 -13.08 -33.49
C SER A 259 5.76 -13.52 -34.89
N CYS A 260 4.47 -13.74 -35.10
CA CYS A 260 3.98 -14.16 -36.41
C CYS A 260 2.82 -13.29 -36.86
N LEU A 261 2.96 -12.72 -38.06
CA LEU A 261 1.94 -11.85 -38.65
C LEU A 261 0.58 -12.53 -38.75
N GLU A 262 0.59 -13.81 -39.09
CA GLU A 262 -0.66 -14.57 -39.26
C GLU A 262 -1.37 -14.91 -37.96
N ARG A 263 -0.67 -14.79 -36.84
CA ARG A 263 -1.27 -15.10 -35.55
C ARG A 263 -1.95 -13.82 -35.04
N ASP A 264 -3.24 -13.68 -35.31
CA ASP A 264 -4.00 -12.51 -34.87
C ASP A 264 -4.57 -12.68 -33.46
N PRO A 265 -3.99 -11.98 -32.47
CA PRO A 265 -4.40 -12.04 -31.07
C PRO A 265 -5.88 -11.74 -30.83
N SER A 266 -6.41 -10.72 -31.51
CA SER A 266 -7.82 -10.36 -31.32
C SER A 266 -8.76 -11.49 -31.71
N LEU A 267 -8.40 -12.25 -32.73
CA LEU A 267 -9.24 -13.36 -33.18
C LEU A 267 -9.11 -14.56 -32.25
N ARG A 268 -7.93 -14.74 -31.67
CA ARG A 268 -7.73 -15.86 -30.77
C ARG A 268 -8.52 -15.64 -29.48
N THR A 269 -8.55 -14.40 -28.97
CA THR A 269 -9.29 -14.13 -27.73
C THR A 269 -10.81 -14.19 -27.93
N ILE A 270 -11.29 -13.71 -29.08
CA ILE A 270 -12.73 -13.72 -29.33
C ILE A 270 -13.24 -15.15 -29.48
N GLU A 271 -12.42 -16.02 -30.05
CA GLU A 271 -12.79 -17.42 -30.23
C GLU A 271 -12.92 -18.02 -28.83
N THR A 272 -11.92 -17.76 -28.00
CA THR A 272 -11.91 -18.27 -26.63
C THR A 272 -13.08 -17.74 -25.82
N ILE A 273 -13.32 -16.44 -25.89
CA ILE A 273 -14.40 -15.82 -25.15
C ILE A 273 -15.78 -16.29 -25.61
N LYS A 274 -15.98 -16.37 -26.92
CA LYS A 274 -17.27 -16.80 -27.45
C LYS A 274 -17.57 -18.23 -27.02
N ALA A 275 -16.54 -19.06 -27.02
CA ALA A 275 -16.72 -20.45 -26.63
C ALA A 275 -17.09 -20.59 -25.15
N ILE A 276 -16.30 -20.00 -24.25
CA ILE A 276 -16.57 -20.12 -22.83
C ILE A 276 -17.94 -19.56 -22.42
N CYS A 277 -18.34 -18.46 -23.05
CA CYS A 277 -19.64 -17.86 -22.73
C CYS A 277 -20.81 -18.81 -23.00
N LYS A 278 -20.59 -19.79 -23.87
CA LYS A 278 -21.66 -20.74 -24.19
C LYS A 278 -21.84 -21.82 -23.15
N ARG A 279 -20.86 -22.00 -22.27
CA ARG A 279 -20.95 -23.02 -21.22
C ARG A 279 -21.53 -22.46 -19.91
N GLY A 280 -22.21 -23.30 -19.14
CA GLY A 280 -22.78 -22.85 -17.88
C GLY A 280 -21.68 -22.69 -16.84
N TYR A 281 -21.91 -21.85 -15.84
CA TYR A 281 -20.90 -21.65 -14.82
C TYR A 281 -20.51 -22.93 -14.10
N LYS A 282 -21.50 -23.72 -13.70
CA LYS A 282 -21.21 -24.97 -12.99
C LYS A 282 -20.35 -25.87 -13.87
N GLU A 283 -20.70 -25.93 -15.15
CA GLU A 283 -19.96 -26.73 -16.11
C GLU A 283 -18.50 -26.27 -16.16
N ILE A 284 -18.30 -24.96 -16.28
CA ILE A 284 -16.95 -24.38 -16.33
C ILE A 284 -16.14 -24.72 -15.08
N VAL A 285 -16.72 -24.51 -13.91
CA VAL A 285 -16.05 -24.80 -12.64
C VAL A 285 -15.63 -26.26 -12.54
N ASN A 286 -16.56 -27.17 -12.84
CA ASN A 286 -16.25 -28.59 -12.74
C ASN A 286 -15.17 -29.03 -13.72
N ARG A 287 -15.19 -28.45 -14.92
CA ARG A 287 -14.16 -28.80 -15.90
C ARG A 287 -12.82 -28.36 -15.32
N HIS A 288 -12.81 -27.21 -14.63
CA HIS A 288 -11.58 -26.72 -14.02
C HIS A 288 -11.11 -27.61 -12.87
N LEU A 289 -12.03 -27.91 -11.94
CA LEU A 289 -11.71 -28.74 -10.79
C LEU A 289 -11.20 -30.10 -11.23
N GLU A 290 -11.88 -30.70 -12.21
CA GLU A 290 -11.50 -32.00 -12.74
C GLU A 290 -10.07 -31.93 -13.24
N ASP A 291 -9.79 -30.93 -14.07
CA ASP A 291 -8.45 -30.74 -14.63
C ASP A 291 -7.40 -30.50 -13.53
N TYR A 292 -7.70 -29.58 -12.63
CA TYR A 292 -6.77 -29.23 -11.55
C TYR A 292 -6.48 -30.38 -10.59
N THR A 293 -7.55 -31.03 -10.11
CA THR A 293 -7.41 -32.14 -9.18
C THR A 293 -6.51 -33.27 -9.69
N LYS A 294 -6.61 -33.58 -10.97
CA LYS A 294 -5.82 -34.66 -11.57
C LYS A 294 -4.32 -34.46 -11.41
N LEU A 295 -3.88 -33.22 -11.28
CA LEU A 295 -2.46 -32.93 -11.09
C LEU A 295 -2.12 -32.79 -9.62
N PHE A 296 -2.89 -31.96 -8.93
CA PHE A 296 -2.65 -31.70 -7.52
C PHE A 296 -2.76 -32.89 -6.57
N ASN A 297 -3.78 -33.72 -6.74
CA ASN A 297 -3.98 -34.85 -5.83
C ASN A 297 -3.01 -36.02 -6.02
N ARG A 298 -2.05 -35.88 -6.94
CA ARG A 298 -1.09 -36.94 -7.18
C ARG A 298 -0.19 -37.16 -5.97
N VAL A 299 0.01 -36.10 -5.19
CA VAL A 299 0.87 -36.19 -4.02
C VAL A 299 0.17 -35.73 -2.75
N SER A 300 0.37 -36.48 -1.67
CA SER A 300 -0.22 -36.11 -0.39
C SER A 300 0.87 -36.17 0.67
N LEU A 301 0.97 -35.10 1.44
CA LEU A 301 1.97 -35.04 2.51
C LEU A 301 1.32 -34.72 3.84
N HIS A 302 1.72 -35.46 4.87
CA HIS A 302 1.20 -35.23 6.20
C HIS A 302 2.33 -35.28 7.20
N LEU A 303 2.53 -34.19 7.93
CA LEU A 303 3.59 -34.14 8.93
C LEU A 303 2.95 -33.96 10.30
N GLY A 304 1.62 -34.01 10.34
CA GLY A 304 0.91 -33.85 11.59
C GLY A 304 -0.09 -32.72 11.54
N GLU A 305 -0.97 -32.66 12.54
CA GLU A 305 -1.99 -31.62 12.62
C GLU A 305 -1.33 -30.25 12.80
N SER A 306 -1.96 -29.24 12.21
CA SER A 306 -1.45 -27.87 12.31
C SER A 306 -1.78 -27.34 13.71
N ILE A 307 -0.84 -26.65 14.33
CA ILE A 307 -1.08 -26.10 15.65
C ILE A 307 -1.65 -24.69 15.58
N ALA A 308 -1.77 -24.16 14.37
CA ALA A 308 -2.32 -22.82 14.19
C ALA A 308 -3.84 -22.88 14.11
N PRO A 309 -4.52 -21.84 14.63
CA PRO A 309 -5.99 -21.84 14.56
C PRO A 309 -6.45 -21.82 13.09
N ALA A 310 -7.51 -22.56 12.80
CA ALA A 310 -8.04 -22.65 11.44
C ALA A 310 -8.39 -21.33 10.77
N ASP A 311 -8.71 -20.32 11.54
CA ASP A 311 -9.09 -19.03 10.96
C ASP A 311 -7.96 -18.02 10.88
N SER A 313 -4.84 -15.82 9.62
CA SER A 313 -4.38 -15.32 8.33
C SER A 313 -2.98 -15.86 8.10
N THR A 314 -2.67 -16.19 6.85
CA THR A 314 -1.37 -16.75 6.52
C THR A 314 -0.16 -15.92 6.95
N ASP A 315 -0.24 -14.61 6.82
CA ASP A 315 0.91 -13.80 7.21
C ASP A 315 1.14 -13.93 8.71
N GLN A 316 0.08 -13.95 9.50
CA GLN A 316 0.23 -14.10 10.94
C GLN A 316 0.75 -15.50 11.24
N ARG A 317 0.26 -16.47 10.49
CA ARG A 317 0.66 -17.86 10.67
C ARG A 317 2.18 -18.03 10.53
N ILE A 318 2.73 -17.50 9.44
CA ILE A 318 4.17 -17.57 9.18
C ILE A 318 4.96 -16.89 10.31
N LYS A 319 4.56 -15.68 10.65
CA LYS A 319 5.23 -14.89 11.66
C LYS A 319 5.29 -15.56 13.04
N GLU A 320 4.15 -16.06 13.48
CA GLU A 320 4.04 -16.69 14.78
C GLU A 320 4.49 -18.13 14.94
N TYR A 321 4.45 -18.92 13.88
CA TYR A 321 4.85 -20.33 13.98
C TYR A 321 6.03 -20.75 13.13
N GLY A 322 6.12 -20.21 11.92
CA GLY A 322 7.20 -20.59 11.04
C GLY A 322 7.16 -22.09 10.81
N SER A 323 8.32 -22.72 10.74
CA SER A 323 8.39 -24.15 10.52
C SER A 323 7.90 -25.00 11.69
N ARG A 324 7.59 -24.37 12.81
CA ARG A 324 7.11 -25.11 13.98
C ARG A 324 5.69 -25.62 13.74
N ASP A 325 4.96 -24.96 12.85
CA ASP A 325 3.62 -25.42 12.51
C ASP A 325 3.85 -26.36 11.34
N LEU A 326 3.84 -27.66 11.60
CA LEU A 326 4.07 -28.61 10.53
C LEU A 326 3.03 -28.49 9.43
N GLY A 327 1.88 -27.94 9.78
CA GLY A 327 0.83 -27.73 8.79
C GLY A 327 1.27 -26.67 7.79
N LEU A 328 1.99 -25.66 8.27
CA LEU A 328 2.48 -24.60 7.40
C LEU A 328 3.54 -25.17 6.47
N VAL A 329 4.33 -26.10 6.99
CA VAL A 329 5.37 -26.74 6.21
C VAL A 329 4.71 -27.53 5.08
N GLU A 330 3.63 -28.23 5.39
CA GLU A 330 2.92 -28.98 4.36
C GLU A 330 2.44 -28.02 3.28
N LEU A 331 1.83 -26.92 3.71
CA LEU A 331 1.30 -25.90 2.82
C LEU A 331 2.42 -25.36 1.92
N LEU A 332 3.57 -25.06 2.51
CA LEU A 332 4.70 -24.57 1.74
C LEU A 332 5.04 -25.58 0.65
N PHE A 333 5.11 -26.85 1.04
CA PHE A 333 5.41 -27.93 0.10
C PHE A 333 4.42 -27.97 -1.05
N GLN A 334 3.13 -28.06 -0.71
CA GLN A 334 2.09 -28.13 -1.74
C GLN A 334 1.96 -26.85 -2.56
N TYR A 335 2.35 -25.72 -1.98
CA TYR A 335 2.25 -24.45 -2.71
C TYR A 335 3.18 -24.49 -3.91
N GLY A 336 4.36 -25.09 -3.73
CA GLY A 336 5.31 -25.22 -4.81
C GLY A 336 4.69 -26.03 -5.96
N ARG A 337 4.00 -27.10 -5.62
CA ARG A 337 3.36 -27.94 -6.64
C ARG A 337 2.24 -27.15 -7.31
N TYR A 338 1.48 -26.41 -6.50
CA TYR A 338 0.40 -25.57 -7.00
C TYR A 338 0.92 -24.56 -8.02
N LEU A 339 1.97 -23.85 -7.63
CA LEU A 339 2.53 -22.83 -8.51
C LEU A 339 3.06 -23.40 -9.82
N ILE A 341 1.76 -26.03 -11.33
CA ILE A 341 0.54 -26.35 -12.08
C ILE A 341 -0.03 -25.08 -12.70
N ALA A 342 0.05 -23.98 -11.97
CA ALA A 342 -0.49 -22.71 -12.45
C ALA A 342 0.45 -21.94 -13.39
N SER A 343 1.73 -22.29 -13.40
CA SER A 343 2.68 -21.56 -14.26
C SER A 343 3.33 -22.36 -15.38
N SER A 344 3.31 -23.68 -15.31
CA SER A 344 4.00 -24.47 -16.33
C SER A 344 3.23 -25.66 -16.90
N ARG A 345 2.07 -25.39 -17.51
CA ARG A 345 1.29 -26.47 -18.12
C ARG A 345 1.86 -26.74 -19.52
N PRO A 346 1.69 -27.97 -20.03
CA PRO A 346 2.21 -28.31 -21.36
C PRO A 346 1.67 -27.30 -22.38
N GLY A 347 2.53 -26.87 -23.30
CA GLY A 347 2.10 -25.91 -24.30
C GLY A 347 2.36 -24.45 -23.93
N THR A 348 2.68 -24.19 -22.66
CA THR A 348 2.96 -22.81 -22.25
C THR A 348 4.45 -22.62 -22.05
N GLN A 349 4.86 -21.41 -21.68
CA GLN A 349 6.27 -21.14 -21.47
C GLN A 349 6.69 -21.59 -20.07
N PRO A 350 7.97 -21.93 -19.90
CA PRO A 350 8.41 -22.38 -18.57
C PRO A 350 8.37 -21.25 -17.56
N ALA A 351 8.26 -21.62 -16.28
CA ALA A 351 8.22 -20.64 -15.20
C ALA A 351 9.48 -19.80 -15.24
N ASN A 352 9.33 -18.48 -15.28
CA ASN A 352 10.50 -17.59 -15.28
C ASN A 352 10.81 -17.19 -13.83
N LEU A 353 11.61 -16.15 -13.64
CA LEU A 353 11.95 -15.71 -12.28
C LEU A 353 10.73 -15.50 -11.38
N GLN A 354 9.61 -15.12 -11.99
CA GLN A 354 8.41 -14.88 -11.21
C GLN A 354 7.24 -15.79 -11.60
N GLY A 355 7.58 -16.94 -12.19
CA GLY A 355 6.54 -17.87 -12.63
C GLY A 355 5.93 -17.27 -13.87
N ILE A 356 4.82 -16.57 -13.69
CA ILE A 356 4.12 -15.91 -14.77
C ILE A 356 3.53 -14.63 -14.21
N TRP A 357 3.71 -14.41 -12.91
CA TRP A 357 3.13 -13.24 -12.25
C TRP A 357 4.09 -12.06 -12.12
N ASN A 358 3.73 -10.94 -12.74
CA ASN A 358 4.55 -9.74 -12.71
C ASN A 358 3.76 -8.48 -13.05
N GLU A 359 3.85 -7.47 -12.19
CA GLU A 359 3.13 -6.22 -12.42
C GLU A 359 4.05 -5.08 -12.88
N GLU A 360 5.36 -5.30 -12.83
CA GLU A 360 6.32 -4.26 -13.18
C GLU A 360 6.84 -4.23 -14.60
N THR A 361 6.87 -3.03 -15.17
CA THR A 361 7.35 -2.77 -16.53
C THR A 361 8.80 -3.24 -16.65
N ARG A 362 9.64 -2.82 -15.71
CA ARG A 362 11.04 -3.26 -15.68
C ARG A 362 11.15 -4.10 -14.42
N ALA A 363 10.70 -5.34 -14.52
CA ALA A 363 10.72 -6.26 -13.39
C ALA A 363 12.14 -6.60 -12.96
N PRO A 364 12.32 -6.98 -11.70
CA PRO A 364 13.64 -7.33 -11.16
C PRO A 364 14.41 -8.33 -12.03
N TRP A 365 15.61 -7.93 -12.45
CA TRP A 365 16.46 -8.79 -13.27
C TRP A 365 15.73 -9.29 -14.53
N SER A 366 14.82 -8.47 -15.04
CA SER A 366 14.04 -8.79 -16.23
C SER A 366 13.04 -9.94 -16.06
N SER A 367 12.90 -10.48 -14.85
CA SER A 367 11.99 -11.60 -14.61
C SER A 367 12.17 -12.61 -15.75
N ASN A 368 13.42 -12.86 -16.12
CA ASN A 368 13.74 -13.75 -17.23
C ASN A 368 14.07 -15.17 -16.79
N TYR A 369 14.89 -15.83 -17.59
CA TYR A 369 15.32 -17.19 -17.28
C TYR A 369 16.80 -17.10 -16.93
N THR A 370 17.11 -17.13 -15.65
CA THR A 370 18.48 -17.07 -15.20
C THR A 370 18.96 -18.51 -15.10
N LEU A 371 19.90 -18.85 -15.96
CA LEU A 371 20.42 -20.22 -16.05
C LEU A 371 21.59 -20.64 -15.17
N ASN A 372 22.04 -19.78 -14.27
CA ASN A 372 23.14 -20.23 -13.41
C ASN A 372 22.65 -20.74 -12.05
N ILE A 373 21.37 -21.13 -12.01
CA ILE A 373 20.71 -21.72 -10.83
C ILE A 373 19.19 -21.57 -10.79
N ASN A 374 18.71 -20.34 -10.90
CA ASN A 374 17.28 -20.05 -10.77
C ASN A 374 16.32 -20.80 -11.68
N ALA A 375 16.57 -20.78 -12.99
CA ALA A 375 15.68 -21.47 -13.91
C ALA A 375 15.68 -22.98 -13.62
N GLU A 376 16.88 -23.53 -13.41
CA GLU A 376 16.99 -24.95 -13.10
C GLU A 376 16.23 -25.27 -11.81
N ASN A 378 13.62 -23.86 -10.51
CA ASN A 378 12.17 -23.86 -10.73
C ASN A 378 11.64 -25.26 -11.02
N TYR A 379 12.43 -26.07 -11.73
CA TYR A 379 11.99 -27.41 -12.08
C TYR A 379 12.52 -28.56 -11.23
N TRP A 380 13.18 -28.24 -10.13
CA TRP A 380 13.70 -29.26 -9.23
C TRP A 380 12.63 -30.21 -8.72
N PRO A 381 11.40 -29.73 -8.52
CA PRO A 381 10.35 -30.62 -8.01
C PRO A 381 9.49 -31.31 -9.07
N ALA A 382 9.65 -30.91 -10.33
CA ALA A 382 8.86 -31.46 -11.43
C ALA A 382 8.75 -32.98 -11.47
N GLU A 383 9.89 -33.67 -11.37
CA GLU A 383 9.90 -35.12 -11.42
C GLU A 383 9.55 -35.79 -10.08
N THR A 384 10.35 -35.52 -9.06
CA THR A 384 10.12 -36.13 -7.74
C THR A 384 8.73 -35.88 -7.17
N CYS A 385 8.15 -34.72 -7.44
CA CYS A 385 6.83 -34.43 -6.90
C CYS A 385 5.64 -34.75 -7.81
N ASN A 386 5.87 -35.66 -8.77
CA ASN A 386 4.83 -36.16 -9.66
C ASN A 386 4.11 -35.11 -10.52
N LEU A 387 4.89 -34.34 -11.26
CA LEU A 387 4.39 -33.31 -12.17
C LEU A 387 5.31 -33.32 -13.37
N ALA A 388 5.65 -34.53 -13.81
CA ALA A 388 6.56 -34.76 -14.91
C ALA A 388 6.21 -34.02 -16.20
N GLU A 389 4.94 -34.05 -16.60
CA GLU A 389 4.56 -33.37 -17.83
C GLU A 389 4.74 -31.86 -17.74
N LEU A 390 4.76 -31.34 -16.52
CA LEU A 390 4.93 -29.90 -16.30
C LEU A 390 6.39 -29.50 -16.54
N HIS A 391 7.24 -30.50 -16.73
CA HIS A 391 8.67 -30.29 -16.99
C HIS A 391 8.82 -29.98 -18.49
N LYS A 392 7.84 -30.42 -19.28
CA LYS A 392 7.89 -30.24 -20.73
C LYS A 392 8.15 -28.83 -21.24
N PRO A 393 7.50 -27.80 -20.64
CA PRO A 393 7.77 -26.45 -21.13
C PRO A 393 9.28 -26.11 -21.04
N LEU A 394 9.94 -26.61 -19.99
CA LEU A 394 11.38 -26.34 -19.85
C LEU A 394 12.13 -27.16 -20.90
N ILE A 395 11.70 -28.41 -21.07
CA ILE A 395 12.32 -29.30 -22.05
C ILE A 395 12.25 -28.68 -23.45
N HIS A 396 11.07 -28.21 -23.84
CA HIS A 396 10.91 -27.59 -25.16
C HIS A 396 11.76 -26.32 -25.26
N PHE A 397 11.83 -25.55 -24.17
CA PHE A 397 12.62 -24.32 -24.18
C PHE A 397 14.09 -24.69 -24.39
N ILE A 398 14.53 -25.77 -23.75
CA ILE A 398 15.91 -26.21 -23.91
C ILE A 398 16.15 -26.61 -25.36
N GLU A 399 15.12 -27.15 -26.01
CA GLU A 399 15.23 -27.54 -27.40
C GLU A 399 15.54 -26.31 -28.24
N ARG A 400 14.83 -25.21 -27.96
CA ARG A 400 15.03 -23.95 -28.67
C ARG A 400 16.44 -23.41 -28.43
N LEU A 401 16.88 -23.47 -27.18
CA LEU A 401 18.21 -23.01 -26.83
C LEU A 401 19.27 -23.79 -27.60
N ALA A 402 19.08 -25.10 -27.71
CA ALA A 402 20.04 -25.95 -28.41
C ALA A 402 20.12 -25.50 -29.87
N ALA A 403 18.99 -25.11 -30.44
CA ALA A 403 18.97 -24.64 -31.82
C ALA A 403 19.72 -23.32 -31.93
N ASN A 404 19.34 -22.34 -31.12
CA ASN A 404 20.00 -21.04 -31.16
C ASN A 404 21.45 -21.11 -30.71
N GLY A 405 21.71 -21.96 -29.72
CA GLY A 405 23.05 -22.10 -29.16
C GLY A 405 24.10 -22.65 -30.10
N LYS A 406 23.66 -23.30 -31.17
CA LYS A 406 24.59 -23.87 -32.16
C LYS A 406 25.29 -22.71 -32.86
N LYS A 407 24.52 -21.68 -33.20
CA LYS A 407 25.08 -20.49 -33.86
C LYS A 407 26.04 -19.76 -32.91
N THR A 408 25.66 -19.69 -31.64
CA THR A 408 26.47 -19.03 -30.62
C THR A 408 27.78 -19.79 -30.45
N ALA A 409 27.70 -21.11 -30.38
CA ALA A 409 28.88 -21.95 -30.22
C ALA A 409 29.87 -21.73 -31.38
N GLU A 410 29.34 -21.63 -32.58
CA GLU A 410 30.16 -21.43 -33.77
C GLU A 410 30.76 -20.04 -33.86
N ILE A 411 29.91 -19.02 -33.74
CA ILE A 411 30.33 -17.64 -33.84
C ILE A 411 31.24 -17.11 -32.74
N ASN A 412 30.87 -17.33 -31.49
CA ASN A 412 31.68 -16.82 -30.38
C ASN A 412 32.90 -17.67 -30.06
N TYR A 413 32.79 -18.97 -30.25
CA TYR A 413 33.89 -19.86 -29.89
C TYR A 413 34.47 -20.78 -30.96
N GLY A 414 33.87 -20.82 -32.14
CA GLY A 414 34.38 -21.69 -33.18
C GLY A 414 34.29 -23.15 -32.74
N ALA A 415 33.29 -23.45 -31.92
CA ALA A 415 33.12 -24.82 -31.43
C ALA A 415 31.90 -25.51 -31.99
N ARG A 416 31.90 -26.83 -31.88
CA ARG A 416 30.78 -27.66 -32.32
C ARG A 416 29.72 -27.62 -31.23
N GLY A 417 28.63 -28.36 -31.43
CA GLY A 417 27.56 -28.39 -30.45
C GLY A 417 26.84 -27.08 -30.25
N TRP A 418 26.32 -26.87 -29.05
CA TRP A 418 25.63 -25.64 -28.73
C TRP A 418 26.04 -25.17 -27.35
N VAL A 419 25.78 -23.91 -27.07
CA VAL A 419 26.15 -23.32 -25.78
C VAL A 419 25.04 -22.38 -25.35
N ALA A 420 24.96 -22.14 -24.04
CA ALA A 420 23.99 -21.21 -23.46
C ALA A 420 24.73 -20.57 -22.31
N HIS A 421 24.47 -19.30 -22.08
CA HIS A 421 25.16 -18.61 -21.00
C HIS A 421 24.29 -18.45 -19.74
N HIS A 422 24.43 -17.33 -19.02
CA HIS A 422 23.67 -17.24 -17.77
C HIS A 422 22.30 -16.59 -17.77
N ASN A 423 21.88 -16.03 -18.90
CA ASN A 423 20.56 -15.40 -19.01
C ASN A 423 19.90 -15.72 -20.35
N ALA A 424 18.62 -16.04 -20.32
CA ALA A 424 17.87 -16.30 -21.54
C ALA A 424 16.51 -15.67 -21.37
N ASP A 425 15.86 -15.37 -22.49
CA ASP A 425 14.55 -14.76 -22.46
C ASP A 425 13.62 -15.57 -23.37
N LEU A 426 12.43 -15.06 -23.59
CA LEU A 426 11.47 -15.73 -24.45
C LEU A 426 12.07 -16.07 -25.81
N TRP A 427 12.89 -15.15 -26.32
CA TRP A 427 13.53 -15.33 -27.63
C TRP A 427 14.58 -16.44 -27.64
N GLY A 428 14.95 -16.90 -26.45
CA GLY A 428 15.93 -17.96 -26.35
C GLY A 428 17.38 -17.52 -26.55
N GLN A 429 17.72 -16.33 -26.08
CA GLN A 429 19.09 -15.83 -26.23
C GLN A 429 20.05 -16.86 -25.62
N THR A 430 21.06 -17.23 -26.38
CA THR A 430 22.05 -18.21 -25.94
C THR A 430 23.43 -17.57 -25.78
N ALA A 431 23.54 -16.31 -26.14
CA ALA A 431 24.78 -15.57 -26.04
C ALA A 431 24.87 -14.91 -24.67
N PRO A 432 26.10 -14.60 -24.22
CA PRO A 432 26.25 -13.95 -22.91
C PRO A 432 25.60 -12.58 -22.94
N VAL A 433 25.38 -12.02 -21.77
CA VAL A 433 24.79 -10.69 -21.66
C VAL A 433 25.92 -9.71 -21.31
N GLY A 434 25.57 -8.63 -20.62
CA GLY A 434 26.58 -7.66 -20.23
C GLY A 434 26.72 -6.48 -21.15
N ASP A 435 25.79 -6.34 -22.09
CA ASP A 435 25.79 -5.28 -23.08
C ASP A 435 27.19 -5.01 -23.64
N PHE A 436 27.81 -6.07 -24.14
CA PHE A 436 29.12 -5.98 -24.76
C PHE A 436 30.20 -5.26 -23.96
N GLY A 437 30.33 -5.59 -22.69
CA GLY A 437 31.37 -4.95 -21.88
C GLY A 437 30.95 -4.35 -20.57
N HIS A 438 29.70 -3.93 -20.47
CA HIS A 438 29.22 -3.31 -19.24
C HIS A 438 29.10 -4.27 -18.06
N GLY A 439 28.59 -5.46 -18.31
CA GLY A 439 28.41 -6.42 -17.24
C GLY A 439 29.70 -6.91 -16.60
N ASP A 440 29.59 -7.44 -15.39
CA ASP A 440 30.75 -7.97 -14.68
C ASP A 440 30.99 -9.38 -15.17
N PRO A 441 32.22 -9.69 -15.60
CA PRO A 441 32.50 -11.04 -16.09
C PRO A 441 32.26 -12.14 -15.06
N VAL A 442 32.30 -11.80 -13.77
CA VAL A 442 32.09 -12.82 -12.75
C VAL A 442 30.72 -13.49 -12.89
N TRP A 443 29.77 -12.81 -13.54
CA TRP A 443 28.47 -13.40 -13.79
C TRP A 443 28.09 -13.39 -15.27
N ALA A 444 28.62 -12.45 -16.02
CA ALA A 444 28.33 -12.37 -17.45
C ALA A 444 29.00 -13.49 -18.24
N PHE A 445 30.29 -13.71 -18.02
CA PHE A 445 30.96 -14.76 -18.77
C PHE A 445 30.86 -16.12 -18.10
N TRP A 446 29.89 -16.89 -18.56
CA TRP A 446 29.65 -18.22 -18.01
C TRP A 446 28.91 -18.98 -19.10
N PRO A 447 29.64 -19.85 -19.84
CA PRO A 447 29.07 -20.64 -20.93
C PRO A 447 28.63 -22.06 -20.56
N GLY A 449 25.50 -22.74 -19.17
CA GLY A 449 24.05 -22.80 -19.02
C GLY A 449 23.43 -24.03 -19.67
N GLY A 450 23.85 -24.33 -20.89
CA GLY A 450 23.33 -25.47 -21.60
C GLY A 450 23.80 -26.78 -21.01
N VAL A 451 25.06 -26.83 -20.60
CA VAL A 451 25.63 -28.03 -20.00
C VAL A 451 24.82 -28.44 -18.77
N TRP A 452 24.42 -27.44 -17.97
CA TRP A 452 23.64 -27.70 -16.77
C TRP A 452 22.23 -28.15 -17.17
N LEU A 453 21.62 -27.41 -18.10
CA LEU A 453 20.26 -27.72 -18.55
C LEU A 453 20.08 -29.12 -19.12
N THR A 454 21.15 -29.71 -19.65
CA THR A 454 21.06 -31.06 -20.19
C THR A 454 20.66 -32.03 -19.09
N GLN A 455 21.00 -31.68 -17.85
CA GLN A 455 20.65 -32.51 -16.70
C GLN A 455 19.13 -32.71 -16.61
N HIS A 456 18.38 -31.68 -16.93
CA HIS A 456 16.92 -31.75 -16.89
C HIS A 456 16.38 -32.66 -17.99
N LEU A 457 17.02 -32.63 -19.15
CA LEU A 457 16.59 -33.48 -20.26
C LEU A 457 16.77 -34.94 -19.82
N TRP A 458 17.93 -35.21 -19.24
CA TRP A 458 18.29 -36.55 -18.78
C TRP A 458 17.37 -37.05 -17.66
N GLU A 459 17.12 -36.21 -16.66
CA GLU A 459 16.27 -36.58 -15.53
C GLU A 459 14.85 -36.93 -15.98
N HIS A 460 14.34 -36.23 -16.99
CA HIS A 460 12.99 -36.52 -17.46
C HIS A 460 12.97 -37.98 -17.90
N TYR A 461 14.10 -38.48 -18.36
CA TYR A 461 14.21 -39.88 -18.77
C TYR A 461 14.48 -40.81 -17.58
N THR A 462 15.43 -40.43 -16.71
CA THR A 462 15.75 -41.28 -15.56
C THR A 462 14.51 -41.61 -14.73
N PHE A 463 13.61 -40.64 -14.60
CA PHE A 463 12.39 -40.84 -13.83
C PHE A 463 11.30 -41.57 -14.61
N GLY A 464 11.05 -41.14 -15.85
CA GLY A 464 10.01 -41.74 -16.67
C GLY A 464 10.39 -42.91 -17.58
N GLU A 465 11.67 -42.98 -17.96
CA GLU A 465 12.19 -44.04 -18.81
C GLU A 465 11.53 -44.18 -20.20
N ASP A 466 11.09 -43.08 -20.78
CA ASP A 466 10.51 -43.13 -22.12
C ASP A 466 11.69 -43.19 -23.08
N GLU A 467 11.94 -44.37 -23.65
CA GLU A 467 13.06 -44.55 -24.58
C GLU A 467 12.95 -43.69 -25.82
N ALA A 468 11.71 -43.54 -26.33
CA ALA A 468 11.48 -42.73 -27.53
C ALA A 468 11.88 -41.28 -27.26
N TYR A 469 11.55 -40.80 -26.07
CA TYR A 469 11.89 -39.44 -25.68
C TYR A 469 13.41 -39.30 -25.65
N LEU A 470 14.08 -40.25 -25.03
CA LEU A 470 15.54 -40.19 -24.93
C LEU A 470 16.22 -40.23 -26.30
N ARG A 471 15.81 -41.18 -27.13
CA ARG A 471 16.39 -41.32 -28.46
C ARG A 471 16.10 -40.18 -29.42
N ASP A 472 14.87 -39.68 -29.43
CA ASP A 472 14.50 -38.62 -30.36
C ASP A 472 14.59 -37.18 -29.88
N THR A 473 14.56 -36.97 -28.57
CA THR A 473 14.62 -35.61 -28.05
C THR A 473 15.83 -35.32 -27.18
N ALA A 474 15.88 -35.94 -26.00
CA ALA A 474 16.96 -35.70 -25.05
C ALA A 474 18.39 -35.97 -25.53
N TYR A 475 18.70 -37.23 -25.85
CA TYR A 475 20.06 -37.57 -26.26
C TYR A 475 20.67 -36.69 -27.34
N PRO A 476 19.92 -36.41 -28.41
CA PRO A 476 20.50 -35.56 -29.47
C PRO A 476 21.01 -34.22 -28.92
N ILE A 477 20.22 -33.61 -28.04
CA ILE A 477 20.60 -32.33 -27.45
C ILE A 477 21.73 -32.52 -26.47
N LYS A 479 23.99 -34.84 -26.42
CA LYS A 479 25.21 -35.11 -27.17
C LYS A 479 25.80 -33.83 -27.75
N GLU A 480 24.97 -32.98 -28.31
CA GLU A 480 25.46 -31.73 -28.89
C GLU A 480 26.05 -30.83 -27.80
N ALA A 481 25.59 -30.98 -26.57
CA ALA A 481 26.11 -30.17 -25.47
C ALA A 481 27.50 -30.69 -25.11
N ALA A 482 27.64 -32.02 -25.08
CA ALA A 482 28.90 -32.66 -24.75
C ALA A 482 29.93 -32.35 -25.84
N LEU A 483 29.45 -32.29 -27.07
CA LEU A 483 30.33 -31.96 -28.19
C LEU A 483 30.98 -30.58 -28.01
N PHE A 484 30.17 -29.65 -27.49
CA PHE A 484 30.68 -28.32 -27.23
C PHE A 484 31.75 -28.40 -26.14
N CYS A 485 31.47 -29.20 -25.12
CA CYS A 485 32.40 -29.37 -24.00
C CYS A 485 33.71 -29.98 -24.46
N LEU A 486 33.65 -30.92 -25.41
CA LEU A 486 34.86 -31.54 -25.93
C LEU A 486 35.72 -30.47 -26.60
N ASP A 487 35.08 -29.48 -27.21
CA ASP A 487 35.83 -28.41 -27.88
C ASP A 487 36.22 -27.30 -26.91
N TRP A 488 35.37 -27.04 -25.92
CA TRP A 488 35.64 -25.99 -24.94
C TRP A 488 36.82 -26.41 -24.06
N LEU A 489 36.95 -27.72 -23.85
CA LEU A 489 38.04 -28.24 -23.03
C LEU A 489 39.37 -28.16 -23.76
N ILE A 490 40.40 -27.65 -23.09
CA ILE A 490 41.74 -27.57 -23.65
C ILE A 490 42.74 -28.15 -22.66
N GLU A 491 43.92 -28.53 -23.15
CA GLU A 491 44.94 -29.10 -22.29
C GLU A 491 45.73 -28.02 -21.57
N ASN A 492 46.08 -28.25 -20.31
CA ASN A 492 46.89 -27.29 -19.58
C ASN A 492 48.32 -27.80 -19.69
N GLU A 493 49.26 -27.15 -19.00
CA GLU A 493 50.67 -27.57 -19.06
C GLU A 493 50.89 -29.02 -18.66
N ALA A 494 50.23 -29.46 -17.59
CA ALA A 494 50.38 -30.82 -17.10
C ALA A 494 49.70 -31.84 -18.00
N GLY A 495 48.90 -31.36 -18.94
CA GLY A 495 48.21 -32.27 -19.84
C GLY A 495 46.79 -32.59 -19.41
N TYR A 496 46.28 -31.87 -18.43
CA TYR A 496 44.92 -32.07 -17.96
C TYR A 496 43.96 -31.23 -18.78
N LEU A 497 42.71 -31.66 -18.88
CA LEU A 497 41.72 -30.90 -19.62
C LEU A 497 41.10 -29.86 -18.69
N VAL A 498 41.08 -28.62 -19.14
CA VAL A 498 40.53 -27.52 -18.35
C VAL A 498 39.72 -26.60 -19.24
N THR A 499 39.04 -25.65 -18.63
CA THR A 499 38.27 -24.66 -19.38
C THR A 499 38.94 -23.32 -19.10
N SER A 500 38.86 -22.40 -20.06
CA SER A 500 39.47 -21.10 -19.88
C SER A 500 39.00 -20.18 -21.01
N PRO A 501 38.39 -19.03 -20.66
CA PRO A 501 38.10 -18.51 -19.31
C PRO A 501 37.03 -19.32 -18.59
N SER A 502 37.08 -19.28 -17.26
CA SER A 502 36.13 -20.00 -16.42
C SER A 502 35.75 -19.13 -15.23
N THR A 503 34.49 -19.24 -14.80
CA THR A 503 34.01 -18.46 -13.66
C THR A 503 33.15 -19.32 -12.75
N SER A 504 33.04 -18.93 -11.49
CA SER A 504 32.21 -19.64 -10.54
C SER A 504 31.11 -18.65 -10.19
N PRO A 505 29.92 -18.84 -10.77
CA PRO A 505 28.74 -18.01 -10.59
C PRO A 505 28.67 -17.00 -9.43
N GLU A 506 28.87 -15.75 -9.85
CA GLU A 506 28.82 -14.55 -9.02
C GLU A 506 29.89 -14.35 -7.95
N GLN A 507 30.80 -15.32 -7.77
CA GLN A 507 31.85 -15.18 -6.76
C GLN A 507 33.24 -14.92 -7.35
N ARG A 508 33.90 -13.88 -6.87
CA ARG A 508 35.25 -13.59 -7.34
C ARG A 508 36.21 -14.22 -6.34
N PHE A 509 37.45 -14.44 -6.78
CA PHE A 509 38.46 -14.99 -5.90
C PHE A 509 39.43 -13.86 -5.61
N ARG A 510 40.13 -13.96 -4.49
CA ARG A 510 41.09 -12.96 -4.09
C ARG A 510 42.54 -13.36 -4.23
N ILE A 511 43.37 -12.34 -4.37
CA ILE A 511 44.82 -12.44 -4.44
C ILE A 511 45.18 -11.10 -3.84
N GLY A 512 45.59 -11.11 -2.58
CA GLY A 512 45.91 -9.84 -1.93
C GLY A 512 44.57 -9.19 -1.67
N GLU A 513 44.50 -7.87 -1.81
CA GLU A 513 43.26 -7.14 -1.56
C GLU A 513 42.31 -7.19 -2.77
N LYS A 514 42.87 -7.43 -3.96
CA LYS A 514 42.06 -7.46 -5.17
C LYS A 514 41.26 -8.72 -5.44
N GLY A 515 40.08 -8.52 -6.01
CA GLY A 515 39.20 -9.62 -6.36
C GLY A 515 39.18 -9.81 -7.86
N TYR A 516 39.23 -11.05 -8.31
CA TYR A 516 39.25 -11.35 -9.73
C TYR A 516 38.08 -12.25 -10.11
N ALA A 517 37.71 -12.22 -11.39
CA ALA A 517 36.59 -13.02 -11.87
C ALA A 517 36.95 -14.31 -12.63
N VAL A 518 37.76 -14.18 -13.67
CA VAL A 518 38.10 -15.33 -14.49
C VAL A 518 39.41 -16.04 -14.18
N SER A 519 39.41 -17.35 -14.38
CA SER A 519 40.59 -18.19 -14.18
C SER A 519 40.31 -19.43 -15.02
N SER A 520 41.01 -20.53 -14.78
CA SER A 520 40.77 -21.74 -15.56
C SER A 520 40.19 -22.90 -14.76
N ALA A 521 39.27 -23.63 -15.40
CA ALA A 521 38.62 -24.78 -14.81
C ALA A 521 38.07 -24.62 -13.38
N THR A 522 37.02 -23.82 -13.23
CA THR A 522 36.42 -23.67 -11.92
C THR A 522 35.81 -25.03 -11.60
N THR A 523 35.58 -25.30 -10.31
CA THR A 523 35.02 -26.58 -9.92
C THR A 523 33.62 -26.83 -10.49
N ASP A 525 32.55 -25.80 -13.39
CA ASP A 525 32.78 -26.16 -14.80
C ASP A 525 33.10 -27.64 -14.88
N LEU A 526 34.14 -28.04 -14.15
CA LEU A 526 34.60 -29.42 -14.12
C LEU A 526 33.50 -30.38 -13.69
N SER A 527 32.69 -29.96 -12.73
CA SER A 527 31.61 -30.80 -12.24
C SER A 527 30.48 -30.93 -13.26
N LEU A 528 30.06 -29.82 -13.84
CA LEU A 528 28.98 -29.86 -14.84
C LEU A 528 29.39 -30.64 -16.09
N ILE A 529 30.63 -30.48 -16.53
CA ILE A 529 31.13 -31.19 -17.71
C ILE A 529 31.14 -32.69 -17.46
N ALA A 530 31.73 -33.09 -16.33
CA ALA A 530 31.83 -34.49 -15.97
C ALA A 530 30.44 -35.14 -15.89
N GLU A 531 29.49 -34.45 -15.28
CA GLU A 531 28.13 -34.96 -15.13
C GLU A 531 27.52 -35.12 -16.52
N CYS A 532 27.73 -34.12 -17.37
CA CYS A 532 27.20 -34.15 -18.73
C CYS A 532 27.76 -35.36 -19.48
N PHE A 533 29.07 -35.58 -19.37
CA PHE A 533 29.68 -36.72 -20.03
C PHE A 533 29.11 -38.01 -19.46
N ASP A 534 29.03 -38.08 -18.14
CA ASP A 534 28.49 -39.26 -17.47
C ASP A 534 27.08 -39.57 -17.96
N ASN A 535 26.24 -38.55 -18.00
CA ASN A 535 24.87 -38.74 -18.44
C ASN A 535 24.79 -39.18 -19.91
N CYS A 536 25.61 -38.57 -20.76
CA CYS A 536 25.61 -38.92 -22.17
C CYS A 536 26.03 -40.38 -22.33
N ILE A 537 27.09 -40.78 -21.63
CA ILE A 537 27.59 -42.13 -21.71
C ILE A 537 26.49 -43.13 -21.32
N GLN A 538 25.81 -42.86 -20.21
CA GLN A 538 24.74 -43.74 -19.77
C GLN A 538 23.56 -43.74 -20.73
N ALA A 539 23.33 -42.62 -21.40
CA ALA A 539 22.23 -42.52 -22.35
C ALA A 539 22.55 -43.34 -23.60
N ALA A 540 23.75 -43.15 -24.13
CA ALA A 540 24.20 -43.86 -25.33
C ALA A 540 24.10 -45.36 -25.15
N LYS A 541 24.47 -45.84 -23.95
CA LYS A 541 24.43 -47.25 -23.66
C LYS A 541 23.00 -47.76 -23.53
N ARG A 542 22.12 -46.96 -22.94
CA ARG A 542 20.73 -47.35 -22.81
C ARG A 542 20.12 -47.49 -24.20
N LEU A 543 20.59 -46.65 -25.13
CA LEU A 543 20.11 -46.66 -26.51
C LEU A 543 20.93 -47.62 -27.37
N SER A 544 22.03 -48.14 -26.81
CA SER A 544 22.92 -49.05 -27.52
C SER A 544 23.45 -48.43 -28.81
N ILE A 545 24.02 -47.24 -28.72
CA ILE A 545 24.55 -46.54 -29.88
C ILE A 545 25.80 -45.75 -29.52
N ASP A 546 26.41 -45.13 -30.53
CA ASP A 546 27.60 -44.32 -30.34
C ASP A 546 28.71 -44.93 -29.49
N GLU A 547 29.13 -46.15 -29.81
CA GLU A 547 30.18 -46.82 -29.04
C GLU A 547 31.46 -45.99 -29.06
N ASP A 548 31.76 -45.40 -30.21
CA ASP A 548 32.95 -44.59 -30.37
C ASP A 548 32.86 -43.28 -29.57
N PHE A 549 31.70 -42.63 -29.64
CA PHE A 549 31.48 -41.38 -28.94
C PHE A 549 31.66 -41.60 -27.43
N VAL A 550 31.12 -42.70 -26.93
CA VAL A 550 31.22 -43.07 -25.52
C VAL A 550 32.67 -43.12 -25.03
N LYS A 551 33.51 -43.80 -25.79
CA LYS A 551 34.92 -43.92 -25.43
C LYS A 551 35.60 -42.56 -25.44
N ALA A 552 35.20 -41.70 -26.37
CA ALA A 552 35.76 -40.36 -26.46
C ALA A 552 35.40 -39.54 -25.22
N LEU A 553 34.16 -39.69 -24.75
CA LEU A 553 33.72 -38.97 -23.56
C LEU A 553 34.35 -39.55 -22.31
N SER A 554 34.54 -40.86 -22.30
CA SER A 554 35.13 -41.54 -21.17
C SER A 554 36.58 -41.10 -21.01
N ASP A 555 37.30 -41.01 -22.12
CA ASP A 555 38.70 -40.60 -22.07
C ASP A 555 38.81 -39.15 -21.64
N ALA A 556 38.02 -38.28 -22.25
CA ALA A 556 38.02 -36.86 -21.92
C ALA A 556 37.76 -36.69 -20.42
N LYS A 557 36.70 -37.33 -19.93
CA LYS A 557 36.35 -37.24 -18.53
C LYS A 557 37.50 -37.63 -17.62
N GLN A 558 38.23 -38.66 -18.01
CA GLN A 558 39.35 -39.12 -17.19
C GLN A 558 40.54 -38.16 -17.24
N ARG A 559 40.52 -37.22 -18.17
CA ARG A 559 41.61 -36.28 -18.27
C ARG A 559 41.29 -34.92 -17.66
N LEU A 560 40.08 -34.80 -17.11
CA LEU A 560 39.67 -33.55 -16.48
C LEU A 560 40.55 -33.24 -15.27
N LEU A 561 40.83 -31.96 -15.05
CA LEU A 561 41.63 -31.56 -13.91
C LEU A 561 40.91 -32.04 -12.66
N PRO A 562 41.58 -32.84 -11.82
CA PRO A 562 40.98 -33.36 -10.59
C PRO A 562 40.46 -32.27 -9.66
N LEU A 563 39.44 -32.59 -8.89
CA LEU A 563 38.88 -31.64 -7.93
C LEU A 563 39.86 -31.67 -6.76
N GLN A 564 39.89 -30.59 -5.98
CA GLN A 564 40.82 -30.49 -4.86
C GLN A 564 40.20 -30.05 -3.55
N ILE A 565 40.86 -30.41 -2.46
CA ILE A 565 40.44 -30.03 -1.12
C ILE A 565 41.38 -28.91 -0.67
N GLY A 566 40.79 -27.76 -0.31
CA GLY A 566 41.57 -26.61 0.11
C GLY A 566 42.21 -26.64 1.48
N LYS A 567 42.98 -25.60 1.79
CA LYS A 567 43.69 -25.51 3.07
C LYS A 567 42.78 -25.43 4.29
N ARG A 568 41.50 -25.18 4.08
CA ARG A 568 40.56 -25.12 5.19
C ARG A 568 39.81 -26.44 5.25
N GLY A 569 40.27 -27.40 4.45
CA GLY A 569 39.62 -28.70 4.42
C GLY A 569 38.34 -28.60 3.60
N GLN A 570 38.20 -27.51 2.86
CA GLN A 570 37.00 -27.29 2.05
C GLN A 570 37.18 -27.68 0.59
N LEU A 571 36.08 -28.00 -0.08
CA LEU A 571 36.14 -28.34 -1.49
C LEU A 571 36.49 -27.04 -2.21
N GLN A 572 37.60 -27.03 -2.93
CA GLN A 572 38.02 -25.82 -3.64
C GLN A 572 37.03 -25.39 -4.72
N GLU A 573 36.74 -24.09 -4.75
CA GLU A 573 35.82 -23.54 -5.74
C GLU A 573 36.56 -23.26 -7.05
N TRP A 574 37.87 -23.02 -6.95
CA TRP A 574 38.69 -22.73 -8.13
C TRP A 574 39.82 -23.76 -8.29
N SER A 575 40.50 -23.73 -9.43
CA SER A 575 41.60 -24.66 -9.70
C SER A 575 42.81 -24.35 -8.82
N ASN A 576 42.80 -23.17 -8.22
CA ASN A 576 43.86 -22.75 -7.31
C ASN A 576 43.16 -22.45 -5.99
N ASP A 577 43.84 -22.66 -4.88
CA ASP A 577 43.24 -22.42 -3.57
C ASP A 577 43.22 -20.93 -3.22
N PHE A 578 42.45 -20.16 -3.99
CA PHE A 578 42.33 -18.70 -3.78
C PHE A 578 41.51 -18.37 -2.53
N GLU A 579 41.65 -17.14 -2.05
CA GLU A 579 40.88 -16.66 -0.91
C GLU A 579 39.51 -16.27 -1.46
N ASP A 580 38.46 -16.45 -0.66
CA ASP A 580 37.13 -16.06 -1.10
C ASP A 580 37.03 -14.54 -0.97
N GLU A 581 36.34 -13.88 -1.89
CA GLU A 581 36.16 -12.44 -1.75
C GLU A 581 35.06 -12.26 -0.71
N ASP A 582 34.18 -13.26 -0.62
CA ASP A 582 33.08 -13.25 0.34
C ASP A 582 32.86 -14.67 0.84
N VAL A 583 33.34 -14.95 2.06
CA VAL A 583 33.20 -16.27 2.64
C VAL A 583 31.76 -16.73 2.78
N HIS A 584 30.82 -15.79 2.79
CA HIS A 584 29.42 -16.12 2.91
C HIS A 584 28.64 -15.89 1.62
N HIS A 585 29.32 -16.00 0.47
CA HIS A 585 28.67 -15.81 -0.81
C HIS A 585 27.39 -16.67 -0.90
N ARG A 586 26.30 -16.10 -1.40
CA ARG A 586 25.01 -16.80 -1.50
C ARG A 586 25.00 -17.98 -2.46
N HIS A 587 25.85 -17.96 -3.48
CA HIS A 587 25.94 -19.07 -4.42
C HIS A 587 26.86 -20.14 -3.83
N VAL A 588 26.66 -21.38 -4.25
CA VAL A 588 27.49 -22.51 -3.81
C VAL A 588 27.69 -23.37 -5.05
N SER A 589 28.08 -22.68 -6.13
CA SER A 589 28.29 -23.29 -7.44
C SER A 589 29.24 -24.47 -7.49
N HIS A 590 30.29 -24.46 -6.66
CA HIS A 590 31.23 -25.57 -6.66
C HIS A 590 30.64 -26.82 -6.02
N LEU A 591 29.43 -26.71 -5.47
CA LEU A 591 28.79 -27.86 -4.83
C LEU A 591 27.65 -28.42 -5.70
N VAL A 592 27.53 -27.90 -6.92
CA VAL A 592 26.49 -28.37 -7.84
C VAL A 592 26.57 -29.89 -8.01
N GLY A 593 27.77 -30.44 -7.84
CA GLY A 593 27.97 -31.87 -7.97
C GLY A 593 27.34 -32.69 -6.84
N ILE A 594 27.04 -32.02 -5.73
CA ILE A 594 26.41 -32.69 -4.58
C ILE A 594 24.91 -32.71 -4.82
N TYR A 595 24.39 -31.57 -5.25
CA TYR A 595 22.98 -31.39 -5.59
C TYR A 595 22.92 -30.11 -6.42
N PRO A 596 22.13 -30.09 -7.51
CA PRO A 596 21.26 -31.13 -8.07
C PRO A 596 21.97 -32.26 -8.80
N GLY A 597 23.28 -32.16 -8.95
CA GLY A 597 24.02 -33.22 -9.61
C GLY A 597 24.23 -34.39 -8.66
N ARG A 598 24.76 -35.51 -9.16
CA ARG A 598 25.02 -36.67 -8.32
C ARG A 598 26.46 -37.13 -8.46
N LEU A 599 27.28 -36.27 -9.06
CA LEU A 599 28.70 -36.56 -9.30
C LEU A 599 29.46 -36.90 -8.01
N ILE A 600 29.23 -36.10 -6.97
CA ILE A 600 29.92 -36.31 -5.71
C ILE A 600 28.99 -36.83 -4.62
N THR A 601 29.23 -38.06 -4.18
CA THR A 601 28.45 -38.69 -3.11
C THR A 601 29.43 -39.35 -2.15
N GLU A 602 28.96 -39.77 -0.99
CA GLU A 602 29.87 -40.41 -0.02
C GLU A 602 30.54 -41.62 -0.66
N GLN A 603 29.80 -42.32 -1.49
CA GLN A 603 30.29 -43.51 -2.16
C GLN A 603 31.27 -43.22 -3.30
N SER A 604 30.97 -42.21 -4.12
CA SER A 604 31.82 -41.90 -5.27
C SER A 604 33.13 -41.20 -4.92
N ALA A 605 33.06 -40.25 -3.98
CA ALA A 605 34.24 -39.49 -3.57
C ALA A 605 34.09 -39.08 -2.11
N PRO A 606 34.30 -40.04 -1.19
CA PRO A 606 34.17 -39.76 0.25
C PRO A 606 34.92 -38.53 0.77
N ASN A 607 36.15 -38.33 0.35
CA ASN A 607 36.89 -37.18 0.84
C ASN A 607 36.35 -35.87 0.28
N LEU A 608 36.04 -35.83 -1.01
CA LEU A 608 35.50 -34.64 -1.65
C LEU A 608 34.13 -34.32 -1.05
N PHE A 609 33.35 -35.37 -0.82
CA PHE A 609 32.02 -35.23 -0.24
C PHE A 609 32.13 -34.52 1.11
N GLU A 610 33.07 -34.97 1.95
CA GLU A 610 33.29 -34.36 3.26
C GLU A 610 33.73 -32.91 3.15
N ALA A 611 34.65 -32.63 2.23
CA ALA A 611 35.15 -31.27 2.03
C ALA A 611 34.00 -30.36 1.60
N ALA A 612 33.09 -30.89 0.78
CA ALA A 612 31.95 -30.12 0.30
C ALA A 612 31.10 -29.72 1.50
N LYS A 613 31.01 -30.60 2.49
CA LYS A 613 30.25 -30.32 3.69
C LYS A 613 30.91 -29.16 4.44
N THR A 614 32.24 -29.18 4.49
CA THR A 614 32.97 -28.09 5.15
C THR A 614 32.75 -26.78 4.39
N SER A 615 32.74 -26.85 3.07
CA SER A 615 32.52 -25.65 2.25
C SER A 615 31.17 -25.05 2.62
N LEU A 616 30.16 -25.91 2.72
CA LEU A 616 28.80 -25.47 3.05
C LEU A 616 28.79 -24.85 4.43
N GLU A 617 29.48 -25.49 5.39
CA GLU A 617 29.57 -24.98 6.75
C GLU A 617 30.13 -23.56 6.75
N ILE A 618 31.20 -23.36 5.99
CA ILE A 618 31.85 -22.05 5.92
C ILE A 618 30.94 -21.00 5.28
N ARG A 619 30.19 -21.41 4.26
CA ARG A 619 29.28 -20.50 3.56
C ARG A 619 28.17 -19.95 4.46
N GLY A 620 27.75 -20.74 5.45
CA GLY A 620 26.71 -20.29 6.36
C GLY A 620 25.30 -20.72 5.98
N ASP A 621 24.35 -20.54 6.90
CA ASP A 621 22.96 -20.92 6.67
C ASP A 621 22.06 -19.75 6.27
N GLU A 622 22.65 -18.61 5.98
CA GLU A 622 21.87 -17.44 5.58
C GLU A 622 21.80 -17.35 4.06
N GLY A 623 21.11 -16.33 3.56
CA GLY A 623 21.02 -16.16 2.13
C GLY A 623 19.64 -15.80 1.61
N THR A 624 19.58 -15.54 0.30
CA THR A 624 18.32 -15.22 -0.35
C THR A 624 17.47 -16.48 -0.30
N GLY A 625 16.21 -16.35 -0.68
CA GLY A 625 15.32 -17.50 -0.67
C GLY A 625 15.83 -18.68 -1.48
N TRP A 626 16.43 -18.42 -2.63
CA TRP A 626 16.92 -19.53 -3.43
C TRP A 626 18.16 -20.17 -2.80
N SER A 627 19.03 -19.35 -2.23
CA SER A 627 20.23 -19.85 -1.59
C SER A 627 19.80 -20.85 -0.50
N LEU A 628 18.85 -20.44 0.33
CA LEU A 628 18.33 -21.29 1.40
C LEU A 628 17.74 -22.58 0.83
N GLY A 629 16.97 -22.45 -0.24
CA GLY A 629 16.34 -23.59 -0.88
C GLY A 629 17.37 -24.59 -1.39
N TRP A 630 18.45 -24.08 -1.95
CA TRP A 630 19.52 -24.92 -2.44
C TRP A 630 20.16 -25.66 -1.26
N LYS A 631 20.40 -24.93 -0.18
CA LYS A 631 21.01 -25.52 1.00
C LYS A 631 20.13 -26.59 1.64
N ILE A 632 18.81 -26.51 1.44
CA ILE A 632 17.93 -27.51 2.01
C ILE A 632 18.26 -28.86 1.36
N SER A 633 18.27 -28.91 0.03
CA SER A 633 18.57 -30.15 -0.66
C SER A 633 20.01 -30.62 -0.46
N LEU A 634 20.96 -29.69 -0.39
CA LEU A 634 22.35 -30.06 -0.16
C LEU A 634 22.44 -30.79 1.18
N TRP A 635 21.86 -30.20 2.23
CA TRP A 635 21.90 -30.85 3.53
C TRP A 635 21.09 -32.14 3.54
N ALA A 636 20.09 -32.21 2.66
CA ALA A 636 19.28 -33.43 2.56
C ALA A 636 20.20 -34.52 2.01
N ARG A 637 21.06 -34.16 1.06
CA ARG A 637 22.01 -35.09 0.47
C ARG A 637 23.08 -35.46 1.51
N PHE A 638 23.38 -34.55 2.43
CA PHE A 638 24.35 -34.81 3.49
C PHE A 638 23.66 -35.57 4.61
N LYS A 639 22.37 -35.83 4.41
CA LYS A 639 21.55 -36.59 5.36
C LYS A 639 21.37 -35.91 6.72
N ASP A 640 21.42 -34.59 6.75
CA ASP A 640 21.27 -33.86 8.01
C ASP A 640 19.87 -33.24 8.12
N GLY A 641 18.90 -34.06 8.50
CA GLY A 641 17.52 -33.61 8.63
C GLY A 641 17.32 -32.40 9.54
N ASN A 642 17.98 -32.40 10.68
CA ASN A 642 17.86 -31.29 11.62
C ASN A 642 18.39 -30.00 11.00
N ARG A 643 19.45 -30.10 10.21
CA ARG A 643 20.00 -28.92 9.56
C ARG A 643 19.04 -28.47 8.45
N CYS A 644 18.39 -29.42 7.79
CA CYS A 644 17.43 -29.09 6.75
C CYS A 644 16.29 -28.28 7.35
N GLU A 645 15.87 -28.66 8.54
CA GLU A 645 14.79 -27.95 9.22
C GLU A 645 15.21 -26.53 9.60
N ARG A 646 16.48 -26.34 9.94
CA ARG A 646 16.97 -25.01 10.30
C ARG A 646 16.82 -24.08 9.09
N LEU A 647 17.22 -24.56 7.93
CA LEU A 647 17.13 -23.78 6.70
C LEU A 647 15.68 -23.52 6.37
N LEU A 648 14.86 -24.55 6.48
CA LEU A 648 13.43 -24.44 6.21
C LEU A 648 12.88 -23.36 7.15
N SER A 649 13.32 -23.38 8.40
CA SER A 649 12.89 -22.40 9.38
C SER A 649 13.28 -21.01 8.89
N ASN A 650 14.51 -20.90 8.39
CA ASN A 650 14.99 -19.64 7.87
C ASN A 650 14.12 -19.13 6.73
N LEU A 652 10.97 -19.82 6.22
CA LEU A 652 9.64 -19.52 6.71
C LEU A 652 9.72 -18.34 7.67
N THR A 653 10.27 -17.24 7.16
CA THR A 653 10.43 -16.00 7.90
C THR A 653 9.61 -14.99 7.10
N LEU A 654 8.66 -14.33 7.76
CA LEU A 654 7.83 -13.35 7.07
C LEU A 654 8.63 -12.12 6.66
N ILE A 655 8.66 -11.86 5.36
CA ILE A 655 9.37 -10.72 4.80
C ILE A 655 8.31 -9.72 4.33
N LYS A 656 8.59 -8.44 4.48
CA LYS A 656 7.63 -7.42 4.05
C LYS A 656 8.23 -6.65 2.90
N GLU A 657 7.37 -6.03 2.08
CA GLU A 657 7.85 -5.31 0.91
C GLU A 657 8.83 -4.16 1.10
N ASP A 658 9.07 -3.76 2.34
CA ASP A 658 10.02 -2.67 2.57
C ASP A 658 11.31 -3.21 3.20
N GLU A 659 11.60 -4.49 2.97
CA GLU A 659 12.80 -5.12 3.48
C GLU A 659 14.03 -4.41 2.91
N SER A 660 14.88 -3.88 3.78
CA SER A 660 16.06 -3.15 3.34
C SER A 660 17.21 -4.05 2.89
N GLN A 662 19.08 -6.56 0.88
CA GLN A 662 18.95 -7.13 -0.46
C GLN A 662 19.08 -8.65 -0.57
N HIS A 663 19.62 -9.31 0.46
CA HIS A 663 19.78 -10.76 0.42
C HIS A 663 19.13 -11.52 1.56
N ARG A 664 18.11 -10.93 2.17
CA ARG A 664 17.43 -11.60 3.28
C ARG A 664 16.27 -12.45 2.77
N GLY A 665 16.51 -13.75 2.61
CA GLY A 665 15.49 -14.66 2.13
C GLY A 665 14.35 -14.91 3.10
N GLY A 666 13.24 -15.37 2.56
CA GLY A 666 12.07 -15.66 3.39
C GLY A 666 10.86 -15.84 2.49
N VAL A 667 9.69 -15.50 3.02
CA VAL A 667 8.44 -15.61 2.26
C VAL A 667 7.55 -14.43 2.61
N TYR A 668 6.74 -14.00 1.65
CA TYR A 668 5.82 -12.88 1.84
C TYR A 668 4.51 -13.38 2.46
N ALA A 669 3.60 -12.45 2.69
CA ALA A 669 2.29 -12.77 3.27
C ALA A 669 1.55 -13.86 2.50
N ASN A 670 1.62 -13.82 1.17
CA ASN A 670 0.93 -14.80 0.33
C ASN A 670 1.78 -16.06 0.09
N LEU A 671 2.77 -16.25 0.94
CA LEU A 671 3.68 -17.40 0.88
C LEU A 671 4.60 -17.44 -0.35
N PHE A 672 4.65 -16.34 -1.09
CA PHE A 672 5.54 -16.24 -2.25
C PHE A 672 6.95 -16.16 -1.68
N GLY A 673 7.91 -16.77 -2.37
CA GLY A 673 9.28 -16.74 -1.92
C GLY A 673 9.88 -15.35 -2.02
N ALA A 674 10.78 -15.02 -1.09
CA ALA A 674 11.44 -13.72 -1.08
C ALA A 674 12.95 -13.83 -1.27
N HIS A 675 13.48 -13.00 -2.16
CA HIS A 675 14.90 -12.96 -2.46
C HIS A 675 15.61 -12.07 -1.41
N PRO A 676 15.10 -10.84 -1.18
CA PRO A 676 13.94 -10.18 -1.80
C PRO A 676 14.36 -9.45 -3.07
N PRO A 677 13.39 -9.03 -3.90
CA PRO A 677 11.94 -9.16 -3.75
C PRO A 677 11.41 -10.53 -4.14
N PHE A 678 10.17 -10.58 -4.62
CA PHE A 678 9.59 -11.85 -5.01
C PHE A 678 10.35 -12.60 -6.08
N GLN A 679 10.69 -13.84 -5.76
CA GLN A 679 11.40 -14.74 -6.67
C GLN A 679 10.80 -16.12 -6.39
N ILE A 680 10.26 -16.75 -7.43
CA ILE A 680 9.60 -18.04 -7.28
C ILE A 680 10.54 -19.22 -7.07
N ASP A 681 11.80 -19.09 -7.46
CA ASP A 681 12.74 -20.18 -7.27
C ASP A 681 12.71 -20.71 -5.83
N GLY A 682 12.57 -19.82 -4.86
CA GLY A 682 12.53 -20.25 -3.46
C GLY A 682 11.37 -21.20 -3.17
N ASN A 683 10.22 -20.92 -3.77
CA ASN A 683 9.05 -21.76 -3.59
C ASN A 683 9.31 -23.16 -4.15
N PHE A 684 9.92 -23.22 -5.33
CA PHE A 684 10.19 -24.49 -5.95
C PHE A 684 11.28 -25.29 -5.26
N SER A 685 12.32 -24.61 -4.76
CA SER A 685 13.39 -25.31 -4.07
C SER A 685 12.88 -25.89 -2.75
N ALA A 686 12.02 -25.14 -2.07
CA ALA A 686 11.46 -25.59 -0.81
C ALA A 686 10.71 -26.90 -1.02
N THR A 687 9.86 -26.93 -2.04
CA THR A 687 9.09 -28.14 -2.33
C THR A 687 10.01 -29.31 -2.67
N ALA A 688 11.01 -29.06 -3.49
CA ALA A 688 11.95 -30.10 -3.91
C ALA A 688 12.81 -30.56 -2.74
N GLY A 689 13.26 -29.60 -1.94
CA GLY A 689 14.08 -29.92 -0.79
C GLY A 689 13.39 -30.84 0.18
N ILE A 690 12.14 -30.54 0.49
CA ILE A 690 11.34 -31.35 1.41
C ILE A 690 11.19 -32.76 0.87
N ALA A 691 10.96 -32.89 -0.44
CA ALA A 691 10.82 -34.21 -1.04
C ALA A 691 12.14 -34.98 -0.90
N GLU A 692 13.25 -34.28 -1.13
CA GLU A 692 14.58 -34.88 -1.06
C GLU A 692 14.96 -35.33 0.36
N LEU A 694 12.76 -36.76 2.36
CA LEU A 694 11.98 -37.96 2.60
C LEU A 694 12.31 -39.13 1.67
N LEU A 695 12.77 -38.81 0.47
CA LEU A 695 13.10 -39.84 -0.51
C LEU A 695 14.22 -39.39 -1.44
N GLN A 696 15.12 -40.32 -1.74
CA GLN A 696 16.23 -40.07 -2.66
C GLN A 696 16.38 -41.30 -3.55
N SER A 697 16.77 -41.08 -4.80
CA SER A 697 16.91 -42.19 -5.75
C SER A 697 17.97 -41.92 -6.82
N HIS A 698 18.97 -41.12 -6.46
CA HIS A 698 20.03 -40.77 -7.40
C HIS A 698 21.23 -41.73 -7.32
N GLN A 699 21.26 -42.58 -6.30
CA GLN A 699 22.40 -43.48 -6.12
C GLN A 699 22.18 -44.94 -6.55
N GLY A 700 21.13 -45.20 -7.31
CA GLY A 700 20.90 -46.56 -7.75
C GLY A 700 19.99 -47.35 -6.82
N TYR A 701 19.49 -46.69 -5.79
CA TYR A 701 18.58 -47.33 -4.84
C TYR A 701 17.67 -46.27 -4.23
N LEU A 702 16.45 -46.68 -3.91
CA LEU A 702 15.48 -45.78 -3.30
C LEU A 702 15.80 -45.70 -1.81
N GLU A 703 16.35 -44.57 -1.37
CA GLU A 703 16.66 -44.40 0.05
C GLU A 703 15.51 -43.69 0.73
N PHE A 704 14.96 -44.31 1.77
CA PHE A 704 13.84 -43.74 2.50
C PHE A 704 14.26 -42.94 3.73
N LEU A 705 13.59 -41.80 3.91
CA LEU A 705 13.86 -40.90 5.03
C LEU A 705 15.35 -40.65 5.22
N PRO A 706 16.03 -40.17 4.16
CA PRO A 706 17.47 -39.90 4.25
C PRO A 706 17.82 -38.72 5.16
N ALA A 707 16.90 -37.77 5.30
CA ALA A 707 17.15 -36.60 6.13
C ALA A 707 15.89 -36.11 6.84
N LEU A 708 15.34 -36.97 7.69
CA LEU A 708 14.13 -36.63 8.44
C LEU A 708 14.51 -35.87 9.71
N PRO A 709 13.91 -34.70 9.94
CA PRO A 709 14.22 -33.93 11.14
C PRO A 709 13.77 -34.72 12.35
N ASP A 710 14.49 -34.60 13.46
CA ASP A 710 14.10 -35.32 14.67
C ASP A 710 12.69 -34.92 15.11
N SER A 711 12.32 -33.66 14.85
CA SER A 711 11.01 -33.15 15.23
C SER A 711 9.83 -33.68 14.39
N TRP A 712 10.12 -34.23 13.22
CA TRP A 712 9.05 -34.78 12.37
C TRP A 712 8.86 -36.24 12.78
N LYS A 713 8.30 -36.43 13.96
CA LYS A 713 8.08 -37.75 14.55
C LYS A 713 7.19 -38.72 13.78
N ASP A 714 6.05 -38.23 13.32
CA ASP A 714 5.11 -39.09 12.62
C ASP A 714 4.62 -38.41 11.37
N GLY A 715 4.26 -39.22 10.37
CA GLY A 715 3.75 -38.65 9.15
C GLY A 715 3.81 -39.63 8.00
N TYR A 716 3.58 -39.11 6.80
CA TYR A 716 3.62 -39.92 5.60
C TYR A 716 3.61 -39.01 4.39
N VAL A 717 3.98 -39.58 3.25
CA VAL A 717 3.96 -38.87 1.99
C VAL A 717 3.56 -39.91 0.96
N LYS A 718 2.71 -39.52 0.03
CA LYS A 718 2.26 -40.43 -1.00
C LYS A 718 2.34 -39.79 -2.38
N GLY A 719 2.75 -40.57 -3.36
CA GLY A 719 2.84 -40.07 -4.72
C GLY A 719 4.20 -39.59 -5.20
N LEU A 720 5.22 -39.69 -4.36
CA LEU A 720 6.54 -39.25 -4.80
C LEU A 720 7.07 -40.22 -5.85
N ARG A 721 7.92 -39.71 -6.74
CA ARG A 721 8.48 -40.53 -7.81
C ARG A 721 9.98 -40.75 -7.61
N GLY A 722 10.44 -41.94 -7.99
CA GLY A 722 11.84 -42.25 -7.86
C GLY A 722 12.42 -42.66 -9.21
N ARG A 723 13.68 -42.34 -9.43
CA ARG A 723 14.34 -42.68 -10.68
C ARG A 723 14.17 -44.17 -10.96
N GLY A 724 13.89 -44.51 -12.22
CA GLY A 724 13.70 -45.90 -12.58
C GLY A 724 12.25 -46.27 -12.82
N GLY A 725 11.38 -45.26 -12.83
CA GLY A 725 9.97 -45.49 -13.08
C GLY A 725 9.18 -45.96 -11.87
N TYR A 726 9.52 -45.44 -10.70
CA TYR A 726 8.85 -45.81 -9.45
C TYR A 726 7.96 -44.72 -8.85
N GLU A 727 6.86 -45.14 -8.25
CA GLU A 727 5.96 -44.22 -7.56
C GLU A 727 5.97 -44.74 -6.13
N VAL A 728 6.33 -43.88 -5.20
CA VAL A 728 6.47 -44.28 -3.81
C VAL A 728 5.56 -43.63 -2.77
N ASP A 729 5.21 -44.43 -1.77
CA ASP A 729 4.40 -43.99 -0.62
C ASP A 729 5.19 -44.49 0.58
N LEU A 730 5.32 -43.67 1.61
CA LEU A 730 6.04 -44.08 2.80
C LEU A 730 5.47 -43.38 4.03
N ALA A 731 5.49 -44.08 5.16
CA ALA A 731 4.97 -43.53 6.39
C ALA A 731 5.91 -43.87 7.53
N TRP A 732 5.94 -43.00 8.53
CA TRP A 732 6.81 -43.23 9.67
C TRP A 732 6.11 -42.86 10.96
N THR A 733 6.59 -43.42 12.06
CA THR A 733 6.03 -43.16 13.38
C THR A 733 7.16 -43.26 14.39
N ASN A 734 7.17 -42.35 15.34
CA ASN A 734 8.19 -42.31 16.37
C ASN A 734 9.59 -42.22 15.75
N GLY A 735 9.69 -41.45 14.66
CA GLY A 735 10.97 -41.25 13.99
C GLY A 735 11.53 -42.37 13.14
N ALA A 736 10.76 -43.44 12.93
CA ALA A 736 11.24 -44.56 12.13
C ALA A 736 10.26 -45.03 11.07
N LEU A 737 10.80 -45.38 9.90
CA LEU A 737 10.00 -45.86 8.79
C LEU A 737 9.16 -47.04 9.27
N VAL A 738 7.87 -47.03 8.94
CA VAL A 738 7.01 -48.13 9.35
C VAL A 738 6.42 -48.86 8.15
N LYS A 739 6.17 -48.14 7.06
CA LYS A 739 5.59 -48.77 5.89
C LYS A 739 5.94 -48.03 4.60
N VAL A 740 6.19 -48.82 3.55
CA VAL A 740 6.53 -48.29 2.25
C VAL A 740 5.71 -49.04 1.20
N GLU A 741 5.26 -48.32 0.17
CA GLU A 741 4.51 -48.94 -0.92
C GLU A 741 5.15 -48.47 -2.21
N ILE A 742 5.56 -49.44 -3.03
CA ILE A 742 6.21 -49.14 -4.29
C ILE A 742 5.49 -49.73 -5.48
N VAL A 743 5.49 -48.98 -6.58
CA VAL A 743 4.88 -49.44 -7.82
C VAL A 743 5.83 -49.04 -8.94
N SER A 744 6.22 -50.03 -9.74
CA SER A 744 7.14 -49.80 -10.83
C SER A 744 6.42 -49.91 -12.18
N THR A 745 6.80 -49.06 -13.12
CA THR A 745 6.21 -49.10 -14.46
C THR A 745 7.08 -50.01 -15.31
N LYS A 746 8.10 -50.57 -14.67
CA LYS A 746 9.03 -51.44 -15.36
C LYS A 746 9.38 -52.68 -14.52
N THR A 747 9.32 -53.86 -15.15
CA THR A 747 9.66 -55.11 -14.48
C THR A 747 11.18 -55.09 -14.42
N GLN A 748 11.74 -55.08 -13.21
CA GLN A 748 13.18 -54.99 -13.06
C GLN A 748 13.57 -55.32 -11.63
N THR A 749 14.85 -55.18 -11.31
CA THR A 749 15.32 -55.43 -9.96
C THR A 749 15.30 -54.10 -9.22
N CYS A 750 14.56 -54.06 -8.11
CA CYS A 750 14.45 -52.85 -7.31
C CYS A 750 15.38 -52.93 -6.09
N GLU A 751 16.14 -51.85 -5.87
CA GLU A 751 17.04 -51.80 -4.74
C GLU A 751 16.62 -50.66 -3.82
N VAL A 752 16.47 -50.97 -2.54
CA VAL A 752 16.06 -49.96 -1.56
C VAL A 752 17.08 -49.87 -0.44
N LEU A 753 17.01 -48.77 0.32
CA LEU A 753 17.89 -48.58 1.44
C LEU A 753 17.04 -48.04 2.58
N THR A 754 16.79 -48.91 3.56
CA THR A 754 16.00 -48.54 4.73
C THR A 754 16.93 -48.67 5.93
N ARG A 755 16.75 -47.79 6.90
CA ARG A 755 17.59 -47.83 8.10
C ARG A 755 17.03 -48.87 9.08
N ILE A 756 16.16 -49.75 8.56
CA ILE A 756 15.54 -50.80 9.37
C ILE A 756 15.08 -51.97 8.51
N SER A 757 15.25 -53.18 9.02
CA SER A 757 14.85 -54.38 8.30
C SER A 757 13.37 -54.33 7.96
N ARG A 759 10.03 -56.24 5.58
CA ARG A 759 9.55 -57.45 4.93
C ARG A 759 8.83 -56.98 3.67
N ILE A 760 8.90 -57.76 2.61
CA ILE A 760 8.25 -57.39 1.37
C ILE A 760 7.07 -58.31 1.07
N THR A 761 5.95 -57.72 0.69
CA THR A 761 4.77 -58.51 0.34
C THR A 761 4.11 -57.89 -0.89
N GLU A 762 3.43 -58.72 -1.67
CA GLU A 762 2.73 -58.27 -2.87
C GLU A 762 1.49 -59.14 -2.98
N SER A 763 0.33 -58.49 -2.99
CA SER A 763 -0.96 -59.17 -3.06
C SER A 763 -1.01 -60.33 -2.05
N GLY A 764 -0.54 -60.04 -0.84
CA GLY A 764 -0.54 -61.04 0.22
C GLY A 764 0.69 -61.92 0.30
N GLU A 765 1.22 -62.32 -0.86
CA GLU A 765 2.39 -63.20 -0.90
C GLU A 765 3.69 -62.52 -0.51
N GLU A 766 4.49 -63.20 0.30
CA GLU A 766 5.76 -62.64 0.71
C GLU A 766 6.67 -62.62 -0.51
N VAL A 767 7.44 -61.55 -0.66
CA VAL A 767 8.36 -61.42 -1.77
C VAL A 767 9.77 -61.53 -1.22
N GLU A 768 10.58 -62.35 -1.86
CA GLU A 768 11.94 -62.58 -1.43
C GLU A 768 12.81 -61.36 -1.73
N GLY A 769 13.60 -60.95 -0.74
CA GLY A 769 14.49 -59.81 -0.93
C GLY A 769 15.89 -60.20 -0.52
N ASP A 770 16.90 -59.69 -1.21
CA ASP A 770 18.28 -60.01 -0.88
C ASP A 770 18.97 -58.85 -0.19
N VAL A 771 19.34 -59.06 1.06
CA VAL A 771 20.01 -58.04 1.84
C VAL A 771 21.38 -57.74 1.26
N LEU A 772 21.79 -56.49 1.37
CA LEU A 772 23.08 -56.02 0.89
C LEU A 772 23.74 -55.18 1.98
N ASP A 773 24.87 -54.57 1.64
CA ASP A 773 25.62 -53.74 2.59
C ASP A 773 24.92 -52.40 2.84
N SER A 774 25.37 -51.70 3.88
CA SER A 774 24.85 -50.38 4.23
C SER A 774 23.34 -50.24 4.34
N GLY A 775 22.66 -51.28 4.82
CA GLY A 775 21.22 -51.21 4.97
C GLY A 775 20.41 -51.35 3.69
N ARG A 776 21.03 -51.84 2.62
CA ARG A 776 20.32 -51.99 1.35
C ARG A 776 19.70 -53.39 1.20
N SER A 778 17.67 -55.74 -2.20
CA SER A 778 17.12 -55.74 -3.56
C SER A 778 16.07 -56.83 -3.70
N PHE A 779 15.14 -56.63 -4.62
CA PHE A 779 14.09 -57.60 -4.88
C PHE A 779 13.48 -57.35 -6.24
N GLN A 780 12.85 -58.38 -6.80
CA GLN A 780 12.25 -58.26 -8.13
C GLN A 780 10.86 -57.67 -8.06
N VAL A 781 10.59 -56.73 -8.96
CA VAL A 781 9.27 -56.11 -9.04
C VAL A 781 8.75 -56.32 -10.45
N GLU A 782 7.44 -56.50 -10.56
CA GLU A 782 6.81 -56.69 -11.86
C GLU A 782 6.06 -55.41 -12.16
N LYS A 783 6.15 -54.95 -13.40
CA LYS A 783 5.48 -53.73 -13.79
C LYS A 783 4.03 -53.70 -13.32
N GLY A 784 3.62 -52.56 -12.76
CA GLY A 784 2.25 -52.40 -12.33
C GLY A 784 1.81 -52.93 -10.97
N LYS A 785 2.53 -53.91 -10.43
CA LYS A 785 2.14 -54.47 -9.14
C LYS A 785 2.62 -53.61 -7.97
N ARG A 786 1.88 -53.66 -6.87
CA ARG A 786 2.21 -52.88 -5.68
C ARG A 786 2.93 -53.71 -4.64
N TYR A 787 4.13 -53.28 -4.28
CA TYR A 787 4.91 -53.99 -3.28
C TYR A 787 4.89 -53.19 -1.98
N VAL A 788 4.48 -53.84 -0.91
CA VAL A 788 4.40 -53.19 0.39
C VAL A 788 5.53 -53.69 1.27
N LEU A 789 6.15 -52.76 1.99
CA LEU A 789 7.25 -53.11 2.89
C LEU A 789 6.86 -52.76 4.31
N ASN A 790 6.94 -53.73 5.21
CA ASN A 790 6.61 -53.52 6.62
C ASN A 790 7.83 -53.87 7.46
N ARG A 791 7.88 -53.37 8.69
CA ARG A 791 9.02 -53.64 9.56
C ARG A 791 9.24 -55.13 9.79
N LEU B 3 10.90 24.80 5.98
CA LEU B 3 9.64 24.12 6.43
C LEU B 3 9.09 23.26 5.31
N LYS B 4 9.43 21.98 5.35
CA LYS B 4 8.97 21.05 4.34
C LYS B 4 8.54 19.72 4.92
N ILE B 5 7.62 19.07 4.21
CA ILE B 5 7.19 17.74 4.57
C ILE B 5 7.76 17.03 3.35
N GLN B 6 8.75 16.18 3.57
CA GLN B 6 9.42 15.50 2.46
C GLN B 6 9.70 14.01 2.63
N PHE B 7 9.98 13.35 1.52
CA PHE B 7 10.25 11.91 1.50
C PHE B 7 11.23 11.59 0.38
N ASP B 8 11.95 10.50 0.54
CA ASP B 8 12.87 10.08 -0.52
C ASP B 8 12.29 8.83 -1.18
N PHE B 9 10.97 8.70 -1.10
CA PHE B 9 10.26 7.57 -1.67
C PHE B 9 8.82 8.00 -2.01
N PRO B 10 8.24 7.45 -3.09
CA PRO B 10 6.86 7.83 -3.43
C PRO B 10 5.89 7.23 -2.41
N ALA B 11 4.74 7.87 -2.24
CA ALA B 11 3.75 7.39 -1.29
C ALA B 11 3.14 6.06 -1.70
N SER B 12 2.94 5.19 -0.72
CA SER B 12 2.31 3.89 -0.94
C SER B 12 0.91 3.96 -0.36
N PHE B 13 0.75 4.77 0.69
CA PHE B 13 -0.53 4.96 1.35
C PHE B 13 -1.01 6.40 1.22
N TRP B 14 -2.33 6.58 1.25
CA TRP B 14 -2.93 7.90 1.12
C TRP B 14 -2.37 8.84 2.19
N THR B 15 -2.12 8.33 3.40
CA THR B 15 -1.58 9.16 4.47
C THR B 15 -0.09 9.44 4.33
N GLU B 16 0.47 9.08 3.17
CA GLU B 16 1.87 9.35 2.89
C GLU B 16 1.90 10.36 1.74
N ALA B 17 0.72 10.61 1.18
CA ALA B 17 0.56 11.55 0.07
C ALA B 17 0.57 13.00 0.56
N LEU B 18 0.86 13.94 -0.34
CA LEU B 18 0.95 15.35 0.03
C LEU B 18 -0.27 16.16 -0.36
N PRO B 19 -0.85 16.89 0.61
CA PRO B 19 -2.04 17.72 0.39
C PRO B 19 -1.83 19.12 -0.17
N ILE B 20 -2.63 19.45 -1.18
CA ILE B 20 -2.61 20.77 -1.79
C ILE B 20 -4.07 21.12 -2.05
N GLY B 21 -4.37 22.42 -2.06
CA GLY B 21 -5.73 22.85 -2.30
C GLY B 21 -5.87 24.36 -2.33
N ASN B 22 -6.98 24.84 -2.89
CA ASN B 22 -7.23 26.28 -2.97
C ASN B 22 -8.51 26.60 -2.23
N GLY B 23 -8.87 25.75 -1.29
CA GLY B 23 -10.09 25.95 -0.51
C GLY B 23 -11.27 25.20 -1.11
N ASN B 24 -11.33 25.16 -2.44
CA ASN B 24 -12.41 24.48 -3.14
C ASN B 24 -11.93 23.16 -3.75
N LEU B 25 -10.88 23.24 -4.56
CA LEU B 25 -10.32 22.05 -5.19
C LEU B 25 -9.21 21.52 -4.29
N GLY B 26 -9.15 20.19 -4.16
CA GLY B 26 -8.12 19.58 -3.34
C GLY B 26 -7.50 18.37 -4.01
N ALA B 27 -6.24 18.10 -3.69
CA ALA B 27 -5.55 16.94 -4.24
C ALA B 27 -4.54 16.36 -3.26
N VAL B 29 -1.08 14.22 -3.57
CA VAL B 29 -0.06 13.80 -4.51
C VAL B 29 0.78 12.64 -3.98
N PHE B 30 0.77 11.53 -4.70
CA PHE B 30 1.54 10.36 -4.29
C PHE B 30 3.00 10.40 -4.72
N GLY B 31 3.27 11.01 -5.87
CA GLY B 31 4.63 11.10 -6.35
C GLY B 31 5.14 9.80 -6.96
N LYS B 32 4.22 8.94 -7.39
CA LYS B 32 4.62 7.68 -8.00
C LYS B 32 5.40 7.95 -9.28
N VAL B 33 6.45 7.15 -9.48
CA VAL B 33 7.33 7.30 -10.64
C VAL B 33 6.70 7.04 -12.00
N GLU B 34 6.09 5.88 -12.16
CA GLU B 34 5.49 5.51 -13.44
C GLU B 34 4.00 5.76 -13.60
N LYS B 35 3.20 5.24 -12.67
CA LYS B 35 1.77 5.45 -12.74
C LYS B 35 1.36 6.32 -11.56
N GLU B 36 1.51 7.62 -11.75
CA GLU B 36 1.17 8.58 -10.71
C GLU B 36 -0.33 8.67 -10.46
N ARG B 37 -0.69 8.87 -9.21
CA ARG B 37 -2.07 9.03 -8.81
C ARG B 37 -2.17 10.34 -8.03
N ILE B 38 -3.09 11.18 -8.45
CA ILE B 38 -3.33 12.45 -7.79
C ILE B 38 -4.80 12.38 -7.42
N ALA B 39 -5.08 12.08 -6.15
CA ALA B 39 -6.44 11.96 -5.65
C ALA B 39 -7.11 13.33 -5.63
N LEU B 40 -8.34 13.40 -6.17
CA LEU B 40 -9.06 14.67 -6.28
C LEU B 40 -10.27 14.89 -5.37
N ASN B 41 -10.53 16.16 -5.08
CA ASN B 41 -11.67 16.56 -4.27
C ASN B 41 -12.19 17.92 -4.69
N GLU B 42 -13.49 18.12 -4.52
CA GLU B 42 -14.16 19.38 -4.81
C GLU B 42 -15.00 19.47 -3.54
N ASP B 43 -14.78 20.53 -2.75
CA ASP B 43 -15.44 20.65 -1.46
C ASP B 43 -16.96 20.71 -1.35
N THR B 44 -17.65 20.81 -2.48
CA THR B 44 -19.12 20.83 -2.41
C THR B 44 -19.70 19.49 -2.86
N LEU B 45 -18.82 18.54 -3.22
CA LEU B 45 -19.29 17.23 -3.70
C LEU B 45 -19.74 16.31 -2.55
N TRP B 46 -21.04 16.31 -2.30
CA TRP B 46 -21.63 15.49 -1.25
C TRP B 46 -22.82 14.72 -1.79
N SER B 47 -23.18 13.65 -1.09
CA SER B 47 -24.32 12.85 -1.49
C SER B 47 -25.60 13.55 -1.00
N GLY B 48 -26.72 13.19 -1.61
CA GLY B 48 -27.99 13.75 -1.18
C GLY B 48 -28.48 15.07 -1.70
N TYR B 49 -29.28 15.72 -0.84
CA TYR B 49 -29.93 16.99 -1.11
C TYR B 49 -30.62 17.33 0.22
N PRO B 50 -31.17 18.54 0.36
CA PRO B 50 -31.83 18.90 1.62
C PRO B 50 -32.96 17.93 1.95
N LYS B 51 -32.77 17.13 3.00
CA LYS B 51 -33.77 16.13 3.40
C LYS B 51 -34.70 16.57 4.54
N ASP B 52 -35.87 15.92 4.60
CA ASP B 52 -36.87 16.20 5.62
C ASP B 52 -36.32 15.63 6.93
N TRP B 53 -35.44 16.39 7.58
CA TRP B 53 -34.79 15.94 8.80
C TRP B 53 -35.41 16.25 10.16
N ASN B 54 -36.38 17.17 10.19
CA ASN B 54 -37.03 17.52 11.46
C ASN B 54 -37.99 16.43 11.93
N ASN B 55 -38.29 16.44 13.23
CA ASN B 55 -39.14 15.41 13.81
C ASN B 55 -40.21 15.95 14.78
N PRO B 56 -41.45 16.13 14.31
CA PRO B 56 -42.52 16.64 15.16
C PRO B 56 -42.78 15.79 16.41
N LYS B 57 -42.47 14.51 16.34
CA LYS B 57 -42.69 13.63 17.48
C LYS B 57 -41.82 14.03 18.67
N ALA B 58 -40.67 14.65 18.36
CA ALA B 58 -39.76 15.09 19.39
C ALA B 58 -40.49 16.03 20.34
N LYS B 59 -41.25 16.96 19.78
CA LYS B 59 -41.99 17.93 20.56
C LYS B 59 -43.07 17.27 21.40
N GLU B 60 -43.66 16.20 20.86
CA GLU B 60 -44.71 15.46 21.54
C GLU B 60 -44.25 14.77 22.81
N VAL B 61 -43.10 14.11 22.74
CA VAL B 61 -42.58 13.37 23.87
C VAL B 61 -41.73 14.20 24.86
N LEU B 62 -41.35 15.41 24.45
CA LEU B 62 -40.53 16.28 25.29
C LEU B 62 -41.02 16.39 26.75
N PRO B 63 -42.29 16.75 26.96
CA PRO B 63 -42.74 16.85 28.36
C PRO B 63 -42.62 15.54 29.14
N LYS B 64 -42.85 14.41 28.47
CA LYS B 64 -42.74 13.12 29.14
C LYS B 64 -41.28 12.76 29.48
N VAL B 65 -40.36 13.03 28.56
CA VAL B 65 -38.96 12.73 28.82
C VAL B 65 -38.45 13.57 29.99
N ARG B 66 -38.95 14.80 30.09
CA ARG B 66 -38.56 15.70 31.16
C ARG B 66 -39.11 15.16 32.48
N GLU B 67 -40.32 14.62 32.44
CA GLU B 67 -40.94 14.05 33.63
C GLU B 67 -40.07 12.90 34.12
N LEU B 68 -39.73 12.01 33.19
CA LEU B 68 -38.90 10.86 33.49
C LEU B 68 -37.58 11.28 34.12
N ILE B 69 -36.95 12.29 33.53
CA ILE B 69 -35.68 12.78 34.05
C ILE B 69 -35.84 13.32 35.47
N ALA B 70 -36.89 14.10 35.68
CA ALA B 70 -37.17 14.68 36.99
C ALA B 70 -37.34 13.57 38.03
N GLN B 71 -37.89 12.44 37.60
CA GLN B 71 -38.11 11.31 38.50
C GLN B 71 -36.89 10.39 38.56
N GLU B 72 -35.80 10.82 37.94
CA GLU B 72 -34.56 10.03 37.92
C GLU B 72 -34.70 8.66 37.28
N LYS B 73 -35.66 8.52 36.38
CA LYS B 73 -35.86 7.26 35.69
C LYS B 73 -35.05 7.38 34.39
N TYR B 74 -33.73 7.49 34.56
CA TYR B 74 -32.82 7.65 33.44
C TYR B 74 -32.92 6.58 32.36
N GLU B 75 -33.13 5.32 32.77
CA GLU B 75 -33.23 4.24 31.79
C GLU B 75 -34.39 4.48 30.83
N GLU B 76 -35.53 4.86 31.37
CA GLU B 76 -36.71 5.14 30.55
C GLU B 76 -36.51 6.41 29.73
N ALA B 77 -35.82 7.39 30.32
CA ALA B 77 -35.56 8.65 29.64
C ALA B 77 -34.66 8.44 28.42
N ASP B 78 -33.63 7.61 28.56
CA ASP B 78 -32.73 7.34 27.45
C ASP B 78 -33.48 6.65 26.33
N GLN B 79 -34.34 5.70 26.70
CA GLN B 79 -35.11 4.96 25.73
C GLN B 79 -36.10 5.87 24.98
N LEU B 80 -36.76 6.75 25.69
CA LEU B 80 -37.73 7.65 25.06
C LEU B 80 -37.06 8.71 24.20
N SER B 81 -35.81 9.03 24.51
CA SER B 81 -35.10 10.05 23.75
C SER B 81 -34.82 9.57 22.33
N ARG B 82 -34.94 8.26 22.13
CA ARG B 82 -34.71 7.68 20.81
C ARG B 82 -35.86 8.08 19.88
N ASP B 83 -36.89 8.71 20.46
CA ASP B 83 -38.05 9.17 19.69
C ASP B 83 -37.91 10.64 19.36
N GLY B 86 -33.30 12.05 14.53
CA GLY B 86 -33.48 12.36 13.12
C GLY B 86 -32.58 11.50 12.25
N PRO B 87 -32.50 11.81 10.95
CA PRO B 87 -31.66 11.02 10.06
C PRO B 87 -30.16 11.35 10.24
N TYR B 88 -29.31 10.40 9.85
CA TYR B 88 -27.88 10.63 9.90
C TYR B 88 -27.65 11.58 8.73
N THR B 89 -26.64 12.43 8.82
CA THR B 89 -26.36 13.38 7.75
C THR B 89 -25.86 12.66 6.51
N GLN B 90 -25.63 13.43 5.44
CA GLN B 90 -25.10 12.86 4.22
C GLN B 90 -23.58 12.80 4.32
N SER B 91 -22.91 12.34 3.27
CA SER B 91 -21.48 12.15 3.31
C SER B 91 -20.67 12.92 2.24
N TYR B 92 -19.45 13.30 2.60
CA TYR B 92 -18.55 14.02 1.70
C TYR B 92 -17.90 12.99 0.79
N LEU B 93 -18.11 13.14 -0.51
CA LEU B 93 -17.62 12.18 -1.49
C LEU B 93 -16.26 12.46 -2.14
N PRO B 94 -15.56 11.40 -2.56
CA PRO B 94 -14.26 11.53 -3.20
C PRO B 94 -14.54 11.80 -4.68
N PHE B 95 -14.08 12.93 -5.19
CA PHE B 95 -14.34 13.26 -6.59
C PHE B 95 -13.79 12.21 -7.55
N GLY B 96 -12.53 11.83 -7.36
CA GLY B 96 -11.91 10.85 -8.23
C GLY B 96 -10.39 10.90 -8.20
N ASP B 97 -9.76 10.47 -9.29
CA ASP B 97 -8.32 10.45 -9.41
C ASP B 97 -7.84 11.01 -10.75
N LEU B 98 -6.66 11.59 -10.74
CA LEU B 98 -6.02 12.06 -11.95
C LEU B 98 -4.85 11.10 -12.05
N ASN B 99 -4.81 10.31 -13.10
CA ASN B 99 -3.76 9.32 -13.29
C ASN B 99 -2.86 9.71 -14.46
N ILE B 100 -1.56 9.70 -14.24
CA ILE B 100 -0.59 10.04 -15.26
C ILE B 100 0.34 8.84 -15.47
N PHE B 101 0.28 8.24 -16.65
CA PHE B 101 1.11 7.08 -16.99
C PHE B 101 2.36 7.51 -17.75
N ASP B 103 6.01 6.89 -19.66
CA ASP B 103 6.46 5.81 -20.52
C ASP B 103 7.86 5.30 -20.19
N HIS B 104 8.49 5.89 -19.17
CA HIS B 104 9.86 5.54 -18.83
C HIS B 104 10.13 4.45 -17.80
N GLY B 105 9.13 3.64 -17.47
CA GLY B 105 9.38 2.59 -16.50
C GLY B 105 9.33 3.11 -15.08
N GLN B 106 9.41 2.22 -14.10
CA GLN B 106 9.31 2.65 -12.72
C GLN B 106 10.61 2.69 -11.92
N VAL B 107 11.72 2.30 -12.53
CA VAL B 107 13.01 2.31 -11.84
C VAL B 107 13.76 3.62 -12.05
N VAL B 108 14.24 4.20 -10.95
CA VAL B 108 14.96 5.46 -11.03
C VAL B 108 16.33 5.35 -10.37
N ALA B 109 17.19 6.32 -10.65
CA ALA B 109 18.52 6.38 -10.08
C ALA B 109 18.33 6.79 -8.63
N PRO B 110 19.39 6.66 -7.81
CA PRO B 110 19.23 7.05 -6.41
C PRO B 110 18.87 8.52 -6.25
N HIS B 111 18.42 8.88 -5.06
CA HIS B 111 18.05 10.25 -4.73
C HIS B 111 16.69 10.74 -5.22
N TYR B 112 15.72 9.83 -5.30
CA TYR B 112 14.37 10.22 -5.68
C TYR B 112 13.99 11.21 -4.58
N HIS B 113 13.12 12.17 -4.88
CA HIS B 113 12.73 13.13 -3.87
C HIS B 113 11.38 13.79 -4.14
N ARG B 114 10.59 13.97 -3.09
CA ARG B 114 9.30 14.64 -3.21
C ARG B 114 9.12 15.48 -1.95
N GLU B 115 8.49 16.64 -2.11
CA GLU B 115 8.29 17.55 -0.99
C GLU B 115 7.11 18.48 -1.18
N LEU B 116 6.63 19.00 -0.06
CA LEU B 116 5.59 20.00 -0.04
C LEU B 116 6.29 21.13 0.72
N ASP B 117 6.49 22.26 0.08
CA ASP B 117 7.17 23.39 0.72
C ASP B 117 6.08 24.29 1.27
N LEU B 118 5.98 24.39 2.59
CA LEU B 118 4.94 25.23 3.20
C LEU B 118 5.11 26.72 2.91
N SER B 119 6.28 27.14 2.44
CA SER B 119 6.49 28.56 2.13
C SER B 119 5.98 28.90 0.73
N THR B 120 5.79 27.88 -0.11
CA THR B 120 5.30 28.12 -1.46
C THR B 120 4.00 27.39 -1.76
N GLY B 121 3.68 26.38 -0.96
CA GLY B 121 2.48 25.62 -1.21
C GLY B 121 2.61 24.83 -2.51
N ILE B 122 3.84 24.50 -2.88
CA ILE B 122 4.11 23.76 -4.10
C ILE B 122 4.73 22.40 -3.78
N VAL B 123 4.22 21.37 -4.45
CA VAL B 123 4.74 20.03 -4.29
C VAL B 123 5.71 19.83 -5.43
N THR B 124 6.91 19.34 -5.12
CA THR B 124 7.90 19.09 -6.15
C THR B 124 8.32 17.63 -6.09
N VAL B 125 8.45 17.02 -7.26
CA VAL B 125 8.88 15.63 -7.34
C VAL B 125 10.03 15.60 -8.34
N THR B 126 11.12 14.93 -7.98
CA THR B 126 12.26 14.83 -8.89
C THR B 126 12.86 13.43 -8.81
N TYR B 127 13.31 12.95 -9.96
CA TYR B 127 13.93 11.64 -10.07
C TYR B 127 14.67 11.58 -11.40
N THR B 128 15.61 10.64 -11.51
CA THR B 128 16.39 10.51 -12.74
C THR B 128 16.36 9.10 -13.27
N ILE B 129 16.27 9.00 -14.60
CA ILE B 129 16.25 7.71 -15.28
C ILE B 129 17.23 7.78 -16.46
N GLY B 130 18.22 6.91 -16.46
CA GLY B 130 19.18 6.89 -17.55
C GLY B 130 19.82 8.24 -17.83
N GLY B 131 20.14 8.98 -16.77
CA GLY B 131 20.78 10.27 -16.95
C GLY B 131 19.82 11.42 -17.27
N VAL B 132 18.56 11.10 -17.47
CA VAL B 132 17.58 12.13 -17.77
C VAL B 132 16.81 12.49 -16.51
N GLN B 133 16.85 13.75 -16.13
CA GLN B 133 16.15 14.19 -14.92
C GLN B 133 14.74 14.63 -15.24
N TYR B 134 13.80 14.17 -14.42
CA TYR B 134 12.40 14.54 -14.57
C TYR B 134 11.98 15.32 -13.33
N THR B 135 11.21 16.38 -13.52
CA THR B 135 10.73 17.17 -12.39
C THR B 135 9.24 17.42 -12.54
N ARG B 136 8.58 17.56 -11.39
CA ARG B 136 7.16 17.82 -11.41
C ARG B 136 6.86 18.87 -10.35
N GLU B 137 5.99 19.81 -10.70
CA GLU B 137 5.58 20.85 -9.76
C GLU B 137 4.08 20.78 -9.80
N LEU B 138 3.48 20.63 -8.62
CA LEU B 138 2.03 20.53 -8.52
C LEU B 138 1.53 21.47 -7.44
N PHE B 139 0.43 22.14 -7.73
CA PHE B 139 -0.17 23.06 -6.77
C PHE B 139 -1.60 23.35 -7.19
N VAL B 140 -2.39 23.88 -6.27
CA VAL B 140 -3.77 24.23 -6.56
C VAL B 140 -3.84 25.75 -6.42
N THR B 141 -4.02 26.44 -7.54
CA THR B 141 -4.05 27.88 -7.50
C THR B 141 -5.43 28.43 -7.20
N TYR B 142 -5.48 29.40 -6.29
CA TYR B 142 -6.73 30.05 -5.93
C TYR B 142 -7.10 31.09 -7.01
N PRO B 143 -6.15 31.97 -7.36
CA PRO B 143 -6.40 33.00 -8.38
C PRO B 143 -6.92 32.45 -9.70
N ASP B 144 -6.39 31.30 -10.13
CA ASP B 144 -6.84 30.73 -11.39
C ASP B 144 -7.71 29.47 -11.26
N ARG B 145 -8.20 29.23 -10.05
CA ARG B 145 -9.11 28.13 -9.72
C ARG B 145 -8.83 26.79 -10.40
N ALA B 146 -7.66 26.22 -10.16
CA ALA B 146 -7.34 24.96 -10.80
C ALA B 146 -6.15 24.24 -10.19
N ILE B 147 -6.08 22.95 -10.47
CA ILE B 147 -4.97 22.13 -10.02
C ILE B 147 -4.01 22.21 -11.20
N VAL B 148 -2.74 22.47 -10.92
CA VAL B 148 -1.74 22.58 -11.97
C VAL B 148 -0.62 21.56 -11.80
N VAL B 149 -0.29 20.86 -12.89
CA VAL B 149 0.79 19.88 -12.84
C VAL B 149 1.77 20.22 -13.96
N ARG B 150 2.98 20.60 -13.58
CA ARG B 150 4.01 20.97 -14.53
C ARG B 150 5.06 19.86 -14.62
N LEU B 151 5.17 19.24 -15.80
CA LEU B 151 6.13 18.16 -16.00
C LEU B 151 7.25 18.55 -16.96
N THR B 152 8.48 18.18 -16.64
CA THR B 152 9.62 18.49 -17.50
C THR B 152 10.64 17.36 -17.53
N ALA B 153 11.36 17.26 -18.65
CA ALA B 153 12.41 16.27 -18.82
C ALA B 153 13.66 17.07 -19.15
N SER B 154 14.82 16.67 -18.63
CA SER B 154 16.04 17.42 -18.91
C SER B 154 16.55 17.25 -20.34
N LYS B 155 16.13 16.20 -21.03
CA LYS B 155 16.56 15.96 -22.40
C LYS B 155 15.40 16.18 -23.37
N GLU B 156 15.67 16.85 -24.47
CA GLU B 156 14.62 17.13 -25.45
C GLU B 156 13.88 15.89 -25.95
N GLY B 157 12.54 15.99 -25.95
CA GLY B 157 11.72 14.90 -26.45
C GLY B 157 11.59 13.68 -25.56
N PHE B 158 12.12 13.74 -24.33
CA PHE B 158 12.04 12.60 -23.43
C PHE B 158 10.83 12.57 -22.49
N LEU B 159 9.84 13.39 -22.79
CA LEU B 159 8.63 13.43 -21.97
C LEU B 159 7.46 12.89 -22.79
N SER B 160 6.96 11.73 -22.38
CA SER B 160 5.83 11.08 -23.04
C SER B 160 4.95 10.45 -21.97
N PHE B 161 3.65 10.71 -22.03
CA PHE B 161 2.76 10.16 -21.03
C PHE B 161 1.31 10.19 -21.49
N ARG B 162 0.46 9.53 -20.70
CA ARG B 162 -0.97 9.47 -20.96
C ARG B 162 -1.62 9.87 -19.64
N ALA B 163 -2.51 10.84 -19.68
CA ALA B 163 -3.19 11.29 -18.48
C ALA B 163 -4.69 11.12 -18.63
N LYS B 164 -5.38 10.78 -17.54
CA LYS B 164 -6.81 10.64 -17.61
C LYS B 164 -7.45 10.65 -16.23
N LEU B 165 -8.76 10.89 -16.21
CA LEU B 165 -9.50 10.94 -14.96
C LEU B 165 -10.28 9.64 -14.77
N ASP B 166 -10.61 9.36 -13.52
CA ASP B 166 -11.38 8.18 -13.16
C ASP B 166 -12.05 8.49 -11.84
N SER B 167 -13.00 7.67 -11.42
CA SER B 167 -13.71 7.93 -10.18
C SER B 167 -14.50 6.72 -9.70
N LEU B 168 -14.68 6.64 -8.39
CA LEU B 168 -15.43 5.55 -7.76
C LEU B 168 -16.92 5.83 -7.88
N LEU B 169 -17.26 7.07 -8.22
CA LEU B 169 -18.66 7.47 -8.37
C LEU B 169 -19.11 7.12 -9.78
N ARG B 170 -20.40 6.81 -9.93
CA ARG B 170 -20.90 6.50 -11.27
C ARG B 170 -20.70 7.77 -12.11
N HIS B 171 -20.15 7.60 -13.29
CA HIS B 171 -19.90 8.73 -14.17
C HIS B 171 -19.76 8.25 -15.60
N VAL B 172 -19.64 9.21 -16.52
CA VAL B 172 -19.45 8.92 -17.92
C VAL B 172 -18.29 9.82 -18.33
N SER B 173 -17.36 9.27 -19.10
CA SER B 173 -16.22 10.04 -19.56
C SER B 173 -16.45 10.42 -21.01
N SER B 174 -15.75 11.44 -21.48
CA SER B 174 -15.87 11.89 -22.85
C SER B 174 -14.82 12.94 -23.15
N VAL B 175 -14.52 13.11 -24.43
CA VAL B 175 -13.54 14.10 -24.86
C VAL B 175 -14.24 15.32 -25.45
N GLU B 178 -11.18 19.15 -26.90
CA GLU B 178 -9.75 18.89 -26.76
C GLU B 178 -9.39 18.48 -25.34
N HIS B 179 -10.38 18.44 -24.46
CA HIS B 179 -10.17 18.07 -23.06
C HIS B 179 -10.72 16.69 -22.75
N TYR B 180 -10.25 16.10 -21.66
CA TYR B 180 -10.76 14.80 -21.22
C TYR B 180 -11.65 15.11 -20.04
N THR B 181 -12.88 14.62 -20.05
CA THR B 181 -13.78 14.91 -18.94
C THR B 181 -14.51 13.72 -18.40
N ILE B 182 -15.13 13.93 -17.25
CA ILE B 182 -15.96 12.93 -16.59
C ILE B 182 -17.07 13.77 -15.99
N SER B 183 -18.25 13.17 -15.88
CA SER B 183 -19.40 13.87 -15.33
C SER B 183 -20.44 12.85 -14.89
N GLY B 184 -21.35 13.29 -14.03
CA GLY B 184 -22.38 12.40 -13.55
C GLY B 184 -23.22 13.08 -12.48
N THR B 185 -23.95 12.25 -11.74
CA THR B 185 -24.83 12.72 -10.69
C THR B 185 -24.46 12.00 -9.39
N ALA B 186 -24.27 12.77 -8.32
CA ALA B 186 -23.90 12.18 -7.05
C ALA B 186 -25.02 11.29 -6.54
N PRO B 187 -24.69 10.32 -5.68
CA PRO B 187 -25.74 9.44 -5.16
C PRO B 187 -26.70 10.31 -4.33
N GLU B 188 -27.95 9.88 -4.22
CA GLU B 188 -28.94 10.62 -3.45
C GLU B 188 -28.84 10.29 -1.97
N HIS B 189 -28.10 9.24 -1.65
CA HIS B 189 -27.94 8.82 -0.26
C HIS B 189 -26.72 7.96 -0.04
N VAL B 190 -26.00 8.24 1.05
CA VAL B 190 -24.83 7.47 1.43
C VAL B 190 -24.90 7.31 2.95
N SER B 191 -24.96 6.07 3.40
CA SER B 191 -25.04 5.79 4.82
C SER B 191 -23.69 6.02 5.50
N PRO B 192 -23.70 6.58 6.71
CA PRO B 192 -22.43 6.82 7.41
C PRO B 192 -21.64 5.51 7.50
N SER B 193 -20.33 5.63 7.46
CA SER B 193 -19.43 4.48 7.52
C SER B 193 -19.74 3.50 8.67
N TYR B 194 -20.15 4.02 9.82
CA TYR B 194 -20.45 3.18 10.99
C TYR B 194 -21.85 2.59 11.04
N TYR B 195 -22.73 3.04 10.15
CA TYR B 195 -24.09 2.56 10.13
C TYR B 195 -24.23 1.50 9.03
N ASP B 196 -24.15 0.24 9.43
CA ASP B 196 -24.23 -0.85 8.47
C ASP B 196 -25.66 -1.17 8.05
N GLU B 197 -26.33 -0.22 7.42
CA GLU B 197 -27.69 -0.45 6.98
C GLU B 197 -27.69 -0.98 5.55
N GLU B 198 -28.78 -1.64 5.18
CA GLU B 198 -28.91 -2.21 3.85
C GLU B 198 -28.89 -1.14 2.75
N ASN B 199 -28.23 -1.43 1.64
CA ASN B 199 -28.16 -0.49 0.53
C ASN B 199 -27.58 0.85 0.99
N PRO B 200 -26.30 0.87 1.43
CA PRO B 200 -25.64 2.09 1.90
C PRO B 200 -25.40 3.19 0.87
N VAL B 201 -25.34 2.85 -0.41
CA VAL B 201 -25.13 3.85 -1.45
C VAL B 201 -26.27 3.80 -2.46
N ARG B 202 -27.01 4.90 -2.55
CA ARG B 202 -28.15 4.93 -3.44
C ARG B 202 -28.15 6.05 -4.47
N TYR B 203 -28.28 5.66 -5.72
CA TYR B 203 -28.34 6.61 -6.83
C TYR B 203 -29.81 6.65 -7.26
N GLY B 204 -30.29 7.85 -7.63
CA GLY B 204 -31.65 7.97 -8.09
C GLY B 204 -31.65 7.62 -9.56
N HIS B 205 -32.84 7.50 -10.16
CA HIS B 205 -32.91 7.20 -11.59
C HIS B 205 -32.27 8.40 -12.27
N PRO B 206 -31.36 8.16 -13.23
CA PRO B 206 -30.67 9.23 -13.94
C PRO B 206 -31.58 10.26 -14.59
N ASP B 207 -32.89 10.01 -14.55
CA ASP B 207 -33.87 10.91 -15.12
C ASP B 207 -34.53 11.79 -14.07
N SER B 209 -33.16 11.87 -10.47
CA SER B 209 -32.36 12.03 -9.26
C SER B 209 -32.29 13.47 -8.78
N GLN B 210 -32.21 13.64 -7.46
CA GLN B 210 -32.09 14.97 -6.87
C GLN B 210 -30.63 15.21 -6.51
N GLY B 211 -29.77 14.27 -6.85
CA GLY B 211 -28.35 14.43 -6.55
C GLY B 211 -27.77 15.56 -7.38
N THR B 213 -25.10 17.48 -9.87
CA THR B 213 -24.32 16.99 -10.99
C THR B 213 -22.89 17.47 -10.75
N PHE B 214 -21.92 16.75 -11.27
CA PHE B 214 -20.53 17.12 -11.12
C PHE B 214 -19.83 16.92 -12.45
N HIS B 215 -18.71 17.60 -12.61
CA HIS B 215 -17.95 17.52 -13.85
C HIS B 215 -16.46 17.79 -13.61
N GLY B 216 -15.61 16.99 -14.25
CA GLY B 216 -14.18 17.17 -14.11
C GLY B 216 -13.60 17.36 -15.51
N ARG B 217 -12.73 18.34 -15.67
CA ARG B 217 -12.14 18.64 -16.97
C ARG B 217 -10.62 18.71 -16.91
N LEU B 218 -9.98 17.86 -17.71
CA LEU B 218 -8.53 17.77 -17.78
C LEU B 218 -8.05 18.26 -19.14
N ALA B 219 -7.06 19.14 -19.14
CA ALA B 219 -6.49 19.70 -20.36
C ALA B 219 -4.98 19.66 -20.25
N ALA B 220 -4.29 19.71 -21.38
CA ALA B 220 -2.84 19.69 -21.37
C ALA B 220 -2.25 20.61 -22.42
N VAL B 221 -1.07 21.15 -22.10
CA VAL B 221 -0.35 22.03 -23.02
C VAL B 221 1.04 21.45 -23.11
N ASN B 222 1.40 20.97 -24.29
CA ASN B 222 2.71 20.37 -24.48
C ASN B 222 3.72 21.33 -25.09
N GLU B 223 4.97 21.21 -24.67
CA GLU B 223 6.04 22.02 -25.22
C GLU B 223 6.93 21.02 -25.94
N GLY B 224 6.74 20.96 -27.26
CA GLY B 224 7.47 20.02 -28.08
C GLY B 224 6.62 18.77 -28.24
N GLY B 225 6.90 17.95 -29.25
CA GLY B 225 6.16 16.73 -29.45
C GLY B 225 4.72 16.93 -29.89
N SER B 226 3.90 15.91 -29.69
CA SER B 226 2.51 16.00 -30.08
C SER B 226 1.55 15.76 -28.94
N LEU B 227 0.30 16.18 -29.16
CA LEU B 227 -0.75 16.02 -28.17
C LEU B 227 -2.03 15.56 -28.84
N LYS B 228 -2.66 14.54 -28.27
CA LYS B 228 -3.93 14.06 -28.80
C LYS B 228 -4.79 13.61 -27.64
N VAL B 229 -6.10 13.62 -27.85
CA VAL B 229 -7.02 13.23 -26.81
C VAL B 229 -8.05 12.26 -27.38
N ASP B 230 -8.28 11.16 -26.68
CA ASP B 230 -9.26 10.18 -27.11
C ASP B 230 -9.79 9.47 -25.87
N ALA B 231 -10.59 8.43 -26.08
CA ALA B 231 -11.19 7.68 -24.98
C ALA B 231 -10.19 7.23 -23.92
N ASP B 232 -8.95 7.00 -24.33
CA ASP B 232 -7.93 6.55 -23.39
C ASP B 232 -7.23 7.68 -22.62
N GLY B 233 -7.65 8.91 -22.87
CA GLY B 233 -7.07 10.04 -22.16
C GLY B 233 -6.30 11.04 -23.01
N LEU B 234 -5.50 11.86 -22.35
CA LEU B 234 -4.66 12.85 -23.02
C LEU B 234 -3.31 12.19 -23.27
N HIS B 235 -2.87 12.22 -24.53
CA HIS B 235 -1.61 11.60 -24.90
C HIS B 235 -0.57 12.64 -25.31
N VAL B 236 0.53 12.71 -24.57
CA VAL B 236 1.60 13.63 -24.90
C VAL B 236 2.76 12.76 -25.36
N GLY B 238 6.62 12.64 -27.15
CA GLY B 238 7.84 13.30 -27.54
C GLY B 238 8.01 14.75 -27.14
N ALA B 239 7.38 15.16 -26.04
CA ALA B 239 7.50 16.54 -25.60
C ALA B 239 8.75 16.69 -24.74
N THR B 240 8.97 17.89 -24.22
CA THR B 240 10.10 18.16 -23.35
C THR B 240 9.53 18.65 -22.03
N CYS B 241 8.49 19.47 -22.13
CA CYS B 241 7.79 19.99 -20.96
C CYS B 241 6.31 19.97 -21.27
N ALA B 242 5.48 19.92 -20.23
CA ALA B 242 4.05 19.89 -20.42
C ALA B 242 3.38 20.36 -19.16
N THR B 243 2.18 20.92 -19.31
CA THR B 243 1.42 21.38 -18.17
C THR B 243 0.01 20.79 -18.25
N LEU B 244 -0.46 20.25 -17.12
CA LEU B 244 -1.78 19.67 -17.06
C LEU B 244 -2.63 20.59 -16.17
N TYR B 245 -3.85 20.88 -16.61
CA TYR B 245 -4.76 21.72 -15.83
C TYR B 245 -6.03 20.92 -15.58
N PHE B 246 -6.53 21.00 -14.35
CA PHE B 246 -7.75 20.29 -13.98
C PHE B 246 -8.69 21.23 -13.27
N SER B 247 -9.96 21.16 -13.66
CA SER B 247 -11.00 21.99 -13.07
C SER B 247 -12.21 21.10 -12.75
N ALA B 248 -12.84 21.33 -11.62
CA ALA B 248 -14.01 20.55 -11.21
C ALA B 248 -15.09 21.50 -10.74
N SER B 249 -16.35 21.09 -10.90
CA SER B 249 -17.47 21.92 -10.46
C SER B 249 -18.68 21.04 -10.25
N THR B 250 -19.66 21.57 -9.53
CA THR B 250 -20.88 20.84 -9.25
C THR B 250 -22.06 21.78 -9.42
N SER B 251 -23.27 21.23 -9.34
CA SER B 251 -24.47 22.04 -9.49
C SER B 251 -24.91 22.65 -8.17
N PHE B 252 -24.10 22.47 -7.13
CA PHE B 252 -24.41 23.02 -5.81
C PHE B 252 -24.28 24.55 -5.84
N ASP B 253 -25.33 25.22 -5.40
CA ASP B 253 -25.37 26.69 -5.37
C ASP B 253 -25.17 27.13 -3.92
N PRO B 254 -23.98 27.65 -3.59
CA PRO B 254 -23.71 28.08 -2.22
C PRO B 254 -24.70 29.10 -1.64
N SER B 255 -25.35 29.86 -2.52
CA SER B 255 -26.30 30.87 -2.06
C SER B 255 -27.62 30.26 -1.61
N THR B 256 -28.11 29.25 -2.33
CA THR B 256 -29.37 28.63 -1.96
C THR B 256 -29.18 27.48 -0.99
N GLY B 257 -27.98 26.89 -0.99
CA GLY B 257 -27.71 25.77 -0.10
C GLY B 257 -28.26 24.49 -0.70
N ALA B 258 -28.57 24.53 -1.98
CA ALA B 258 -29.11 23.38 -2.69
C ALA B 258 -28.58 23.33 -4.11
N SER B 259 -28.77 22.19 -4.77
CA SER B 259 -28.33 22.03 -6.14
C SER B 259 -29.23 22.92 -6.99
N CYS B 260 -28.69 23.45 -8.08
CA CYS B 260 -29.45 24.30 -8.98
C CYS B 260 -29.34 23.76 -10.40
N LEU B 261 -30.48 23.49 -11.03
CA LEU B 261 -30.52 22.96 -12.38
C LEU B 261 -29.93 23.93 -13.40
N GLU B 262 -30.07 25.22 -13.14
CA GLU B 262 -29.56 26.24 -14.06
C GLU B 262 -28.03 26.33 -14.01
N ARG B 263 -27.43 25.70 -13.01
CA ARG B 263 -25.98 25.73 -12.87
C ARG B 263 -25.36 24.52 -13.59
N ASP B 264 -24.67 24.80 -14.70
CA ASP B 264 -24.05 23.75 -15.50
C ASP B 264 -22.55 23.61 -15.24
N PRO B 265 -22.17 22.60 -14.43
CA PRO B 265 -20.75 22.39 -14.10
C PRO B 265 -19.78 22.24 -15.28
N SER B 266 -20.22 21.63 -16.38
CA SER B 266 -19.33 21.46 -17.53
C SER B 266 -18.98 22.81 -18.17
N LEU B 267 -19.91 23.77 -18.09
CA LEU B 267 -19.67 25.09 -18.66
C LEU B 267 -18.74 25.88 -17.74
N ARG B 268 -18.87 25.65 -16.44
CA ARG B 268 -18.01 26.33 -15.46
C ARG B 268 -16.58 25.83 -15.61
N THR B 269 -16.39 24.52 -15.71
CA THR B 269 -15.03 23.99 -15.87
C THR B 269 -14.38 24.40 -17.18
N ILE B 270 -15.16 24.44 -18.26
CA ILE B 270 -14.57 24.82 -19.53
C ILE B 270 -14.17 26.31 -19.49
N GLU B 271 -14.95 27.11 -18.79
CA GLU B 271 -14.66 28.53 -18.63
C GLU B 271 -13.33 28.66 -17.87
N THR B 272 -13.20 27.87 -16.81
CA THR B 272 -11.99 27.88 -16.00
C THR B 272 -10.76 27.41 -16.78
N ILE B 273 -10.89 26.31 -17.50
CA ILE B 273 -9.77 25.77 -18.26
C ILE B 273 -9.34 26.71 -19.40
N LYS B 274 -10.31 27.27 -20.11
CA LYS B 274 -10.00 28.19 -21.21
C LYS B 274 -9.22 29.38 -20.68
N ALA B 275 -9.63 29.90 -19.52
CA ALA B 275 -8.94 31.04 -18.93
C ALA B 275 -7.51 30.74 -18.52
N ILE B 276 -7.28 29.62 -17.82
CA ILE B 276 -5.92 29.34 -17.38
C ILE B 276 -4.97 29.02 -18.52
N CYS B 277 -5.47 28.38 -19.57
CA CYS B 277 -4.62 28.04 -20.72
C CYS B 277 -4.14 29.27 -21.48
N LYS B 278 -4.77 30.41 -21.23
CA LYS B 278 -4.37 31.65 -21.90
C LYS B 278 -3.19 32.30 -21.20
N ARG B 279 -2.90 31.88 -19.97
CA ARG B 279 -1.78 32.45 -19.24
C ARG B 279 -0.56 31.53 -19.33
N GLY B 280 0.63 32.13 -19.28
CA GLY B 280 1.85 31.34 -19.33
C GLY B 280 2.08 30.64 -18.01
N TYR B 281 2.90 29.59 -18.00
CA TYR B 281 3.15 28.84 -16.76
C TYR B 281 3.77 29.71 -15.69
N LYS B 282 4.83 30.45 -16.04
CA LYS B 282 5.49 31.31 -15.06
C LYS B 282 4.50 32.29 -14.43
N GLU B 283 3.62 32.85 -15.27
CA GLU B 283 2.61 33.80 -14.79
C GLU B 283 1.70 33.10 -13.77
N ILE B 284 1.20 31.93 -14.15
CA ILE B 284 0.33 31.15 -13.29
C ILE B 284 0.99 30.84 -11.94
N VAL B 285 2.20 30.29 -11.99
CA VAL B 285 2.91 29.95 -10.77
C VAL B 285 3.19 31.20 -9.90
N ASN B 286 3.54 32.32 -10.54
CA ASN B 286 3.81 33.54 -9.78
C ASN B 286 2.56 34.11 -9.12
N ARG B 287 1.44 34.04 -9.84
CA ARG B 287 0.17 34.53 -9.29
C ARG B 287 -0.16 33.67 -8.07
N HIS B 288 0.14 32.38 -8.15
CA HIS B 288 -0.13 31.48 -7.04
C HIS B 288 0.76 31.82 -5.84
N LEU B 289 2.06 32.01 -6.10
CA LEU B 289 2.97 32.33 -5.02
C LEU B 289 2.57 33.61 -4.29
N GLU B 290 2.28 34.67 -5.05
CA GLU B 290 1.87 35.94 -4.45
C GLU B 290 0.59 35.79 -3.61
N ASP B 291 -0.37 35.02 -4.13
CA ASP B 291 -1.62 34.80 -3.43
C ASP B 291 -1.35 34.05 -2.12
N TYR B 292 -0.66 32.91 -2.23
CA TYR B 292 -0.36 32.08 -1.07
C TYR B 292 0.46 32.81 0.01
N THR B 293 1.52 33.47 -0.43
CA THR B 293 2.41 34.19 0.46
C THR B 293 1.75 35.26 1.32
N LYS B 294 0.80 35.99 0.76
CA LYS B 294 0.13 37.05 1.50
C LYS B 294 -0.57 36.51 2.75
N LEU B 295 -0.99 35.25 2.70
CA LEU B 295 -1.66 34.63 3.84
C LEU B 295 -0.65 33.91 4.75
N PHE B 296 0.19 33.05 4.16
CA PHE B 296 1.16 32.28 4.93
C PHE B 296 2.22 33.10 5.68
N ASN B 297 2.74 34.14 5.04
CA ASN B 297 3.79 34.96 5.63
C ASN B 297 3.39 35.93 6.73
N ARG B 298 2.10 35.93 7.06
CA ARG B 298 1.58 36.82 8.11
C ARG B 298 2.14 36.43 9.47
N VAL B 299 2.44 35.15 9.65
CA VAL B 299 2.96 34.66 10.92
C VAL B 299 4.28 33.90 10.77
N SER B 300 5.23 34.26 11.62
CA SER B 300 6.54 33.64 11.63
C SER B 300 6.83 33.14 13.05
N LEU B 301 7.18 31.87 13.17
CA LEU B 301 7.47 31.28 14.47
C LEU B 301 8.85 30.64 14.49
N HIS B 302 9.59 30.87 15.57
CA HIS B 302 10.93 30.29 15.71
C HIS B 302 11.13 29.80 17.14
N LEU B 303 11.32 28.50 17.28
CA LEU B 303 11.50 27.91 18.61
C LEU B 303 12.93 27.42 18.81
N GLY B 304 13.78 27.70 17.84
CA GLY B 304 15.16 27.28 17.92
C GLY B 304 15.54 26.52 16.67
N GLU B 305 16.81 26.17 16.54
CA GLU B 305 17.25 25.42 15.38
C GLU B 305 16.78 23.97 15.47
N SER B 306 16.52 23.37 14.30
CA SER B 306 16.09 21.99 14.22
C SER B 306 17.29 21.07 14.44
N ILE B 307 17.12 20.04 15.24
CA ILE B 307 18.21 19.10 15.49
C ILE B 307 18.20 17.91 14.56
N ALA B 308 17.22 17.84 13.66
CA ALA B 308 17.12 16.74 12.72
C ALA B 308 17.84 17.07 11.42
N PRO B 309 18.44 16.07 10.77
CA PRO B 309 19.14 16.35 9.50
C PRO B 309 18.16 16.92 8.48
N ALA B 310 18.64 17.86 7.67
CA ALA B 310 17.79 18.49 6.66
C ALA B 310 17.27 17.54 5.59
N ASP B 311 18.01 16.46 5.34
CA ASP B 311 17.63 15.51 4.31
C ASP B 311 16.61 14.46 4.76
N SER B 313 13.47 12.25 5.93
CA SER B 313 12.07 12.18 5.51
C SER B 313 11.23 12.49 6.73
N THR B 314 10.08 13.13 6.52
CA THR B 314 9.22 13.51 7.62
C THR B 314 8.75 12.37 8.53
N ASP B 315 8.49 11.20 7.96
CA ASP B 315 8.05 10.08 8.80
C ASP B 315 9.14 9.65 9.78
N GLN B 316 10.39 9.60 9.32
CA GLN B 316 11.49 9.22 10.19
C GLN B 316 11.70 10.33 11.21
N ARG B 317 11.52 11.56 10.77
CA ARG B 317 11.70 12.72 11.64
C ARG B 317 10.76 12.67 12.84
N ILE B 318 9.48 12.44 12.55
CA ILE B 318 8.48 12.37 13.60
C ILE B 318 8.81 11.24 14.59
N LYS B 319 9.09 10.06 14.05
CA LYS B 319 9.39 8.91 14.89
C LYS B 319 10.66 9.03 15.72
N GLU B 320 11.74 9.48 15.12
CA GLU B 320 13.00 9.61 15.84
C GLU B 320 13.18 10.85 16.70
N TYR B 321 12.51 11.94 16.37
CA TYR B 321 12.65 13.18 17.14
C TYR B 321 11.42 13.64 17.91
N GLY B 322 10.25 13.50 17.31
CA GLY B 322 9.05 13.93 17.98
C GLY B 322 9.14 15.41 18.30
N SER B 323 8.54 15.81 19.41
CA SER B 323 8.57 17.22 19.83
C SER B 323 9.95 17.71 20.25
N ARG B 324 10.92 16.81 20.31
CA ARG B 324 12.27 17.20 20.69
C ARG B 324 12.91 18.03 19.59
N ASP B 325 12.42 17.87 18.35
CA ASP B 325 12.94 18.69 17.26
C ASP B 325 12.04 19.91 17.21
N LEU B 326 12.50 21.02 17.76
CA LEU B 326 11.71 22.23 17.77
C LEU B 326 11.37 22.71 16.36
N GLY B 327 12.12 22.20 15.39
CA GLY B 327 11.85 22.54 14.00
C GLY B 327 10.59 21.80 13.57
N LEU B 328 10.38 20.62 14.16
CA LEU B 328 9.19 19.83 13.84
C LEU B 328 7.96 20.49 14.48
N VAL B 329 8.11 21.04 15.68
CA VAL B 329 7.00 21.74 16.32
C VAL B 329 6.61 22.94 15.46
N GLU B 330 7.61 23.67 14.96
CA GLU B 330 7.31 24.82 14.11
C GLU B 330 6.58 24.37 12.84
N LEU B 331 7.07 23.29 12.24
CA LEU B 331 6.47 22.74 11.03
C LEU B 331 5.01 22.37 11.33
N LEU B 332 4.78 21.72 12.47
CA LEU B 332 3.42 21.33 12.85
C LEU B 332 2.55 22.58 12.95
N PHE B 333 3.06 23.58 13.67
CA PHE B 333 2.32 24.83 13.83
C PHE B 333 1.94 25.42 12.47
N GLN B 334 2.92 25.58 11.60
CA GLN B 334 2.64 26.15 10.28
C GLN B 334 1.80 25.25 9.40
N TYR B 335 1.85 23.95 9.63
CA TYR B 335 1.07 23.03 8.83
C TYR B 335 -0.41 23.34 9.02
N GLY B 336 -0.80 23.65 10.26
CA GLY B 336 -2.18 23.98 10.53
C GLY B 336 -2.60 25.22 9.73
N ARG B 337 -1.75 26.24 9.74
CA ARG B 337 -2.07 27.46 8.99
C ARG B 337 -2.16 27.11 7.49
N TYR B 338 -1.19 26.32 7.02
CA TYR B 338 -1.16 25.88 5.63
C TYR B 338 -2.45 25.14 5.24
N LEU B 339 -2.87 24.20 6.07
CA LEU B 339 -4.07 23.41 5.78
C LEU B 339 -5.34 24.25 5.76
N ILE B 341 -5.44 27.42 4.95
CA ILE B 341 -5.32 28.20 3.73
C ILE B 341 -5.74 27.37 2.51
N ALA B 342 -5.36 26.10 2.51
CA ALA B 342 -5.66 25.21 1.39
C ALA B 342 -7.05 24.55 1.43
N SER B 343 -7.77 24.75 2.53
CA SER B 343 -9.10 24.14 2.63
C SER B 343 -10.22 25.10 3.01
N SER B 344 -9.88 26.31 3.41
CA SER B 344 -10.91 27.25 3.86
C SER B 344 -10.79 28.68 3.35
N ARG B 345 -10.66 28.86 2.04
CA ARG B 345 -10.58 30.21 1.48
C ARG B 345 -12.01 30.79 1.38
N PRO B 346 -12.15 32.12 1.51
CA PRO B 346 -13.49 32.72 1.43
C PRO B 346 -14.19 32.25 0.16
N GLY B 347 -15.50 32.04 0.26
CA GLY B 347 -16.24 31.60 -0.91
C GLY B 347 -16.30 30.09 -1.04
N THR B 348 -15.55 29.37 -0.20
CA THR B 348 -15.57 27.91 -0.25
C THR B 348 -16.25 27.36 0.99
N GLN B 349 -16.46 26.05 1.04
CA GLN B 349 -17.10 25.45 2.20
C GLN B 349 -16.11 25.33 3.35
N PRO B 350 -16.60 25.38 4.58
CA PRO B 350 -15.67 25.27 5.70
C PRO B 350 -15.01 23.88 5.72
N ALA B 351 -13.83 23.80 6.33
CA ALA B 351 -13.12 22.52 6.42
C ALA B 351 -13.97 21.52 7.19
N ASN B 352 -14.13 20.32 6.66
CA ASN B 352 -14.91 19.29 7.34
C ASN B 352 -13.95 18.42 8.18
N LEU B 353 -14.38 17.24 8.60
CA LEU B 353 -13.51 16.38 9.42
C LEU B 353 -12.16 16.08 8.74
N GLN B 354 -12.14 16.17 7.41
CA GLN B 354 -10.91 15.91 6.68
C GLN B 354 -10.46 17.11 5.85
N GLY B 355 -10.92 18.30 6.24
CA GLY B 355 -10.57 19.52 5.51
C GLY B 355 -11.33 19.44 4.20
N ILE B 356 -10.65 19.02 3.14
CA ILE B 356 -11.29 18.84 1.84
C ILE B 356 -10.75 17.57 1.18
N TRP B 357 -9.83 16.89 1.86
CA TRP B 357 -9.22 15.69 1.33
C TRP B 357 -9.84 14.37 1.77
N ASN B 358 -10.36 13.62 0.81
CA ASN B 358 -10.99 12.33 1.09
C ASN B 358 -11.06 11.46 -0.15
N GLU B 359 -10.63 10.21 0.00
CA GLU B 359 -10.64 9.26 -1.11
C GLU B 359 -11.70 8.18 -0.93
N GLU B 360 -12.41 8.19 0.20
CA GLU B 360 -13.41 7.16 0.48
C GLU B 360 -14.88 7.49 0.23
N THR B 361 -15.57 6.55 -0.43
CA THR B 361 -16.98 6.68 -0.74
C THR B 361 -17.75 6.89 0.56
N ARG B 362 -17.51 6.02 1.54
CA ARG B 362 -18.13 6.14 2.86
C ARG B 362 -17.01 6.53 3.82
N ALA B 363 -16.63 7.80 3.81
CA ALA B 363 -15.56 8.26 4.67
C ALA B 363 -15.91 8.14 6.14
N PRO B 364 -14.89 7.99 7.01
CA PRO B 364 -15.09 7.87 8.44
C PRO B 364 -16.02 8.96 9.00
N TRP B 365 -17.11 8.53 9.64
CA TRP B 365 -18.08 9.45 10.22
C TRP B 365 -18.62 10.45 9.20
N SER B 366 -18.65 10.04 7.94
CA SER B 366 -19.16 10.87 6.85
C SER B 366 -18.30 12.08 6.47
N SER B 367 -17.14 12.22 7.12
CA SER B 367 -16.24 13.34 6.86
C SER B 367 -17.06 14.64 6.84
N ASN B 368 -18.02 14.72 7.75
CA ASN B 368 -18.92 15.86 7.83
C ASN B 368 -18.50 16.93 8.82
N TYR B 369 -19.48 17.70 9.28
CA TYR B 369 -19.21 18.74 10.26
C TYR B 369 -19.75 18.27 11.60
N THR B 370 -18.87 17.78 12.46
CA THR B 370 -19.26 17.31 13.79
C THR B 370 -19.18 18.49 14.73
N LEU B 371 -20.36 18.94 15.16
CA LEU B 371 -20.47 20.14 15.99
C LEU B 371 -20.30 20.03 17.50
N ASN B 372 -19.92 18.88 18.03
CA ASN B 372 -19.73 18.80 19.47
C ASN B 372 -18.27 18.94 19.90
N ILE B 373 -17.47 19.52 19.00
CA ILE B 373 -16.05 19.82 19.20
C ILE B 373 -15.23 19.92 17.92
N ASN B 374 -15.35 18.93 17.05
CA ASN B 374 -14.52 18.89 15.86
C ASN B 374 -14.59 20.06 14.88
N ALA B 375 -15.78 20.43 14.43
CA ALA B 375 -15.90 21.54 13.49
C ALA B 375 -15.40 22.82 14.13
N GLU B 376 -15.77 23.04 15.38
CA GLU B 376 -15.34 24.24 16.10
C GLU B 376 -13.82 24.27 16.18
N ASN B 378 -11.61 23.03 14.27
CA ASN B 378 -10.99 23.36 12.97
C ASN B 378 -10.68 24.85 12.82
N TYR B 379 -11.48 25.68 13.48
CA TYR B 379 -11.30 27.12 13.39
C TYR B 379 -10.69 27.81 14.60
N TRP B 380 -10.21 27.04 15.56
CA TRP B 380 -9.58 27.62 16.74
C TRP B 380 -8.37 28.51 16.40
N PRO B 381 -7.65 28.22 15.30
CA PRO B 381 -6.50 29.06 14.97
C PRO B 381 -6.76 30.20 13.99
N ALA B 382 -7.97 30.26 13.44
CA ALA B 382 -8.33 31.30 12.46
C ALA B 382 -8.01 32.73 12.89
N GLU B 383 -8.43 33.12 14.08
CA GLU B 383 -8.20 34.47 14.54
C GLU B 383 -6.80 34.70 15.11
N THR B 384 -6.41 33.89 16.10
CA THR B 384 -5.09 34.09 16.71
C THR B 384 -3.92 33.97 15.74
N CYS B 385 -4.03 33.07 14.78
CA CYS B 385 -2.93 32.88 13.85
C CYS B 385 -2.97 33.70 12.57
N ASN B 386 -3.73 34.79 12.62
CA ASN B 386 -3.80 35.74 11.51
C ASN B 386 -4.33 35.20 10.17
N LEU B 387 -5.48 34.53 10.23
CA LEU B 387 -6.14 33.99 9.05
C LEU B 387 -7.63 34.28 9.24
N ALA B 388 -7.91 35.47 9.76
CA ALA B 388 -9.26 35.92 10.05
C ALA B 388 -10.26 35.71 8.92
N GLU B 389 -9.91 36.12 7.70
CA GLU B 389 -10.82 35.97 6.58
C GLU B 389 -11.14 34.51 6.25
N LEU B 390 -10.28 33.60 6.69
CA LEU B 390 -10.48 32.18 6.45
C LEU B 390 -11.54 31.61 7.40
N HIS B 391 -11.97 32.43 8.35
CA HIS B 391 -13.01 32.05 9.31
C HIS B 391 -14.37 32.19 8.61
N LYS B 392 -14.41 33.06 7.59
CA LYS B 392 -15.65 33.34 6.85
C LYS B 392 -16.48 32.15 6.35
N PRO B 393 -15.84 31.11 5.81
CA PRO B 393 -16.62 29.96 5.33
C PRO B 393 -17.45 29.34 6.46
N LEU B 394 -16.90 29.32 7.67
CA LEU B 394 -17.63 28.77 8.82
C LEU B 394 -18.71 29.75 9.22
N ILE B 395 -18.36 31.03 9.22
CA ILE B 395 -19.30 32.07 9.60
C ILE B 395 -20.53 32.02 8.71
N HIS B 396 -20.31 31.86 7.41
CA HIS B 396 -21.42 31.80 6.47
C HIS B 396 -22.14 30.47 6.57
N PHE B 397 -21.41 29.42 6.96
CA PHE B 397 -22.05 28.12 7.14
C PHE B 397 -22.99 28.25 8.32
N ILE B 398 -22.53 28.96 9.36
CA ILE B 398 -23.35 29.17 10.55
C ILE B 398 -24.62 29.95 10.20
N GLU B 399 -24.51 30.91 9.27
CA GLU B 399 -25.68 31.69 8.86
C GLU B 399 -26.71 30.74 8.26
N ARG B 400 -26.23 29.76 7.49
CA ARG B 400 -27.11 28.78 6.88
C ARG B 400 -27.75 27.89 7.95
N LEU B 401 -26.97 27.46 8.93
CA LEU B 401 -27.51 26.63 10.00
C LEU B 401 -28.56 27.42 10.77
N ALA B 402 -28.29 28.70 10.97
CA ALA B 402 -29.22 29.56 11.69
C ALA B 402 -30.55 29.60 10.95
N ALA B 403 -30.48 29.64 9.62
CA ALA B 403 -31.69 29.66 8.80
C ALA B 403 -32.43 28.34 8.93
N ASN B 404 -31.74 27.23 8.71
CA ASN B 404 -32.37 25.91 8.80
C ASN B 404 -32.82 25.59 10.22
N GLY B 405 -31.97 25.96 11.19
CA GLY B 405 -32.23 25.69 12.59
C GLY B 405 -33.50 26.32 13.16
N LYS B 406 -33.99 27.38 12.54
CA LYS B 406 -35.21 28.01 13.03
C LYS B 406 -36.37 27.03 12.89
N LYS B 407 -36.46 26.37 11.74
CA LYS B 407 -37.52 25.40 11.50
C LYS B 407 -37.38 24.22 12.46
N THR B 408 -36.14 23.81 12.72
CA THR B 408 -35.90 22.70 13.63
C THR B 408 -36.37 23.06 15.03
N ALA B 409 -36.01 24.27 15.48
CA ALA B 409 -36.42 24.73 16.81
C ALA B 409 -37.95 24.78 16.91
N GLU B 410 -38.61 25.24 15.86
CA GLU B 410 -40.07 25.31 15.85
C GLU B 410 -40.73 23.93 15.95
N ILE B 411 -40.36 23.05 15.02
CA ILE B 411 -40.92 21.70 14.92
C ILE B 411 -40.58 20.69 16.01
N ASN B 412 -39.30 20.54 16.30
CA ASN B 412 -38.89 19.57 17.32
C ASN B 412 -39.12 20.03 18.75
N TYR B 413 -39.05 21.33 18.99
CA TYR B 413 -39.18 21.83 20.36
C TYR B 413 -40.20 22.92 20.66
N GLY B 414 -40.83 23.47 19.63
CA GLY B 414 -41.80 24.54 19.88
C GLY B 414 -41.12 25.75 20.49
N ALA B 415 -39.87 25.99 20.09
CA ALA B 415 -39.09 27.10 20.60
C ALA B 415 -38.75 28.16 19.55
N ARG B 416 -38.47 29.36 20.02
CA ARG B 416 -38.09 30.46 19.15
C ARG B 416 -36.61 30.26 18.82
N GLY B 417 -36.05 31.18 18.03
CA GLY B 417 -34.65 31.10 17.67
C GLY B 417 -34.29 29.95 16.73
N TRP B 418 -33.05 29.50 16.83
CA TRP B 418 -32.59 28.38 16.01
C TRP B 418 -31.73 27.46 16.84
N VAL B 419 -31.67 26.21 16.39
CA VAL B 419 -30.90 25.19 17.09
C VAL B 419 -30.17 24.35 16.04
N ALA B 420 -29.12 23.68 16.47
CA ALA B 420 -28.35 22.79 15.62
C ALA B 420 -27.86 21.73 16.59
N HIS B 421 -27.77 20.49 16.14
CA HIS B 421 -27.34 19.42 17.03
C HIS B 421 -25.88 19.01 16.88
N HIS B 422 -25.58 17.71 16.91
CA HIS B 422 -24.16 17.31 16.86
C HIS B 422 -23.52 16.98 15.52
N ASN B 423 -24.31 16.85 14.46
CA ASN B 423 -23.79 16.56 13.11
C ASN B 423 -24.48 17.44 12.07
N ALA B 424 -23.71 17.97 11.14
CA ALA B 424 -24.28 18.78 10.06
C ALA B 424 -23.53 18.40 8.81
N ASP B 425 -24.13 18.65 7.66
CA ASP B 425 -23.48 18.35 6.39
C ASP B 425 -23.56 19.56 5.47
N LEU B 426 -23.18 19.36 4.22
CA LEU B 426 -23.20 20.42 3.23
C LEU B 426 -24.57 21.09 3.20
N TRP B 427 -25.61 20.27 3.36
CA TRP B 427 -26.99 20.73 3.33
C TRP B 427 -27.38 21.55 4.54
N GLY B 428 -26.56 21.49 5.58
CA GLY B 428 -26.83 22.26 6.78
C GLY B 428 -27.86 21.65 7.69
N GLN B 429 -27.90 20.32 7.77
CA GLN B 429 -28.87 19.67 8.65
C GLN B 429 -28.71 20.21 10.06
N THR B 430 -29.81 20.65 10.64
CA THR B 430 -29.80 21.22 11.98
C THR B 430 -30.53 20.33 12.99
N ALA B 431 -31.12 19.25 12.50
CA ALA B 431 -31.84 18.31 13.36
C ALA B 431 -30.87 17.24 13.85
N PRO B 432 -31.19 16.60 14.98
CA PRO B 432 -30.30 15.55 15.49
C PRO B 432 -30.22 14.39 14.51
N VAL B 433 -29.19 13.55 14.65
CA VAL B 433 -29.04 12.39 13.78
C VAL B 433 -29.51 11.16 14.54
N GLY B 434 -28.97 9.99 14.20
CA GLY B 434 -29.35 8.76 14.89
C GLY B 434 -30.45 7.94 14.23
N ASP B 435 -30.76 8.27 12.97
CA ASP B 435 -31.80 7.59 12.18
C ASP B 435 -33.06 7.28 12.98
N PHE B 436 -33.58 8.29 13.66
CA PHE B 436 -34.80 8.18 14.44
C PHE B 436 -34.86 7.02 15.43
N GLY B 437 -33.84 6.88 16.26
CA GLY B 437 -33.88 5.83 17.25
C GLY B 437 -32.71 4.86 17.29
N HIS B 438 -31.94 4.77 16.22
CA HIS B 438 -30.81 3.84 16.19
C HIS B 438 -29.64 4.34 17.00
N GLY B 439 -29.33 5.63 16.87
CA GLY B 439 -28.22 6.23 17.57
C GLY B 439 -28.29 6.23 19.09
N ASP B 440 -27.13 6.38 19.72
CA ASP B 440 -27.03 6.41 21.18
C ASP B 440 -27.37 7.83 21.63
N PRO B 441 -28.36 7.98 22.53
CA PRO B 441 -28.70 9.34 22.97
C PRO B 441 -27.54 10.09 23.62
N VAL B 442 -26.52 9.37 24.10
CA VAL B 442 -25.39 10.04 24.74
C VAL B 442 -24.65 10.96 23.76
N TRP B 443 -24.78 10.69 22.46
CA TRP B 443 -24.16 11.57 21.48
C TRP B 443 -25.14 12.15 20.46
N ALA B 444 -26.21 11.42 20.19
CA ALA B 444 -27.21 11.88 19.22
C ALA B 444 -28.09 13.01 19.73
N PHE B 445 -28.50 12.96 21.00
CA PHE B 445 -29.33 14.03 21.51
C PHE B 445 -28.48 15.11 22.16
N TRP B 446 -28.19 16.15 21.40
CA TRP B 446 -27.35 17.24 21.87
C TRP B 446 -27.73 18.48 21.06
N PRO B 447 -28.61 19.33 21.61
CA PRO B 447 -29.07 20.58 20.95
C PRO B 447 -28.24 21.83 21.21
N GLY B 449 -25.23 22.56 19.49
CA GLY B 449 -24.33 22.87 18.39
C GLY B 449 -24.38 24.33 17.98
N GLY B 450 -25.59 24.88 17.95
CA GLY B 450 -25.76 26.27 17.57
C GLY B 450 -25.24 27.22 18.63
N VAL B 451 -25.50 26.88 19.90
CA VAL B 451 -25.07 27.70 21.02
C VAL B 451 -23.54 27.81 21.03
N TRP B 452 -22.85 26.70 20.75
CA TRP B 452 -21.40 26.70 20.72
C TRP B 452 -20.89 27.52 19.53
N LEU B 453 -21.45 27.30 18.35
CA LEU B 453 -21.02 28.00 17.15
C LEU B 453 -21.15 29.52 17.23
N THR B 454 -22.05 30.03 18.07
CA THR B 454 -22.20 31.48 18.18
C THR B 454 -20.90 32.11 18.68
N GLN B 455 -20.11 31.33 19.41
CA GLN B 455 -18.84 31.83 19.93
C GLN B 455 -17.92 32.26 18.79
N HIS B 456 -17.93 31.53 17.69
CA HIS B 456 -17.10 31.85 16.54
C HIS B 456 -17.57 33.16 15.90
N LEU B 457 -18.88 33.33 15.79
CA LEU B 457 -19.43 34.56 15.24
C LEU B 457 -18.93 35.73 16.08
N TRP B 458 -19.01 35.55 17.40
CA TRP B 458 -18.58 36.57 18.35
C TRP B 458 -17.06 36.81 18.32
N GLU B 459 -16.27 35.75 18.35
CA GLU B 459 -14.81 35.90 18.33
C GLU B 459 -14.33 36.63 17.08
N HIS B 460 -15.02 36.44 15.95
CA HIS B 460 -14.64 37.12 14.72
C HIS B 460 -14.68 38.63 14.99
N TYR B 461 -15.63 39.04 15.82
CA TYR B 461 -15.76 40.44 16.18
C TYR B 461 -14.75 40.86 17.25
N THR B 462 -14.64 40.10 18.34
CA THR B 462 -13.70 40.48 19.39
C THR B 462 -12.27 40.67 18.89
N PHE B 463 -11.89 39.90 17.88
CA PHE B 463 -10.55 40.02 17.32
C PHE B 463 -10.43 41.16 16.30
N GLY B 464 -11.44 41.30 15.45
CA GLY B 464 -11.40 42.34 14.43
C GLY B 464 -12.10 43.66 14.71
N GLU B 465 -12.97 43.69 15.71
CA GLU B 465 -13.71 44.91 16.06
C GLU B 465 -14.48 45.53 14.89
N ASP B 466 -15.02 44.73 13.98
CA ASP B 466 -15.80 45.28 12.86
C ASP B 466 -17.26 45.42 13.27
N GLU B 467 -17.65 46.65 13.60
CA GLU B 467 -19.01 46.94 14.03
C GLU B 467 -20.10 46.54 13.03
N ALA B 468 -19.83 46.76 11.74
CA ALA B 468 -20.80 46.41 10.71
C ALA B 468 -21.07 44.91 10.68
N TYR B 469 -20.01 44.12 10.78
CA TYR B 469 -20.14 42.66 10.80
C TYR B 469 -20.98 42.25 11.99
N LEU B 470 -20.71 42.85 13.15
CA LEU B 470 -21.45 42.53 14.36
C LEU B 470 -22.92 42.92 14.25
N ARG B 471 -23.17 44.16 13.84
CA ARG B 471 -24.55 44.63 13.73
C ARG B 471 -25.38 43.91 12.68
N ASP B 472 -24.84 43.76 11.47
CA ASP B 472 -25.59 43.12 10.39
C ASP B 472 -25.54 41.61 10.26
N THR B 473 -24.47 40.97 10.73
CA THR B 473 -24.36 39.53 10.59
C THR B 473 -24.32 38.72 11.87
N ALA B 474 -23.32 39.00 12.71
CA ALA B 474 -23.13 38.26 13.96
C ALA B 474 -24.25 38.35 14.99
N TYR B 475 -24.48 39.55 15.53
CA TYR B 475 -25.49 39.73 16.57
C TYR B 475 -26.85 39.12 16.28
N PRO B 476 -27.41 39.37 15.08
CA PRO B 476 -28.72 38.79 14.76
C PRO B 476 -28.75 37.28 15.01
N ILE B 477 -27.73 36.58 14.51
CA ILE B 477 -27.67 35.14 14.68
C ILE B 477 -27.45 34.77 16.14
N LYS B 479 -28.24 36.49 18.78
CA LYS B 479 -29.49 36.75 19.50
C LYS B 479 -30.50 35.61 19.33
N GLU B 480 -30.70 35.17 18.10
CA GLU B 480 -31.65 34.10 17.86
C GLU B 480 -31.27 32.83 18.60
N ALA B 481 -29.97 32.57 18.69
CA ALA B 481 -29.48 31.39 19.39
C ALA B 481 -29.81 31.53 20.87
N ALA B 482 -29.67 32.74 21.41
CA ALA B 482 -29.96 33.00 22.80
C ALA B 482 -31.46 32.85 23.08
N LEU B 483 -32.27 33.29 22.12
CA LEU B 483 -33.72 33.14 22.28
C LEU B 483 -34.12 31.67 22.46
N PHE B 484 -33.53 30.82 21.60
CA PHE B 484 -33.78 29.39 21.70
C PHE B 484 -33.42 28.93 23.10
N CYS B 485 -32.27 29.39 23.60
CA CYS B 485 -31.81 29.01 24.94
C CYS B 485 -32.80 29.44 26.00
N LEU B 486 -33.33 30.65 25.84
CA LEU B 486 -34.30 31.17 26.80
C LEU B 486 -35.53 30.25 26.85
N ASP B 487 -35.85 29.62 25.73
CA ASP B 487 -37.01 28.72 25.68
C ASP B 487 -36.62 27.30 26.07
N TRP B 488 -35.37 26.92 25.81
CA TRP B 488 -34.92 25.59 26.15
C TRP B 488 -34.75 25.45 27.65
N LEU B 489 -34.41 26.56 28.31
CA LEU B 489 -34.26 26.56 29.76
C LEU B 489 -35.62 26.47 30.44
N ILE B 490 -35.73 25.61 31.44
CA ILE B 490 -36.96 25.43 32.22
C ILE B 490 -36.59 25.44 33.70
N GLU B 491 -37.53 25.81 34.57
CA GLU B 491 -37.27 25.84 36.00
C GLU B 491 -37.34 24.45 36.60
N ASN B 492 -36.43 24.16 37.52
CA ASN B 492 -36.45 22.87 38.19
C ASN B 492 -37.24 23.06 39.47
N GLU B 493 -37.35 22.02 40.28
CA GLU B 493 -38.10 22.09 41.53
C GLU B 493 -37.63 23.23 42.42
N ALA B 494 -36.33 23.44 42.49
CA ALA B 494 -35.74 24.49 43.32
C ALA B 494 -35.86 25.88 42.71
N GLY B 495 -36.36 25.97 41.48
CA GLY B 495 -36.51 27.27 40.85
C GLY B 495 -35.34 27.71 39.98
N TYR B 496 -34.35 26.83 39.82
CA TYR B 496 -33.21 27.16 38.98
C TYR B 496 -33.52 26.79 37.54
N LEU B 497 -32.92 27.51 36.61
CA LEU B 497 -33.12 27.22 35.21
C LEU B 497 -32.18 26.09 34.80
N VAL B 498 -32.71 25.13 34.07
CA VAL B 498 -31.94 23.97 33.62
C VAL B 498 -32.39 23.53 32.24
N THR B 499 -31.67 22.57 31.68
CA THR B 499 -32.02 22.01 30.39
C THR B 499 -32.42 20.56 30.66
N SER B 500 -33.27 20.02 29.80
CA SER B 500 -33.74 18.65 29.95
C SER B 500 -34.55 18.25 28.72
N PRO B 501 -34.15 17.16 28.03
CA PRO B 501 -33.00 16.30 28.32
C PRO B 501 -31.69 17.05 28.11
N SER B 502 -30.62 16.52 28.69
CA SER B 502 -29.30 17.12 28.58
C SER B 502 -28.24 16.01 28.57
N THR B 503 -27.20 16.20 27.76
CA THR B 503 -26.13 15.21 27.70
C THR B 503 -24.78 15.89 27.69
N SER B 504 -23.74 15.12 28.01
CA SER B 504 -22.37 15.63 28.02
C SER B 504 -21.67 14.82 26.93
N PRO B 505 -21.46 15.43 25.75
CA PRO B 505 -20.83 14.78 24.61
C PRO B 505 -20.05 13.49 24.79
N GLU B 506 -20.74 12.43 24.34
CA GLU B 506 -20.30 11.05 24.31
C GLU B 506 -19.95 10.35 25.62
N GLN B 507 -20.13 11.03 26.75
CA GLN B 507 -19.83 10.43 28.05
C GLN B 507 -21.08 10.10 28.87
N ARG B 508 -21.25 8.83 29.23
CA ARG B 508 -22.40 8.41 30.04
C ARG B 508 -22.01 8.48 31.52
N PHE B 509 -23.02 8.63 32.38
CA PHE B 509 -22.76 8.66 33.82
C PHE B 509 -23.22 7.29 34.33
N ARG B 510 -22.59 6.81 35.39
CA ARG B 510 -22.96 5.50 35.91
C ARG B 510 -23.56 5.50 37.30
N ILE B 511 -24.51 4.57 37.46
CA ILE B 511 -25.22 4.36 38.71
C ILE B 511 -25.31 2.84 38.85
N GLY B 512 -24.70 2.31 39.90
CA GLY B 512 -24.72 0.88 40.09
C GLY B 512 -23.88 0.22 39.02
N GLU B 513 -24.47 -0.73 38.31
CA GLU B 513 -23.75 -1.44 37.26
C GLU B 513 -24.16 -0.94 35.88
N LYS B 514 -24.87 0.17 35.83
CA LYS B 514 -25.35 0.72 34.56
C LYS B 514 -24.86 2.12 34.21
N GLY B 515 -24.92 2.42 32.92
CA GLY B 515 -24.51 3.72 32.42
C GLY B 515 -25.71 4.38 31.77
N TYR B 516 -25.86 5.68 31.96
CA TYR B 516 -27.00 6.39 31.39
C TYR B 516 -26.51 7.59 30.60
N ALA B 517 -27.34 8.07 29.68
CA ALA B 517 -26.97 9.19 28.82
C ALA B 517 -27.57 10.54 29.17
N VAL B 518 -28.87 10.58 29.38
CA VAL B 518 -29.54 11.84 29.66
C VAL B 518 -29.93 12.14 31.10
N SER B 519 -29.79 13.41 31.46
CA SER B 519 -30.14 13.89 32.79
C SER B 519 -30.50 15.35 32.56
N SER B 520 -30.42 16.18 33.59
CA SER B 520 -30.75 17.59 33.42
C SER B 520 -29.57 18.51 33.68
N ALA B 521 -29.50 19.58 32.90
CA ALA B 521 -28.47 20.59 33.02
C ALA B 521 -27.04 20.08 33.20
N THR B 522 -26.45 19.57 32.13
CA THR B 522 -25.06 19.11 32.19
C THR B 522 -24.22 20.37 32.27
N THR B 523 -23.01 20.25 32.79
CA THR B 523 -22.14 21.41 32.91
C THR B 523 -21.84 22.06 31.56
N ASP B 525 -23.83 22.22 28.95
CA ASP B 525 -25.05 22.98 28.63
C ASP B 525 -25.07 24.33 29.33
N LEU B 526 -24.92 24.29 30.65
CA LEU B 526 -24.92 25.49 31.47
C LEU B 526 -23.80 26.46 31.08
N SER B 527 -22.61 25.93 30.80
CA SER B 527 -21.45 26.74 30.42
C SER B 527 -21.63 27.40 29.06
N LEU B 528 -22.11 26.63 28.08
CA LEU B 528 -22.34 27.15 26.75
C LEU B 528 -23.42 28.22 26.74
N ILE B 529 -24.52 27.96 27.45
CA ILE B 529 -25.63 28.91 27.52
C ILE B 529 -25.21 30.18 28.23
N ALA B 530 -24.49 30.02 29.34
CA ALA B 530 -24.03 31.18 30.10
C ALA B 530 -23.12 32.03 29.20
N GLU B 531 -22.21 31.37 28.49
CA GLU B 531 -21.28 32.04 27.58
C GLU B 531 -22.08 32.79 26.50
N CYS B 532 -23.06 32.11 25.92
CA CYS B 532 -23.89 32.72 24.88
C CYS B 532 -24.58 33.98 25.41
N PHE B 533 -25.17 33.89 26.59
CA PHE B 533 -25.84 35.04 27.17
C PHE B 533 -24.84 36.18 27.40
N ASP B 534 -23.67 35.86 27.95
CA ASP B 534 -22.65 36.88 28.20
C ASP B 534 -22.25 37.59 26.90
N ASN B 535 -21.89 36.81 25.89
CA ASN B 535 -21.49 37.37 24.60
C ASN B 535 -22.60 38.23 23.99
N CYS B 536 -23.84 37.77 24.11
CA CYS B 536 -24.98 38.53 23.57
C CYS B 536 -25.13 39.85 24.30
N ILE B 537 -24.95 39.83 25.61
CA ILE B 537 -25.07 41.03 26.42
C ILE B 537 -23.99 42.02 25.99
N GLN B 538 -22.76 41.53 25.87
CA GLN B 538 -21.63 42.35 25.47
C GLN B 538 -21.85 42.92 24.07
N ALA B 539 -22.41 42.11 23.18
CA ALA B 539 -22.65 42.55 21.81
C ALA B 539 -23.68 43.68 21.79
N ALA B 540 -24.81 43.44 22.47
CA ALA B 540 -25.90 44.41 22.52
C ALA B 540 -25.44 45.77 23.04
N LYS B 541 -24.73 45.77 24.17
CA LYS B 541 -24.25 47.02 24.75
C LYS B 541 -23.32 47.71 23.75
N ARG B 542 -22.42 46.93 23.15
CA ARG B 542 -21.49 47.47 22.17
C ARG B 542 -22.25 48.20 21.08
N LEU B 543 -23.39 47.64 20.70
CA LEU B 543 -24.23 48.22 19.65
C LEU B 543 -25.23 49.22 20.20
N SER B 544 -25.28 49.35 21.52
CA SER B 544 -26.21 50.27 22.18
C SER B 544 -27.64 50.00 21.78
N ILE B 545 -28.03 48.73 21.80
CA ILE B 545 -29.40 48.34 21.44
C ILE B 545 -29.88 47.23 22.38
N ASP B 546 -31.15 46.86 22.25
CA ASP B 546 -31.75 45.81 23.06
C ASP B 546 -31.53 45.94 24.56
N GLU B 547 -31.88 47.09 25.12
CA GLU B 547 -31.73 47.32 26.55
C GLU B 547 -32.54 46.28 27.33
N ASP B 548 -33.77 46.02 26.88
CA ASP B 548 -34.64 45.06 27.55
C ASP B 548 -34.20 43.61 27.36
N PHE B 549 -33.81 43.25 26.13
CA PHE B 549 -33.36 41.90 25.84
C PHE B 549 -32.16 41.58 26.74
N VAL B 550 -31.31 42.57 26.95
CA VAL B 550 -30.13 42.42 27.79
C VAL B 550 -30.57 42.05 29.20
N LYS B 551 -31.60 42.74 29.70
CA LYS B 551 -32.12 42.48 31.03
C LYS B 551 -32.61 41.04 31.16
N ALA B 552 -33.32 40.56 30.14
CA ALA B 552 -33.86 39.22 30.13
C ALA B 552 -32.73 38.18 30.15
N LEU B 553 -31.67 38.43 29.39
CA LEU B 553 -30.55 37.50 29.35
C LEU B 553 -29.79 37.53 30.68
N SER B 554 -29.72 38.71 31.28
CA SER B 554 -29.02 38.87 32.54
C SER B 554 -29.75 38.11 33.66
N ASP B 555 -31.07 38.27 33.70
CA ASP B 555 -31.86 37.60 34.72
C ASP B 555 -31.78 36.08 34.56
N ALA B 556 -31.92 35.61 33.32
CA ALA B 556 -31.86 34.19 33.04
C ALA B 556 -30.51 33.61 33.44
N LYS B 557 -29.44 34.27 33.00
CA LYS B 557 -28.08 33.83 33.34
C LYS B 557 -27.92 33.70 34.86
N GLN B 558 -28.48 34.67 35.57
CA GLN B 558 -28.41 34.69 37.03
C GLN B 558 -29.16 33.52 37.67
N ARG B 559 -30.18 33.03 36.97
CA ARG B 559 -30.99 31.93 37.49
C ARG B 559 -30.51 30.54 37.11
N LEU B 560 -29.47 30.45 36.30
CA LEU B 560 -28.95 29.16 35.88
C LEU B 560 -28.48 28.30 37.05
N LEU B 561 -28.70 26.98 36.95
CA LEU B 561 -28.27 26.07 38.00
C LEU B 561 -26.76 26.30 38.17
N PRO B 562 -26.31 26.62 39.39
CA PRO B 562 -24.88 26.85 39.65
C PRO B 562 -23.99 25.66 39.34
N LEU B 563 -22.76 25.92 38.92
CA LEU B 563 -21.81 24.85 38.64
C LEU B 563 -21.38 24.28 39.97
N GLN B 564 -20.94 23.02 39.97
CA GLN B 564 -20.56 22.37 41.22
C GLN B 564 -19.22 21.66 41.23
N ILE B 565 -18.66 21.51 42.43
CA ILE B 565 -17.40 20.82 42.63
C ILE B 565 -17.76 19.50 43.31
N GLY B 566 -17.40 18.40 42.66
CA GLY B 566 -17.71 17.07 43.19
C GLY B 566 -16.84 16.61 44.34
N LYS B 567 -17.10 15.38 44.79
CA LYS B 567 -16.38 14.79 45.93
C LYS B 567 -14.92 14.49 45.64
N ARG B 568 -14.53 14.55 44.37
CA ARG B 568 -13.14 14.29 44.00
C ARG B 568 -12.43 15.63 43.92
N GLY B 569 -13.17 16.69 44.24
CA GLY B 569 -12.61 18.03 44.17
C GLY B 569 -12.61 18.49 42.73
N GLN B 570 -13.26 17.71 41.86
CA GLN B 570 -13.32 18.00 40.43
C GLN B 570 -14.58 18.77 40.02
N LEU B 571 -14.48 19.52 38.92
CA LEU B 571 -15.63 20.25 38.42
C LEU B 571 -16.59 19.18 37.92
N GLN B 572 -17.78 19.12 38.50
CA GLN B 572 -18.77 18.13 38.12
C GLN B 572 -19.17 18.23 36.64
N GLU B 573 -19.27 17.07 35.98
CA GLU B 573 -19.66 17.03 34.57
C GLU B 573 -21.18 17.06 34.43
N TRP B 574 -21.88 16.59 35.46
CA TRP B 574 -23.34 16.55 35.47
C TRP B 574 -23.89 17.30 36.68
N SER B 575 -25.19 17.57 36.67
CA SER B 575 -25.86 18.29 37.76
C SER B 575 -25.79 17.50 39.06
N ASN B 576 -25.55 16.20 38.97
CA ASN B 576 -25.40 15.35 40.14
C ASN B 576 -23.97 14.81 40.06
N ASP B 577 -23.40 14.46 41.20
CA ASP B 577 -22.04 13.96 41.25
C ASP B 577 -21.96 12.45 40.94
N PHE B 578 -22.47 12.08 39.77
CA PHE B 578 -22.46 10.68 39.33
C PHE B 578 -21.03 10.18 39.15
N GLU B 579 -20.90 8.87 38.96
CA GLU B 579 -19.60 8.24 38.72
C GLU B 579 -19.44 8.24 37.20
N ASP B 580 -18.22 8.47 36.72
CA ASP B 580 -17.98 8.47 35.27
C ASP B 580 -18.05 7.03 34.76
N GLU B 581 -18.50 6.84 33.52
CA GLU B 581 -18.50 5.49 32.98
C GLU B 581 -17.06 5.23 32.56
N ASP B 582 -16.36 6.31 32.21
CA ASP B 582 -14.96 6.24 31.83
C ASP B 582 -14.25 7.48 32.37
N VAL B 583 -13.44 7.30 33.42
CA VAL B 583 -12.71 8.40 34.04
C VAL B 583 -11.69 9.02 33.09
N HIS B 584 -11.35 8.30 32.03
CA HIS B 584 -10.40 8.79 31.05
C HIS B 584 -11.10 9.07 29.71
N HIS B 585 -12.41 9.30 29.75
CA HIS B 585 -13.17 9.60 28.53
C HIS B 585 -12.40 10.65 27.73
N ARG B 586 -12.34 10.48 26.41
CA ARG B 586 -11.59 11.40 25.56
C ARG B 586 -12.13 12.83 25.49
N HIS B 587 -13.45 12.98 25.67
CA HIS B 587 -14.06 14.31 25.65
C HIS B 587 -13.92 14.95 27.03
N VAL B 588 -13.88 16.27 27.05
CA VAL B 588 -13.80 17.03 28.31
C VAL B 588 -14.78 18.18 28.15
N SER B 589 -15.98 17.82 27.73
CA SER B 589 -17.07 18.77 27.48
C SER B 589 -17.40 19.73 28.61
N HIS B 590 -17.32 19.28 29.87
CA HIS B 590 -17.63 20.15 30.99
C HIS B 590 -16.56 21.22 31.24
N LEU B 591 -15.46 21.16 30.49
CA LEU B 591 -14.39 22.15 30.63
C LEU B 591 -14.43 23.17 29.49
N VAL B 592 -15.46 23.09 28.67
CA VAL B 592 -15.58 23.99 27.53
C VAL B 592 -15.49 25.44 27.97
N GLY B 593 -15.88 25.70 29.22
CA GLY B 593 -15.85 27.05 29.76
C GLY B 593 -14.47 27.56 30.10
N ILE B 594 -13.49 26.66 30.09
CA ILE B 594 -12.10 27.01 30.39
C ILE B 594 -11.45 27.38 29.05
N TYR B 595 -11.73 26.56 28.05
CA TYR B 595 -11.28 26.72 26.67
C TYR B 595 -12.17 25.78 25.85
N PRO B 596 -12.64 26.21 24.67
CA PRO B 596 -12.44 27.50 24.00
C PRO B 596 -13.21 28.70 24.59
N GLY B 597 -14.13 28.43 25.52
CA GLY B 597 -14.88 29.51 26.13
C GLY B 597 -14.00 30.20 27.16
N ARG B 598 -14.47 31.32 27.70
CA ARG B 598 -13.70 32.03 28.71
C ARG B 598 -14.55 32.32 29.94
N LEU B 599 -15.64 31.57 30.07
CA LEU B 599 -16.55 31.72 31.20
C LEU B 599 -15.82 31.52 32.53
N ILE B 600 -15.02 30.45 32.60
CA ILE B 600 -14.31 30.14 33.83
C ILE B 600 -12.81 30.42 33.78
N THR B 601 -12.39 31.42 34.56
CA THR B 601 -10.99 31.81 34.65
C THR B 601 -10.62 31.88 36.13
N GLU B 602 -9.33 31.96 36.42
CA GLU B 602 -8.89 32.04 37.81
C GLU B 602 -9.49 33.28 38.47
N GLN B 603 -9.74 34.30 37.66
CA GLN B 603 -10.30 35.55 38.15
C GLN B 603 -11.81 35.49 38.32
N SER B 604 -12.51 34.97 37.32
CA SER B 604 -13.97 34.87 37.36
C SER B 604 -14.50 33.84 38.36
N ALA B 605 -13.87 32.67 38.39
CA ALA B 605 -14.30 31.60 39.30
C ALA B 605 -13.09 30.78 39.77
N PRO B 606 -12.34 31.31 40.76
CA PRO B 606 -11.15 30.65 41.31
C PRO B 606 -11.34 29.20 41.74
N ASN B 607 -12.41 28.91 42.45
CA ASN B 607 -12.63 27.54 42.91
C ASN B 607 -13.06 26.60 41.79
N LEU B 608 -13.88 27.10 40.87
CA LEU B 608 -14.31 26.30 39.75
C LEU B 608 -13.12 26.08 38.81
N PHE B 609 -12.27 27.10 38.69
CA PHE B 609 -11.08 27.01 37.84
C PHE B 609 -10.16 25.89 38.32
N GLU B 610 -9.88 25.88 39.61
CA GLU B 610 -9.01 24.85 40.20
C GLU B 610 -9.66 23.47 40.09
N ALA B 611 -10.96 23.42 40.29
CA ALA B 611 -11.69 22.15 40.19
C ALA B 611 -11.63 21.63 38.75
N ALA B 612 -11.61 22.55 37.79
CA ALA B 612 -11.54 22.17 36.38
C ALA B 612 -10.17 21.53 36.14
N LYS B 613 -9.16 22.07 36.79
CA LYS B 613 -7.81 21.55 36.63
C LYS B 613 -7.78 20.12 37.14
N THR B 614 -8.41 19.89 38.28
CA THR B 614 -8.47 18.56 38.87
C THR B 614 -9.17 17.59 37.92
N SER B 615 -10.24 18.03 37.27
CA SER B 615 -10.95 17.17 36.33
C SER B 615 -10.02 16.80 35.18
N LEU B 616 -9.26 17.77 34.69
CA LEU B 616 -8.34 17.53 33.58
C LEU B 616 -7.28 16.52 33.98
N GLU B 617 -6.78 16.65 35.21
CA GLU B 617 -5.76 15.74 35.71
C GLU B 617 -6.32 14.32 35.74
N ILE B 618 -7.52 14.17 36.29
CA ILE B 618 -8.14 12.86 36.37
C ILE B 618 -8.33 12.29 34.96
N ARG B 619 -8.79 13.13 34.04
CA ARG B 619 -9.01 12.69 32.66
C ARG B 619 -7.74 12.12 32.02
N GLY B 620 -6.59 12.70 32.33
CA GLY B 620 -5.35 12.19 31.78
C GLY B 620 -4.81 12.86 30.52
N ASP B 621 -3.60 12.49 30.13
CA ASP B 621 -2.94 13.07 28.96
C ASP B 621 -3.01 12.24 27.68
N GLU B 622 -3.85 11.21 27.65
CA GLU B 622 -3.97 10.39 26.45
C GLU B 622 -5.17 10.86 25.66
N GLY B 623 -5.52 10.10 24.63
CA GLY B 623 -6.66 10.45 23.82
C GLY B 623 -6.38 10.47 22.33
N THR B 624 -7.40 10.85 21.57
CA THR B 624 -7.30 10.94 20.12
C THR B 624 -6.54 12.22 19.77
N GLY B 625 -6.24 12.38 18.49
CA GLY B 625 -5.53 13.55 18.04
C GLY B 625 -6.23 14.81 18.53
N TRP B 626 -7.55 14.89 18.35
CA TRP B 626 -8.29 16.07 18.80
C TRP B 626 -8.34 16.22 20.32
N SER B 627 -8.41 15.11 21.04
CA SER B 627 -8.45 15.20 22.49
C SER B 627 -7.14 15.80 23.01
N LEU B 628 -6.02 15.35 22.45
CA LEU B 628 -4.72 15.88 22.85
C LEU B 628 -4.67 17.37 22.53
N GLY B 629 -5.16 17.73 21.34
CA GLY B 629 -5.16 19.12 20.93
C GLY B 629 -5.96 20.02 21.85
N TRP B 630 -7.10 19.54 22.31
CA TRP B 630 -7.95 20.30 23.22
C TRP B 630 -7.22 20.54 24.53
N LYS B 631 -6.62 19.48 25.04
CA LYS B 631 -5.89 19.54 26.31
C LYS B 631 -4.70 20.48 26.24
N ILE B 632 -4.12 20.63 25.06
CA ILE B 632 -2.99 21.53 24.91
C ILE B 632 -3.44 22.96 25.23
N SER B 633 -4.57 23.37 24.66
CA SER B 633 -5.08 24.71 24.92
C SER B 633 -5.61 24.84 26.34
N LEU B 634 -6.16 23.76 26.88
CA LEU B 634 -6.66 23.79 28.24
C LEU B 634 -5.51 24.03 29.21
N TRP B 635 -4.44 23.27 29.07
CA TRP B 635 -3.29 23.44 29.94
C TRP B 635 -2.60 24.78 29.72
N ALA B 636 -2.68 25.29 28.49
CA ALA B 636 -2.10 26.58 28.19
C ALA B 636 -2.85 27.60 29.07
N ARG B 637 -4.17 27.45 29.15
CA ARG B 637 -5.00 28.33 29.96
C ARG B 637 -4.68 28.15 31.45
N PHE B 638 -4.21 26.96 31.81
CA PHE B 638 -3.83 26.66 33.19
C PHE B 638 -2.38 27.07 33.44
N LYS B 639 -1.76 27.63 32.42
CA LYS B 639 -0.37 28.11 32.48
C LYS B 639 0.68 27.02 32.64
N ASP B 640 0.36 25.77 32.28
CA ASP B 640 1.33 24.70 32.44
C ASP B 640 2.05 24.37 31.13
N GLY B 641 3.06 25.18 30.82
CA GLY B 641 3.82 24.98 29.59
C GLY B 641 4.45 23.61 29.45
N ASN B 642 5.01 23.07 30.54
CA ASN B 642 5.63 21.76 30.49
C ASN B 642 4.62 20.66 30.15
N ARG B 643 3.41 20.78 30.70
CA ARG B 643 2.38 19.80 30.42
C ARG B 643 1.90 19.95 28.96
N CYS B 644 1.95 21.17 28.44
CA CYS B 644 1.54 21.42 27.06
C CYS B 644 2.51 20.69 26.13
N GLU B 645 3.80 20.81 26.43
CA GLU B 645 4.84 20.18 25.63
C GLU B 645 4.67 18.66 25.66
N ARG B 646 4.32 18.14 26.83
CA ARG B 646 4.11 16.70 27.01
C ARG B 646 2.98 16.22 26.10
N LEU B 647 1.90 17.00 26.01
CA LEU B 647 0.77 16.65 25.15
C LEU B 647 1.19 16.82 23.68
N LEU B 648 2.03 17.81 23.44
CA LEU B 648 2.54 18.10 22.10
C LEU B 648 3.42 16.90 21.70
N SER B 649 4.12 16.34 22.68
CA SER B 649 4.98 15.20 22.43
C SER B 649 4.13 13.99 22.07
N ASN B 650 3.01 13.81 22.76
CA ASN B 650 2.11 12.71 22.47
C ASN B 650 1.52 12.79 21.07
N LEU B 652 2.86 14.22 18.50
CA LEU B 652 3.92 14.00 17.53
C LEU B 652 4.45 12.58 17.68
N THR B 653 3.55 11.63 17.49
CA THR B 653 3.85 10.21 17.57
C THR B 653 3.44 9.62 16.23
N LEU B 654 4.37 8.95 15.55
CA LEU B 654 4.05 8.37 14.25
C LEU B 654 3.00 7.27 14.32
N ILE B 655 1.91 7.49 13.59
CA ILE B 655 0.82 6.53 13.53
C ILE B 655 0.80 5.95 12.13
N LYS B 656 0.48 4.67 12.02
CA LYS B 656 0.42 4.04 10.72
C LYS B 656 -1.00 3.64 10.36
N GLU B 657 -1.26 3.43 9.08
CA GLU B 657 -2.61 3.08 8.66
C GLU B 657 -3.15 1.75 9.16
N ASP B 658 -2.31 0.95 9.79
CA ASP B 658 -2.77 -0.33 10.32
C ASP B 658 -2.90 -0.26 11.84
N GLU B 659 -2.97 0.96 12.37
CA GLU B 659 -3.10 1.17 13.81
C GLU B 659 -4.36 0.47 14.32
N SER B 660 -4.22 -0.34 15.38
CA SER B 660 -5.34 -1.07 15.93
C SER B 660 -6.08 -0.40 17.09
N GLN B 662 -8.25 2.22 18.60
CA GLN B 662 -9.22 3.20 18.11
C GLN B 662 -9.03 4.64 18.57
N HIS B 663 -8.41 4.83 19.73
CA HIS B 663 -8.20 6.18 20.26
C HIS B 663 -6.74 6.56 20.49
N ARG B 664 -5.84 6.05 19.67
CA ARG B 664 -4.43 6.37 19.84
C ARG B 664 -4.04 7.54 18.95
N GLY B 665 -4.11 8.75 19.51
CA GLY B 665 -3.79 9.94 18.74
C GLY B 665 -2.36 10.06 18.29
N GLY B 666 -2.13 10.92 17.30
CA GLY B 666 -0.79 11.14 16.78
C GLY B 666 -0.85 11.82 15.42
N VAL B 667 0.13 11.52 14.58
CA VAL B 667 0.18 12.07 13.23
C VAL B 667 0.75 11.01 12.30
N TYR B 668 0.36 11.11 11.02
CA TYR B 668 0.81 10.18 10.00
C TYR B 668 2.09 10.69 9.35
N ALA B 669 2.62 9.91 8.40
CA ALA B 669 3.85 10.27 7.70
C ALA B 669 3.82 11.67 7.10
N ASN B 670 2.68 12.07 6.55
CA ASN B 670 2.55 13.40 5.92
C ASN B 670 2.15 14.48 6.93
N LEU B 671 2.25 14.12 8.21
CA LEU B 671 1.95 15.02 9.31
C LEU B 671 0.44 15.30 9.51
N PHE B 672 -0.41 14.59 8.77
CA PHE B 672 -1.86 14.74 8.93
C PHE B 672 -2.20 14.24 10.34
N GLY B 673 -3.16 14.89 11.00
CA GLY B 673 -3.53 14.47 12.34
C GLY B 673 -4.17 13.08 12.35
N ALA B 674 -3.92 12.31 13.40
CA ALA B 674 -4.50 10.96 13.50
C ALA B 674 -5.45 10.80 14.68
N HIS B 675 -6.63 10.25 14.40
CA HIS B 675 -7.63 10.02 15.44
C HIS B 675 -7.29 8.75 16.22
N PRO B 676 -7.06 7.62 15.51
CA PRO B 676 -7.08 7.38 14.06
C PRO B 676 -8.50 7.03 13.60
N PRO B 677 -8.76 7.08 12.28
CA PRO B 677 -7.90 7.43 11.15
C PRO B 677 -7.67 8.92 10.99
N PHE B 678 -7.27 9.35 9.79
CA PHE B 678 -7.03 10.77 9.55
C PHE B 678 -8.21 11.64 9.93
N GLN B 679 -7.93 12.64 10.77
CA GLN B 679 -8.91 13.63 11.23
C GLN B 679 -8.10 14.93 11.31
N ILE B 680 -8.48 15.91 10.52
CA ILE B 680 -7.74 17.18 10.51
C ILE B 680 -7.91 18.06 11.75
N ASP B 681 -8.92 17.79 12.57
CA ASP B 681 -9.11 18.62 13.76
C ASP B 681 -7.84 18.70 14.60
N GLY B 682 -7.10 17.61 14.69
CA GLY B 682 -5.88 17.60 15.47
C GLY B 682 -4.81 18.57 14.95
N ASN B 683 -4.74 18.74 13.63
CA ASN B 683 -3.76 19.67 13.06
C ASN B 683 -4.09 21.09 13.46
N PHE B 684 -5.37 21.45 13.42
CA PHE B 684 -5.80 22.79 13.77
C PHE B 684 -5.70 23.13 15.26
N SER B 685 -5.91 22.14 16.13
CA SER B 685 -5.79 22.39 17.57
C SER B 685 -4.31 22.48 17.97
N ALA B 686 -3.44 21.77 17.27
CA ALA B 686 -2.02 21.83 17.60
C ALA B 686 -1.55 23.25 17.32
N THR B 687 -1.98 23.78 16.18
CA THR B 687 -1.62 25.14 15.79
C THR B 687 -2.17 26.16 16.77
N ALA B 688 -3.46 26.06 17.09
CA ALA B 688 -4.10 26.97 18.03
C ALA B 688 -3.49 26.84 19.43
N GLY B 689 -3.21 25.60 19.82
CA GLY B 689 -2.64 25.36 21.14
C GLY B 689 -1.31 26.06 21.31
N ILE B 690 -0.45 25.96 20.30
CA ILE B 690 0.87 26.57 20.33
C ILE B 690 0.76 28.07 20.48
N ALA B 691 -0.17 28.69 19.75
CA ALA B 691 -0.36 30.14 19.84
C ALA B 691 -0.83 30.53 21.24
N GLU B 692 -1.74 29.72 21.79
CA GLU B 692 -2.30 29.97 23.12
C GLU B 692 -1.22 29.84 24.20
N LEU B 694 1.92 30.86 23.77
CA LEU B 694 2.74 32.07 23.67
C LEU B 694 1.98 33.38 23.94
N LEU B 695 0.68 33.39 23.61
CA LEU B 695 -0.11 34.59 23.80
C LEU B 695 -1.58 34.30 24.12
N GLN B 696 -2.12 35.08 25.05
CA GLN B 696 -3.51 34.98 25.45
C GLN B 696 -4.09 36.40 25.57
N SER B 697 -5.35 36.56 25.20
CA SER B 697 -5.99 37.86 25.24
C SER B 697 -7.48 37.76 25.53
N HIS B 698 -7.87 36.75 26.30
CA HIS B 698 -9.27 36.54 26.62
C HIS B 698 -9.69 37.10 27.98
N GLN B 699 -8.73 37.44 28.84
CA GLN B 699 -9.06 37.96 30.17
C GLN B 699 -9.03 39.47 30.35
N GLY B 700 -9.08 40.21 29.25
CA GLY B 700 -9.06 41.66 29.36
C GLY B 700 -7.67 42.27 29.32
N TYR B 701 -6.69 41.48 28.91
CA TYR B 701 -5.32 41.97 28.80
C TYR B 701 -4.52 41.00 27.94
N LEU B 702 -3.42 41.48 27.40
CA LEU B 702 -2.56 40.64 26.58
C LEU B 702 -1.54 40.03 27.53
N GLU B 703 -1.56 38.72 27.69
CA GLU B 703 -0.59 38.04 28.56
C GLU B 703 0.43 37.33 27.68
N PHE B 704 1.69 37.66 27.90
CA PHE B 704 2.77 37.08 27.11
C PHE B 704 3.42 35.85 27.73
N LEU B 705 3.64 34.84 26.89
CA LEU B 705 4.25 33.60 27.34
C LEU B 705 3.54 33.03 28.58
N PRO B 706 2.22 32.82 28.49
CA PRO B 706 1.48 32.27 29.63
C PRO B 706 1.86 30.82 29.93
N ALA B 707 2.21 30.07 28.90
CA ALA B 707 2.57 28.67 29.08
C ALA B 707 3.73 28.21 28.19
N LEU B 708 4.92 28.74 28.47
CA LEU B 708 6.12 28.41 27.72
C LEU B 708 6.83 27.21 28.37
N PRO B 709 7.09 26.16 27.59
CA PRO B 709 7.78 24.97 28.14
C PRO B 709 9.19 25.37 28.61
N ASP B 710 9.65 24.77 29.69
CA ASP B 710 10.98 25.10 30.21
C ASP B 710 12.04 24.82 29.14
N SER B 711 11.78 23.85 28.25
CA SER B 711 12.72 23.50 27.20
C SER B 711 12.76 24.45 25.99
N TRP B 712 11.78 25.36 25.90
CA TRP B 712 11.75 26.32 24.79
C TRP B 712 12.43 27.59 25.32
N LYS B 713 13.76 27.52 25.43
CA LYS B 713 14.58 28.60 25.97
C LYS B 713 14.63 29.90 25.18
N ASP B 714 14.88 29.80 23.88
CA ASP B 714 14.98 30.98 23.03
C ASP B 714 14.07 30.88 21.82
N GLY B 715 13.48 31.99 21.42
CA GLY B 715 12.59 31.97 20.27
C GLY B 715 11.84 33.26 20.05
N TYR B 716 10.87 33.22 19.16
CA TYR B 716 10.04 34.39 18.87
C TYR B 716 8.86 33.98 18.01
N VAL B 717 7.84 34.83 18.00
CA VAL B 717 6.65 34.61 17.19
C VAL B 717 6.21 35.99 16.72
N LYS B 718 5.90 36.10 15.43
CA LYS B 718 5.48 37.36 14.88
C LYS B 718 4.18 37.25 14.10
N GLY B 719 3.25 38.17 14.36
CA GLY B 719 2.00 38.16 13.63
C GLY B 719 0.77 37.59 14.34
N LEU B 720 0.90 37.16 15.58
CA LEU B 720 -0.28 36.63 16.28
C LEU B 720 -1.24 37.79 16.53
N ARG B 721 -2.53 37.47 16.63
CA ARG B 721 -3.51 38.51 16.88
C ARG B 721 -4.14 38.36 18.25
N GLY B 722 -4.52 39.50 18.82
CA GLY B 722 -5.13 39.50 20.13
C GLY B 722 -6.45 40.22 20.09
N ARG B 723 -7.37 39.82 20.96
CA ARG B 723 -8.68 40.45 21.02
C ARG B 723 -8.56 41.95 21.25
N GLY B 724 -9.35 42.71 20.50
CA GLY B 724 -9.32 44.15 20.63
C GLY B 724 -8.65 44.82 19.45
N GLY B 725 -8.34 44.04 18.41
CA GLY B 725 -7.70 44.62 17.23
C GLY B 725 -6.18 44.72 17.34
N TYR B 726 -5.56 43.77 18.04
CA TYR B 726 -4.12 43.78 18.23
C TYR B 726 -3.37 42.72 17.42
N GLU B 727 -2.20 43.10 16.90
CA GLU B 727 -1.34 42.16 16.21
C GLU B 727 -0.07 42.24 17.06
N VAL B 728 0.42 41.09 17.50
CA VAL B 728 1.57 41.05 18.39
C VAL B 728 2.78 40.23 17.94
N ASP B 729 3.97 40.75 18.28
CA ASP B 729 5.25 40.08 18.01
C ASP B 729 5.90 40.01 19.38
N LEU B 730 6.61 38.92 19.65
CA LEU B 730 7.30 38.81 20.93
C LEU B 730 8.49 37.87 20.77
N ALA B 731 9.54 38.15 21.54
CA ALA B 731 10.76 37.35 21.49
C ALA B 731 11.23 37.06 22.90
N TRP B 732 11.92 35.94 23.07
CA TRP B 732 12.40 35.56 24.38
C TRP B 732 13.75 34.86 24.29
N THR B 733 14.52 34.96 25.37
CA THR B 733 15.83 34.34 25.44
C THR B 733 16.01 33.84 26.86
N ASN B 734 16.63 32.67 26.99
CA ASN B 734 16.86 32.06 28.29
C ASN B 734 15.55 31.92 29.05
N GLY B 735 14.49 31.55 28.33
CA GLY B 735 13.18 31.36 28.93
C GLY B 735 12.49 32.58 29.51
N ALA B 736 12.91 33.78 29.12
CA ALA B 736 12.28 34.99 29.62
C ALA B 736 11.98 36.00 28.53
N LEU B 737 10.80 36.61 28.58
CA LEU B 737 10.38 37.60 27.61
C LEU B 737 11.43 38.72 27.52
N VAL B 738 11.82 39.08 26.31
CA VAL B 738 12.81 40.14 26.16
C VAL B 738 12.27 41.33 25.36
N LYS B 739 11.41 41.06 24.38
CA LYS B 739 10.88 42.15 23.58
C LYS B 739 9.48 41.88 23.01
N VAL B 740 8.66 42.93 22.97
CA VAL B 740 7.30 42.82 22.45
C VAL B 740 6.99 44.00 21.55
N GLU B 741 6.23 43.76 20.49
CA GLU B 741 5.83 44.83 19.59
C GLU B 741 4.33 44.69 19.41
N ILE B 742 3.61 45.77 19.67
CA ILE B 742 2.15 45.76 19.57
C ILE B 742 1.64 46.87 18.65
N VAL B 743 0.68 46.50 17.81
CA VAL B 743 0.04 47.44 16.89
C VAL B 743 -1.46 47.23 17.03
N SER B 744 -2.18 48.30 17.32
CA SER B 744 -3.63 48.25 17.49
C SER B 744 -4.34 48.95 16.34
N THR B 745 -5.45 48.38 15.89
CA THR B 745 -6.20 49.00 14.80
C THR B 745 -7.19 50.00 15.40
N LYS B 746 -7.08 50.22 16.72
CA LYS B 746 -7.99 51.11 17.41
C LYS B 746 -7.32 51.89 18.53
N THR B 747 -7.65 53.17 18.64
CA THR B 747 -7.10 54.01 19.69
C THR B 747 -7.86 53.62 20.96
N GLN B 748 -7.14 53.15 21.97
CA GLN B 748 -7.78 52.71 23.21
C GLN B 748 -6.73 52.49 24.28
N THR B 749 -7.16 51.97 25.41
CA THR B 749 -6.26 51.66 26.51
C THR B 749 -5.85 50.21 26.36
N CYS B 750 -4.55 49.96 26.27
CA CYS B 750 -4.03 48.61 26.14
C CYS B 750 -3.51 48.12 27.50
N GLU B 751 -3.90 46.92 27.89
CA GLU B 751 -3.44 46.38 29.15
C GLU B 751 -2.67 45.09 28.88
N VAL B 752 -1.50 44.95 29.51
CA VAL B 752 -0.65 43.77 29.30
C VAL B 752 -0.19 43.13 30.62
N LEU B 753 0.14 41.85 30.54
CA LEU B 753 0.63 41.12 31.70
C LEU B 753 1.93 40.44 31.32
N THR B 754 3.02 40.93 31.87
CA THR B 754 4.35 40.39 31.61
C THR B 754 4.93 39.98 32.97
N ARG B 755 5.81 38.99 32.96
CA ARG B 755 6.40 38.53 34.22
C ARG B 755 7.57 39.41 34.65
N ILE B 756 8.02 40.26 33.75
CA ILE B 756 9.15 41.15 34.03
C ILE B 756 8.75 42.58 33.73
N SER B 757 9.44 43.54 34.35
CA SER B 757 9.14 44.95 34.13
C SER B 757 9.58 45.36 32.74
N ARG B 759 9.59 48.58 29.59
CA ARG B 759 9.50 50.01 29.29
C ARG B 759 8.80 50.12 27.95
N ILE B 760 7.94 51.11 27.80
CA ILE B 760 7.20 51.28 26.55
C ILE B 760 7.72 52.45 25.73
N THR B 761 7.89 52.23 24.44
CA THR B 761 8.32 53.30 23.55
C THR B 761 7.51 53.21 22.26
N GLU B 762 7.35 54.37 21.63
CA GLU B 762 6.64 54.50 20.37
C GLU B 762 7.52 55.47 19.61
N SER B 763 7.95 55.10 18.41
CA SER B 763 8.84 55.95 17.62
C SER B 763 10.07 56.32 18.44
N GLY B 764 10.55 55.38 19.27
CA GLY B 764 11.72 55.62 20.08
C GLY B 764 11.53 56.45 21.34
N GLU B 765 10.40 57.11 21.48
CA GLU B 765 10.13 57.91 22.67
C GLU B 765 9.32 57.11 23.69
N GLU B 766 9.56 57.37 24.97
CA GLU B 766 8.87 56.65 26.04
C GLU B 766 7.36 56.91 26.11
N VAL B 767 6.62 55.85 26.40
CA VAL B 767 5.18 55.94 26.54
C VAL B 767 4.85 55.63 28.00
N GLU B 768 4.07 56.50 28.62
CA GLU B 768 3.70 56.31 30.02
C GLU B 768 2.83 55.08 30.19
N GLY B 769 3.16 54.27 31.18
CA GLY B 769 2.39 53.07 31.45
C GLY B 769 2.11 52.96 32.94
N ASP B 770 0.87 52.65 33.30
CA ASP B 770 0.50 52.50 34.71
C ASP B 770 0.57 51.04 35.12
N VAL B 771 1.44 50.75 36.09
CA VAL B 771 1.58 49.40 36.61
C VAL B 771 0.47 49.24 37.64
N LEU B 772 -0.63 48.64 37.21
CA LEU B 772 -1.82 48.45 38.04
C LEU B 772 -1.72 47.35 39.09
N ASP B 773 -2.90 46.93 39.54
CA ASP B 773 -3.09 45.88 40.53
C ASP B 773 -1.89 44.94 40.70
N SER B 774 -1.53 44.29 39.60
CA SER B 774 -0.42 43.35 39.59
C SER B 774 0.67 43.77 38.60
N GLY B 775 1.28 42.79 37.97
CA GLY B 775 2.31 43.07 36.98
C GLY B 775 1.62 43.59 35.73
N ARG B 776 0.31 43.82 35.84
CA ARG B 776 -0.44 44.32 34.72
C ARG B 776 -0.17 45.80 34.56
N SER B 778 -1.16 49.13 31.99
CA SER B 778 -2.01 49.64 30.93
C SER B 778 -1.34 50.91 30.42
N PHE B 779 -1.64 51.24 29.17
CA PHE B 779 -1.09 52.44 28.54
C PHE B 779 -1.95 52.74 27.32
N GLN B 780 -1.92 53.98 26.88
CA GLN B 780 -2.72 54.39 25.74
C GLN B 780 -2.03 54.07 24.41
N VAL B 781 -2.78 53.47 23.50
CA VAL B 781 -2.25 53.17 22.18
C VAL B 781 -3.12 53.91 21.16
N GLU B 782 -2.47 54.36 20.08
CA GLU B 782 -3.19 55.07 19.02
C GLU B 782 -3.20 54.14 17.82
N LYS B 783 -4.34 54.09 17.13
CA LYS B 783 -4.49 53.21 16.00
C LYS B 783 -3.35 53.32 14.99
N GLY B 784 -2.82 52.17 14.59
CA GLY B 784 -1.75 52.14 13.60
C GLY B 784 -0.32 52.25 14.09
N LYS B 785 -0.10 52.91 15.23
CA LYS B 785 1.25 53.06 15.72
C LYS B 785 1.80 51.77 16.33
N ARG B 786 3.13 51.63 16.31
CA ARG B 786 3.76 50.44 16.85
C ARG B 786 4.38 50.73 18.20
N TYR B 787 3.95 49.98 19.21
CA TYR B 787 4.48 50.16 20.55
C TYR B 787 5.41 49.00 20.86
N VAL B 788 6.58 49.33 21.37
CA VAL B 788 7.57 48.31 21.70
C VAL B 788 7.83 48.24 23.19
N LEU B 789 7.94 47.03 23.71
CA LEU B 789 8.21 46.83 25.11
C LEU B 789 9.57 46.16 25.24
N ASN B 790 10.42 46.71 26.10
CA ASN B 790 11.74 46.15 26.36
C ASN B 790 11.90 45.99 27.86
N ARG B 791 12.76 45.06 28.29
CA ARG B 791 12.96 44.85 29.72
C ARG B 791 13.42 46.16 30.35
#